data_2DPU
# 
_entry.id   2DPU 
# 
_audit_conform.dict_name       mmcif_pdbx.dic 
_audit_conform.dict_version    5.392 
_audit_conform.dict_location   http://mmcif.pdb.org/dictionaries/ascii/mmcif_pdbx.dic 
# 
loop_
_database_2.database_id 
_database_2.database_code 
_database_2.pdbx_database_accession 
_database_2.pdbx_DOI 
PDB   2DPU         pdb_00002dpu 10.2210/pdb2dpu/pdb 
NDB   PD0809       ?            ?                   
RCSB  RCSB025700   ?            ?                   
WWPDB D_1000025700 ?            ?                   
# 
loop_
_pdbx_audit_revision_history.ordinal 
_pdbx_audit_revision_history.data_content_type 
_pdbx_audit_revision_history.major_revision 
_pdbx_audit_revision_history.minor_revision 
_pdbx_audit_revision_history.revision_date 
1 'Structure model' 1 0 2007-05-15 
2 'Structure model' 1 1 2008-04-30 
3 'Structure model' 1 2 2011-07-13 
4 'Structure model' 1 3 2017-10-11 
5 'Structure model' 1 4 2021-11-10 
6 'Structure model' 1 5 2024-05-29 
# 
_pdbx_audit_revision_details.ordinal             1 
_pdbx_audit_revision_details.revision_ordinal    1 
_pdbx_audit_revision_details.data_content_type   'Structure model' 
_pdbx_audit_revision_details.provider            repository 
_pdbx_audit_revision_details.type                'Initial release' 
_pdbx_audit_revision_details.description         ? 
_pdbx_audit_revision_details.details             ? 
# 
loop_
_pdbx_audit_revision_group.ordinal 
_pdbx_audit_revision_group.revision_ordinal 
_pdbx_audit_revision_group.data_content_type 
_pdbx_audit_revision_group.group 
1 2 'Structure model' 'Version format compliance' 
2 3 'Structure model' 'Version format compliance' 
3 4 'Structure model' 'Refinement description'    
4 5 'Structure model' 'Database references'       
5 6 'Structure model' 'Data collection'           
# 
loop_
_pdbx_audit_revision_category.ordinal 
_pdbx_audit_revision_category.revision_ordinal 
_pdbx_audit_revision_category.data_content_type 
_pdbx_audit_revision_category.category 
1 4 'Structure model' software           
2 5 'Structure model' database_2         
3 5 'Structure model' struct_ref_seq_dif 
4 6 'Structure model' chem_comp_atom     
5 6 'Structure model' chem_comp_bond     
# 
loop_
_pdbx_audit_revision_item.ordinal 
_pdbx_audit_revision_item.revision_ordinal 
_pdbx_audit_revision_item.data_content_type 
_pdbx_audit_revision_item.item 
1 4 'Structure model' '_software.classification'            
2 4 'Structure model' '_software.name'                      
3 5 'Structure model' '_database_2.pdbx_DOI'                
4 5 'Structure model' '_database_2.pdbx_database_accession' 
5 5 'Structure model' '_struct_ref_seq_dif.details'         
# 
_pdbx_database_status.status_code                     REL 
_pdbx_database_status.entry_id                        2DPU 
_pdbx_database_status.recvd_initial_deposition_date   2006-05-15 
_pdbx_database_status.deposit_site                    PDBJ 
_pdbx_database_status.process_site                    PDBJ 
_pdbx_database_status.status_code_sf                  REL 
_pdbx_database_status.status_code_mr                  ? 
_pdbx_database_status.SG_entry                        ? 
_pdbx_database_status.pdb_format_compatible           Y 
_pdbx_database_status.status_code_cs                  ? 
_pdbx_database_status.methods_development_category    ? 
_pdbx_database_status.status_code_nmr_data            ? 
# 
loop_
_pdbx_database_related.db_name 
_pdbx_database_related.db_id 
_pdbx_database_related.details 
_pdbx_database_related.content_type 
PDB 1BM9 'This is the wild-type apo-structure'                          unspecified 
PDB 1J0R 'This is the apo-structure of the mutant RTP.C110S'            unspecified 
PDB 1F4K 'This is the same structure solved in a different space group' unspecified 
PDB 2DPD 'This is the same structure solved in a different space group' unspecified 
# 
loop_
_audit_author.name 
_audit_author.pdbx_ordinal 
'Vivian, J.P.'  1 
'Wilce, J.'     2 
'Wilce, M.C.J.' 3 
# 
_citation.id                        primary 
_citation.title                     
'Crystal structure of the replication termination protein in complex with a pseudosymmetric 21mer B-site DNA' 
_citation.journal_abbrev            'to be published' 
_citation.journal_volume            ? 
_citation.page_first                ? 
_citation.page_last                 ? 
_citation.year                      ? 
_citation.journal_id_ASTM           ? 
_citation.country                   ? 
_citation.journal_id_ISSN           ? 
_citation.journal_id_CSD            0353 
_citation.book_publisher            ? 
_citation.pdbx_database_id_PubMed   ? 
_citation.pdbx_database_id_DOI      ? 
# 
loop_
_citation_author.citation_id 
_citation_author.name 
_citation_author.ordinal 
_citation_author.identifier_ORCID 
primary 'Vivian, J.P.'  1 ? 
primary 'Wilce, J.'     2 ? 
primary 'Wilce, M.C.J.' 3 ? 
# 
loop_
_entity.id 
_entity.type 
_entity.src_method 
_entity.pdbx_description 
_entity.formula_weight 
_entity.pdbx_number_of_molecules 
_entity.pdbx_ec 
_entity.pdbx_mutation 
_entity.pdbx_fragment 
_entity.details 
1 polymer syn "5'-D(P*AP*TP*GP*TP*TP*CP*AP*TP*AP*G)-3'"   3059.028  1 ? ?     ? ? 
2 polymer syn "5'-D(*CP*TP*AP*TP*GP*AP*AP*CP*AP*TP*T)-3'" 3332.210  1 ? ?     ? ? 
3 polymer man 'Replication termination protein'           14531.099 1 ? C110S ? ? 
4 water   nat water                                       18.015    8 ? ?     ? ? 
# 
_entity_name_com.entity_id   3 
_entity_name_com.name        'Replication terminator protein' 
# 
loop_
_entity_poly.entity_id 
_entity_poly.type 
_entity_poly.nstd_linkage 
_entity_poly.nstd_monomer 
_entity_poly.pdbx_seq_one_letter_code 
_entity_poly.pdbx_seq_one_letter_code_can 
_entity_poly.pdbx_strand_id 
_entity_poly.pdbx_target_identifier 
1 polydeoxyribonucleotide no no '(DA)(DT)(DG)(DT)(DT)(DC)(DA)(DT)(DA)(DG)' ATGTTCATAG D ? 
2 polydeoxyribonucleotide no no '(DC)(DT)(DA)(DT)(DG)(DA)(DA)(DC)(DA)(DT)(DT)' CTATGAACATT E ? 
3 'polypeptide(L)'        no no 
;MKEEKRSSTGFLVKQRAFLKLYMITMTEQERLYGLKLLEVLRSEFKEIGFKPNHTEVYRSLHELLDDGILKQIKVKKEGA
KLQEVVLYQFKDYEAAKLYKKQLKVELDRSKKLIEKALSDNF
;
;MKEEKRSSTGFLVKQRAFLKLYMITMTEQERLYGLKLLEVLRSEFKEIGFKPNHTEVYRSLHELLDDGILKQIKVKKEGA
KLQEVVLYQFKDYEAAKLYKKQLKVELDRSKKLIEKALSDNF
;
A ? 
# 
_pdbx_entity_nonpoly.entity_id   4 
_pdbx_entity_nonpoly.name        water 
_pdbx_entity_nonpoly.comp_id     HOH 
# 
loop_
_entity_poly_seq.entity_id 
_entity_poly_seq.num 
_entity_poly_seq.mon_id 
_entity_poly_seq.hetero 
1 1   DA  n 
1 2   DT  n 
1 3   DG  n 
1 4   DT  n 
1 5   DT  n 
1 6   DC  n 
1 7   DA  n 
1 8   DT  n 
1 9   DA  n 
1 10  DG  n 
2 1   DC  n 
2 2   DT  n 
2 3   DA  n 
2 4   DT  n 
2 5   DG  n 
2 6   DA  n 
2 7   DA  n 
2 8   DC  n 
2 9   DA  n 
2 10  DT  n 
2 11  DT  n 
3 1   MET n 
3 2   LYS n 
3 3   GLU n 
3 4   GLU n 
3 5   LYS n 
3 6   ARG n 
3 7   SER n 
3 8   SER n 
3 9   THR n 
3 10  GLY n 
3 11  PHE n 
3 12  LEU n 
3 13  VAL n 
3 14  LYS n 
3 15  GLN n 
3 16  ARG n 
3 17  ALA n 
3 18  PHE n 
3 19  LEU n 
3 20  LYS n 
3 21  LEU n 
3 22  TYR n 
3 23  MET n 
3 24  ILE n 
3 25  THR n 
3 26  MET n 
3 27  THR n 
3 28  GLU n 
3 29  GLN n 
3 30  GLU n 
3 31  ARG n 
3 32  LEU n 
3 33  TYR n 
3 34  GLY n 
3 35  LEU n 
3 36  LYS n 
3 37  LEU n 
3 38  LEU n 
3 39  GLU n 
3 40  VAL n 
3 41  LEU n 
3 42  ARG n 
3 43  SER n 
3 44  GLU n 
3 45  PHE n 
3 46  LYS n 
3 47  GLU n 
3 48  ILE n 
3 49  GLY n 
3 50  PHE n 
3 51  LYS n 
3 52  PRO n 
3 53  ASN n 
3 54  HIS n 
3 55  THR n 
3 56  GLU n 
3 57  VAL n 
3 58  TYR n 
3 59  ARG n 
3 60  SER n 
3 61  LEU n 
3 62  HIS n 
3 63  GLU n 
3 64  LEU n 
3 65  LEU n 
3 66  ASP n 
3 67  ASP n 
3 68  GLY n 
3 69  ILE n 
3 70  LEU n 
3 71  LYS n 
3 72  GLN n 
3 73  ILE n 
3 74  LYS n 
3 75  VAL n 
3 76  LYS n 
3 77  LYS n 
3 78  GLU n 
3 79  GLY n 
3 80  ALA n 
3 81  LYS n 
3 82  LEU n 
3 83  GLN n 
3 84  GLU n 
3 85  VAL n 
3 86  VAL n 
3 87  LEU n 
3 88  TYR n 
3 89  GLN n 
3 90  PHE n 
3 91  LYS n 
3 92  ASP n 
3 93  TYR n 
3 94  GLU n 
3 95  ALA n 
3 96  ALA n 
3 97  LYS n 
3 98  LEU n 
3 99  TYR n 
3 100 LYS n 
3 101 LYS n 
3 102 GLN n 
3 103 LEU n 
3 104 LYS n 
3 105 VAL n 
3 106 GLU n 
3 107 LEU n 
3 108 ASP n 
3 109 ARG n 
3 110 SER n 
3 111 LYS n 
3 112 LYS n 
3 113 LEU n 
3 114 ILE n 
3 115 GLU n 
3 116 LYS n 
3 117 ALA n 
3 118 LEU n 
3 119 SER n 
3 120 ASP n 
3 121 ASN n 
3 122 PHE n 
# 
_entity_src_gen.entity_id                          3 
_entity_src_gen.pdbx_src_id                        1 
_entity_src_gen.pdbx_alt_source_flag               sample 
_entity_src_gen.pdbx_seq_type                      ? 
_entity_src_gen.pdbx_beg_seq_num                   ? 
_entity_src_gen.pdbx_end_seq_num                   ? 
_entity_src_gen.gene_src_common_name               ? 
_entity_src_gen.gene_src_genus                     Bacillus 
_entity_src_gen.pdbx_gene_src_gene                 rtp 
_entity_src_gen.gene_src_species                   ? 
_entity_src_gen.gene_src_strain                    ? 
_entity_src_gen.gene_src_tissue                    ? 
_entity_src_gen.gene_src_tissue_fraction           ? 
_entity_src_gen.gene_src_details                   ? 
_entity_src_gen.pdbx_gene_src_fragment             ? 
_entity_src_gen.pdbx_gene_src_scientific_name      'Bacillus subtilis' 
_entity_src_gen.pdbx_gene_src_ncbi_taxonomy_id     1423 
_entity_src_gen.pdbx_gene_src_variant              ? 
_entity_src_gen.pdbx_gene_src_cell_line            ? 
_entity_src_gen.pdbx_gene_src_atcc                 ? 
_entity_src_gen.pdbx_gene_src_organ                ? 
_entity_src_gen.pdbx_gene_src_organelle            ? 
_entity_src_gen.pdbx_gene_src_cell                 ? 
_entity_src_gen.pdbx_gene_src_cellular_location    ? 
_entity_src_gen.host_org_common_name               ? 
_entity_src_gen.pdbx_host_org_scientific_name      'Escherichia coli' 
_entity_src_gen.pdbx_host_org_ncbi_taxonomy_id     562 
_entity_src_gen.host_org_genus                     Escherichia 
_entity_src_gen.pdbx_host_org_gene                 ? 
_entity_src_gen.pdbx_host_org_organ                ? 
_entity_src_gen.host_org_species                   ? 
_entity_src_gen.pdbx_host_org_tissue               ? 
_entity_src_gen.pdbx_host_org_tissue_fraction      ? 
_entity_src_gen.pdbx_host_org_strain               BL21.pLysS 
_entity_src_gen.pdbx_host_org_variant              ? 
_entity_src_gen.pdbx_host_org_cell_line            ? 
_entity_src_gen.pdbx_host_org_atcc                 ? 
_entity_src_gen.pdbx_host_org_culture_collection   ? 
_entity_src_gen.pdbx_host_org_cell                 ? 
_entity_src_gen.pdbx_host_org_organelle            ? 
_entity_src_gen.pdbx_host_org_cellular_location    ? 
_entity_src_gen.pdbx_host_org_vector_type          plasmid 
_entity_src_gen.pdbx_host_org_vector               ? 
_entity_src_gen.host_org_details                   ? 
_entity_src_gen.expression_system_id               ? 
_entity_src_gen.plasmid_name                       pET-3 
_entity_src_gen.plasmid_details                    ? 
_entity_src_gen.pdbx_description                   ? 
# 
loop_
_chem_comp.id 
_chem_comp.type 
_chem_comp.mon_nstd_flag 
_chem_comp.name 
_chem_comp.pdbx_synonyms 
_chem_comp.formula 
_chem_comp.formula_weight 
ALA 'L-peptide linking' y ALANINE                              ? 'C3 H7 N O2'      89.093  
ARG 'L-peptide linking' y ARGININE                             ? 'C6 H15 N4 O2 1'  175.209 
ASN 'L-peptide linking' y ASPARAGINE                           ? 'C4 H8 N2 O3'     132.118 
ASP 'L-peptide linking' y 'ASPARTIC ACID'                      ? 'C4 H7 N O4'      133.103 
CYS 'L-peptide linking' y CYSTEINE                             ? 'C3 H7 N O2 S'    121.158 
DA  'DNA linking'       y "2'-DEOXYADENOSINE-5'-MONOPHOSPHATE" ? 'C10 H14 N5 O6 P' 331.222 
DC  'DNA linking'       y "2'-DEOXYCYTIDINE-5'-MONOPHOSPHATE"  ? 'C9 H14 N3 O7 P'  307.197 
DG  'DNA linking'       y "2'-DEOXYGUANOSINE-5'-MONOPHOSPHATE" ? 'C10 H14 N5 O7 P' 347.221 
DT  'DNA linking'       y "THYMIDINE-5'-MONOPHOSPHATE"         ? 'C10 H15 N2 O8 P' 322.208 
GLN 'L-peptide linking' y GLUTAMINE                            ? 'C5 H10 N2 O3'    146.144 
GLU 'L-peptide linking' y 'GLUTAMIC ACID'                      ? 'C5 H9 N O4'      147.129 
GLY 'peptide linking'   y GLYCINE                              ? 'C2 H5 N O2'      75.067  
HIS 'L-peptide linking' y HISTIDINE                            ? 'C6 H10 N3 O2 1'  156.162 
HOH non-polymer         . WATER                                ? 'H2 O'            18.015  
ILE 'L-peptide linking' y ISOLEUCINE                           ? 'C6 H13 N O2'     131.173 
LEU 'L-peptide linking' y LEUCINE                              ? 'C6 H13 N O2'     131.173 
LYS 'L-peptide linking' y LYSINE                               ? 'C6 H15 N2 O2 1'  147.195 
MET 'L-peptide linking' y METHIONINE                           ? 'C5 H11 N O2 S'   149.211 
PHE 'L-peptide linking' y PHENYLALANINE                        ? 'C9 H11 N O2'     165.189 
PRO 'L-peptide linking' y PROLINE                              ? 'C5 H9 N O2'      115.130 
SER 'L-peptide linking' y SERINE                               ? 'C3 H7 N O3'      105.093 
THR 'L-peptide linking' y THREONINE                            ? 'C4 H9 N O3'      119.119 
TYR 'L-peptide linking' y TYROSINE                             ? 'C9 H11 N O3'     181.189 
VAL 'L-peptide linking' y VALINE                               ? 'C5 H11 N O2'     117.146 
# 
loop_
_pdbx_poly_seq_scheme.asym_id 
_pdbx_poly_seq_scheme.entity_id 
_pdbx_poly_seq_scheme.seq_id 
_pdbx_poly_seq_scheme.mon_id 
_pdbx_poly_seq_scheme.ndb_seq_num 
_pdbx_poly_seq_scheme.pdb_seq_num 
_pdbx_poly_seq_scheme.auth_seq_num 
_pdbx_poly_seq_scheme.pdb_mon_id 
_pdbx_poly_seq_scheme.auth_mon_id 
_pdbx_poly_seq_scheme.pdb_strand_id 
_pdbx_poly_seq_scheme.pdb_ins_code 
_pdbx_poly_seq_scheme.hetero 
A 1 1   DA  1   12  12  DA  A   D . n 
A 1 2   DT  2   13  13  DT  T   D . n 
A 1 3   DG  3   14  14  DG  G   D . n 
A 1 4   DT  4   15  15  DT  T   D . n 
A 1 5   DT  5   16  16  DT  T   D . n 
A 1 6   DC  6   17  17  DC  C   D . n 
A 1 7   DA  7   18  18  DA  A   D . n 
A 1 8   DT  8   19  19  DT  T   D . n 
A 1 9   DA  9   20  20  DA  A   D . n 
A 1 10  DG  10  21  21  DG  G   D . n 
B 2 1   DC  1   1   1   DC  C   E . n 
B 2 2   DT  2   2   2   DT  T   E . n 
B 2 3   DA  3   3   3   DA  A   E . n 
B 2 4   DT  4   4   4   DT  T   E . n 
B 2 5   DG  5   5   5   DG  G   E . n 
B 2 6   DA  6   6   6   DA  A   E . n 
B 2 7   DA  7   7   7   DA  A   E . n 
B 2 8   DC  8   8   8   DC  C   E . n 
B 2 9   DA  9   9   9   DA  A   E . n 
B 2 10  DT  10  10  10  DT  T   E . n 
B 2 11  DT  11  11  11  DT  T   E . n 
C 3 1   MET 1   1   ?   ?   ?   A . n 
C 3 2   LYS 2   2   ?   ?   ?   A . n 
C 3 3   GLU 3   3   ?   ?   ?   A . n 
C 3 4   GLU 4   4   ?   ?   ?   A . n 
C 3 5   LYS 5   5   ?   ?   ?   A . n 
C 3 6   ARG 6   6   ?   ?   ?   A . n 
C 3 7   SER 7   7   ?   ?   ?   A . n 
C 3 8   SER 8   8   8   SER SER A . n 
C 3 9   THR 9   9   9   THR THR A . n 
C 3 10  GLY 10  10  10  GLY GLY A . n 
C 3 11  PHE 11  11  11  PHE PHE A . n 
C 3 12  LEU 12  12  12  LEU LEU A . n 
C 3 13  VAL 13  13  13  VAL VAL A . n 
C 3 14  LYS 14  14  14  LYS LYS A . n 
C 3 15  GLN 15  15  15  GLN GLN A . n 
C 3 16  ARG 16  16  16  ARG ARG A . n 
C 3 17  ALA 17  17  17  ALA ALA A . n 
C 3 18  PHE 18  18  18  PHE PHE A . n 
C 3 19  LEU 19  19  19  LEU LEU A . n 
C 3 20  LYS 20  20  20  LYS LYS A . n 
C 3 21  LEU 21  21  21  LEU LEU A . n 
C 3 22  TYR 22  22  22  TYR TYR A . n 
C 3 23  MET 23  23  23  MET MET A . n 
C 3 24  ILE 24  24  24  ILE ILE A . n 
C 3 25  THR 25  25  25  THR THR A . n 
C 3 26  MET 26  26  26  MET MET A . n 
C 3 27  THR 27  27  27  THR THR A . n 
C 3 28  GLU 28  28  28  GLU GLU A . n 
C 3 29  GLN 29  29  29  GLN GLN A . n 
C 3 30  GLU 30  30  30  GLU GLU A . n 
C 3 31  ARG 31  31  31  ARG ARG A . n 
C 3 32  LEU 32  32  32  LEU LEU A . n 
C 3 33  TYR 33  33  33  TYR TYR A . n 
C 3 34  GLY 34  34  34  GLY GLY A . n 
C 3 35  LEU 35  35  35  LEU LEU A . n 
C 3 36  LYS 36  36  36  LYS LYS A . n 
C 3 37  LEU 37  37  37  LEU LEU A . n 
C 3 38  LEU 38  38  38  LEU LEU A . n 
C 3 39  GLU 39  39  39  GLU GLU A . n 
C 3 40  VAL 40  40  40  VAL VAL A . n 
C 3 41  LEU 41  41  41  LEU LEU A . n 
C 3 42  ARG 42  42  42  ARG ARG A . n 
C 3 43  SER 43  43  43  SER SER A . n 
C 3 44  GLU 44  44  44  GLU GLU A . n 
C 3 45  PHE 45  45  45  PHE PHE A . n 
C 3 46  LYS 46  46  46  LYS LYS A . n 
C 3 47  GLU 47  47  47  GLU GLU A . n 
C 3 48  ILE 48  48  48  ILE ILE A . n 
C 3 49  GLY 49  49  49  GLY GLY A . n 
C 3 50  PHE 50  50  50  PHE PHE A . n 
C 3 51  LYS 51  51  51  LYS LYS A . n 
C 3 52  PRO 52  52  52  PRO PRO A . n 
C 3 53  ASN 53  53  53  ASN ASN A . n 
C 3 54  HIS 54  54  54  HIS HIS A . n 
C 3 55  THR 55  55  55  THR THR A . n 
C 3 56  GLU 56  56  56  GLU GLU A . n 
C 3 57  VAL 57  57  57  VAL VAL A . n 
C 3 58  TYR 58  58  58  TYR TYR A . n 
C 3 59  ARG 59  59  59  ARG ARG A . n 
C 3 60  SER 60  60  60  SER SER A . n 
C 3 61  LEU 61  61  61  LEU LEU A . n 
C 3 62  HIS 62  62  62  HIS HIS A . n 
C 3 63  GLU 63  63  63  GLU GLU A . n 
C 3 64  LEU 64  64  64  LEU LEU A . n 
C 3 65  LEU 65  65  65  LEU LEU A . n 
C 3 66  ASP 66  66  66  ASP ASP A . n 
C 3 67  ASP 67  67  67  ASP ASP A . n 
C 3 68  GLY 68  68  68  GLY GLY A . n 
C 3 69  ILE 69  69  69  ILE ILE A . n 
C 3 70  LEU 70  70  70  LEU LEU A . n 
C 3 71  LYS 71  71  71  LYS LYS A . n 
C 3 72  GLN 72  72  72  GLN GLN A . n 
C 3 73  ILE 73  73  73  ILE ILE A . n 
C 3 74  LYS 74  74  74  LYS LYS A . n 
C 3 75  VAL 75  75  75  VAL VAL A . n 
C 3 76  LYS 76  76  76  LYS LYS A . n 
C 3 77  LYS 77  77  77  LYS LYS A . n 
C 3 78  GLU 78  78  78  GLU GLU A . n 
C 3 79  GLY 79  79  79  GLY GLY A . n 
C 3 80  ALA 80  80  80  ALA ALA A . n 
C 3 81  LYS 81  81  81  LYS LYS A . n 
C 3 82  LEU 82  82  82  LEU LEU A . n 
C 3 83  GLN 83  83  83  GLN GLN A . n 
C 3 84  GLU 84  84  84  GLU GLU A . n 
C 3 85  VAL 85  85  85  VAL VAL A . n 
C 3 86  VAL 86  86  86  VAL VAL A . n 
C 3 87  LEU 87  87  87  LEU LEU A . n 
C 3 88  TYR 88  88  88  TYR TYR A . n 
C 3 89  GLN 89  89  89  GLN GLN A . n 
C 3 90  PHE 90  90  90  PHE PHE A . n 
C 3 91  LYS 91  91  91  LYS LYS A . n 
C 3 92  ASP 92  92  92  ASP ASP A . n 
C 3 93  TYR 93  93  93  TYR TYR A . n 
C 3 94  GLU 94  94  94  GLU GLU A . n 
C 3 95  ALA 95  95  95  ALA ALA A . n 
C 3 96  ALA 96  96  96  ALA ALA A . n 
C 3 97  LYS 97  97  97  LYS LYS A . n 
C 3 98  LEU 98  98  98  LEU LEU A . n 
C 3 99  TYR 99  99  99  TYR TYR A . n 
C 3 100 LYS 100 100 100 LYS LYS A . n 
C 3 101 LYS 101 101 101 LYS LYS A . n 
C 3 102 GLN 102 102 102 GLN GLN A . n 
C 3 103 LEU 103 103 103 LEU LEU A . n 
C 3 104 LYS 104 104 104 LYS LYS A . n 
C 3 105 VAL 105 105 105 VAL VAL A . n 
C 3 106 GLU 106 106 106 GLU GLU A . n 
C 3 107 LEU 107 107 107 LEU LEU A . n 
C 3 108 ASP 108 108 108 ASP ASP A . n 
C 3 109 ARG 109 109 109 ARG ARG A . n 
C 3 110 SER 110 110 110 SER SER A . n 
C 3 111 LYS 111 111 111 LYS LYS A . n 
C 3 112 LYS 112 112 112 LYS LYS A . n 
C 3 113 LEU 113 113 113 LEU LEU A . n 
C 3 114 ILE 114 114 114 ILE ILE A . n 
C 3 115 GLU 115 115 115 GLU GLU A . n 
C 3 116 LYS 116 116 116 LYS LYS A . n 
C 3 117 ALA 117 117 117 ALA ALA A . n 
C 3 118 LEU 118 118 118 LEU LEU A . n 
C 3 119 SER 119 119 119 SER SER A . n 
C 3 120 ASP 120 120 120 ASP ASP A . n 
C 3 121 ASN 121 121 121 ASN ASN A . n 
C 3 122 PHE 122 122 122 PHE PHE A . n 
# 
loop_
_pdbx_nonpoly_scheme.asym_id 
_pdbx_nonpoly_scheme.entity_id 
_pdbx_nonpoly_scheme.mon_id 
_pdbx_nonpoly_scheme.ndb_seq_num 
_pdbx_nonpoly_scheme.pdb_seq_num 
_pdbx_nonpoly_scheme.auth_seq_num 
_pdbx_nonpoly_scheme.pdb_mon_id 
_pdbx_nonpoly_scheme.auth_mon_id 
_pdbx_nonpoly_scheme.pdb_strand_id 
_pdbx_nonpoly_scheme.pdb_ins_code 
D 4 HOH 1 1   1 HOH HOH D . 
E 4 HOH 1 12  2 HOH HOH E . 
E 4 HOH 2 13  3 HOH HOH E . 
E 4 HOH 3 14  6 HOH HOH E . 
F 4 HOH 1 123 4 HOH HOH A . 
F 4 HOH 2 124 5 HOH HOH A . 
F 4 HOH 3 125 7 HOH HOH A . 
F 4 HOH 4 126 8 HOH HOH A . 
# 
loop_
_software.name 
_software.classification 
_software.version 
_software.citation_id 
_software.pdbx_ordinal 
REFMAC    refinement        5.2.0005 ? 1 
MAR345    'data collection' 345      ? 2 
DENZO     'data reduction'  .        ? 3 
SCALEPACK 'data scaling'    .        ? 4 
MOLREP    phasing           .        ? 5 
# 
_cell.entry_id           2DPU 
_cell.length_a           73.049 
_cell.length_b           73.049 
_cell.length_c           68.411 
_cell.angle_alpha        90.00 
_cell.angle_beta         90.00 
_cell.angle_gamma        120.00 
_cell.Z_PDB              6 
_cell.pdbx_unique_axis   ? 
_cell.length_a_esd       ? 
_cell.length_b_esd       ? 
_cell.length_c_esd       ? 
_cell.angle_alpha_esd    ? 
_cell.angle_beta_esd     ? 
_cell.angle_gamma_esd    ? 
# 
_symmetry.entry_id                         2DPU 
_symmetry.space_group_name_H-M             'P 62' 
_symmetry.pdbx_full_space_group_name_H-M   ? 
_symmetry.cell_setting                     ? 
_symmetry.Int_Tables_number                171 
_symmetry.space_group_name_Hall            ? 
# 
_exptl.entry_id          2DPU 
_exptl.method            'X-RAY DIFFRACTION' 
_exptl.crystals_number   1 
# 
_exptl_crystal.id                    1 
_exptl_crystal.density_meas          ? 
_exptl_crystal.density_Matthews      2.49 
_exptl_crystal.density_percent_sol   50.67 
_exptl_crystal.description           ? 
_exptl_crystal.F_000                 ? 
_exptl_crystal.preparation           ? 
# 
_exptl_crystal_grow.crystal_id      1 
_exptl_crystal_grow.method          'VAPOR DIFFUSION, HANGING DROP' 
_exptl_crystal_grow.temp            298 
_exptl_crystal_grow.temp_details    ? 
_exptl_crystal_grow.pH              4.6 
_exptl_crystal_grow.pdbx_details    
'1.75M ammonium sulfate, 0.1M sodium acetate pH 4.6, VAPOR DIFFUSION, HANGING DROP, temperature 298K' 
_exptl_crystal_grow.pdbx_pH_range   . 
# 
loop_
_exptl_crystal_grow_comp.crystal_id 
_exptl_crystal_grow_comp.id 
_exptl_crystal_grow_comp.sol_id 
_exptl_crystal_grow_comp.name 
_exptl_crystal_grow_comp.volume 
_exptl_crystal_grow_comp.conc 
_exptl_crystal_grow_comp.details 
1 1 1 'ammonium sulfate' ? ? ? 
1 2 1 'sodium acetate'   ? ? ? 
1 3 1 HOH                ? ? ? 
1 4 2 'ammonium sulfate' ? ? ? 
1 5 2 'sodium acetate'   ? ? ? 
1 6 2 HOH                ? ? ? 
# 
_diffrn.id                     1 
_diffrn.ambient_temp           100 
_diffrn.ambient_temp_details   ? 
_diffrn.crystal_id             1 
# 
_diffrn_detector.diffrn_id              1 
_diffrn_detector.detector               'IMAGE PLATE' 
_diffrn_detector.type                   'MAR scanner 345 mm plate' 
_diffrn_detector.pdbx_collection_date   2000-06-05 
_diffrn_detector.details                mirrors 
# 
_diffrn_radiation.diffrn_id                        1 
_diffrn_radiation.wavelength_id                    1 
_diffrn_radiation.pdbx_monochromatic_or_laue_m_l   M 
_diffrn_radiation.monochromator                    mirrors 
_diffrn_radiation.pdbx_diffrn_protocol             'SINGLE WAVELENGTH' 
_diffrn_radiation.pdbx_scattering_type             x-ray 
# 
_diffrn_radiation_wavelength.id           1 
_diffrn_radiation_wavelength.wavelength   1.5418 
_diffrn_radiation_wavelength.wt           1.0 
# 
_diffrn_source.diffrn_id                   1 
_diffrn_source.source                      'ROTATING ANODE' 
_diffrn_source.type                        'RIGAKU RU200' 
_diffrn_source.pdbx_synchrotron_site       ? 
_diffrn_source.pdbx_synchrotron_beamline   ? 
_diffrn_source.pdbx_wavelength             ? 
_diffrn_source.pdbx_wavelength_list        1.5418 
# 
_reflns.entry_id                     2DPU 
_reflns.observed_criterion_sigma_I   0 
_reflns.observed_criterion_sigma_F   0 
_reflns.d_resolution_low             40 
_reflns.d_resolution_high            3.1 
_reflns.number_obs                   3807 
_reflns.number_all                   3829 
_reflns.percent_possible_obs         99.5 
_reflns.pdbx_Rmerge_I_obs            ? 
_reflns.pdbx_Rsym_value              ? 
_reflns.pdbx_netI_over_sigmaI        ? 
_reflns.B_iso_Wilson_estimate        63 
_reflns.pdbx_redundancy              ? 
_reflns.R_free_details               ? 
_reflns.pdbx_chi_squared             ? 
_reflns.pdbx_scaling_rejects         ? 
_reflns.pdbx_diffrn_id               1 
_reflns.pdbx_ordinal                 1 
# 
_reflns_shell.d_res_high             3.10 
_reflns_shell.d_res_low              3.18 
_reflns_shell.percent_possible_all   98.9 
_reflns_shell.Rmerge_I_obs           ? 
_reflns_shell.pdbx_Rsym_value        ? 
_reflns_shell.meanI_over_sigI_obs    ? 
_reflns_shell.pdbx_redundancy        ? 
_reflns_shell.percent_possible_obs   ? 
_reflns_shell.number_unique_all      ? 
_reflns_shell.number_measured_all    ? 
_reflns_shell.number_measured_obs    ? 
_reflns_shell.number_unique_obs      ? 
_reflns_shell.pdbx_chi_squared       ? 
_reflns_shell.pdbx_diffrn_id         ? 
_reflns_shell.pdbx_ordinal           1 
# 
_refine.entry_id                                 2DPU 
_refine.ls_number_reflns_obs                     3636 
_refine.ls_number_reflns_all                     3807 
_refine.pdbx_ls_sigma_I                          ? 
_refine.pdbx_ls_sigma_F                          1.0 
_refine.pdbx_data_cutoff_high_absF               ? 
_refine.pdbx_data_cutoff_low_absF                ? 
_refine.pdbx_data_cutoff_high_rms_absF           ? 
_refine.ls_d_res_low                             40 
_refine.ls_d_res_high                            3.10 
_refine.ls_percent_reflns_obs                    99.50 
_refine.ls_R_factor_obs                          0.2061 
_refine.ls_R_factor_all                          ? 
_refine.ls_R_factor_R_work                       0.20199 
_refine.ls_R_factor_R_free                       0.30609 
_refine.ls_R_factor_R_free_error                 ? 
_refine.ls_R_factor_R_free_error_details         ? 
_refine.ls_percent_reflns_R_free                 4.5 
_refine.ls_number_reflns_R_free                  170 
_refine.ls_number_parameters                     ? 
_refine.ls_number_restraints                     ? 
_refine.occupancy_min                            ? 
_refine.occupancy_max                            ? 
_refine.correlation_coeff_Fo_to_Fc               .961 
_refine.correlation_coeff_Fo_to_Fc_free          .885 
_refine.B_iso_mean                               50.068 
_refine.aniso_B[1][1]                            -3.47 
_refine.aniso_B[2][2]                            -3.47 
_refine.aniso_B[3][3]                            5.20 
_refine.aniso_B[1][2]                            -1.73 
_refine.aniso_B[1][3]                            .00 
_refine.aniso_B[2][3]                            .00 
_refine.solvent_model_details                    MASK 
_refine.solvent_model_param_ksol                 ? 
_refine.solvent_model_param_bsol                 ? 
_refine.pdbx_solvent_vdw_probe_radii             1.40 
_refine.pdbx_solvent_ion_probe_radii             .80 
_refine.pdbx_solvent_shrinkage_radii             .80 
_refine.pdbx_ls_cross_valid_method               THROUGHOUT 
_refine.details                                  ? 
_refine.pdbx_starting_model                      ? 
_refine.pdbx_method_to_determine_struct          'MOLECULAR REPLACEMENT' 
_refine.pdbx_isotropic_thermal_model             ? 
_refine.pdbx_stereochemistry_target_values       'MAXIMUM LIKELIHOOD' 
_refine.pdbx_stereochem_target_val_spec_case     ? 
_refine.pdbx_R_Free_selection_details            RANDOM 
_refine.pdbx_overall_ESU_R                       ? 
_refine.pdbx_overall_ESU_R_Free                  .597 
_refine.overall_SU_ML                            .505 
_refine.overall_SU_B                             72.990 
_refine.ls_redundancy_reflns_obs                 ? 
_refine.overall_SU_R_Cruickshank_DPI             ? 
_refine.overall_SU_R_free                        ? 
_refine.ls_wR_factor_R_free                      ? 
_refine.ls_wR_factor_R_work                      ? 
_refine.overall_FOM_free_R_set                   ? 
_refine.overall_FOM_work_R_set                   ? 
_refine.pdbx_refine_id                           'X-RAY DIFFRACTION' 
_refine.pdbx_diffrn_id                           1 
_refine.pdbx_TLS_residual_ADP_flag               ? 
_refine.pdbx_overall_phase_error                 ? 
_refine.pdbx_overall_SU_R_free_Cruickshank_DPI   ? 
_refine.pdbx_overall_SU_R_Blow_DPI               ? 
_refine.pdbx_overall_SU_R_free_Blow_DPI          ? 
# 
_refine_hist.pdbx_refine_id                   'X-RAY DIFFRACTION' 
_refine_hist.cycle_id                         LAST 
_refine_hist.pdbx_number_atoms_protein        961 
_refine_hist.pdbx_number_atoms_nucleic_acid   427 
_refine_hist.pdbx_number_atoms_ligand         0 
_refine_hist.number_atoms_solvent             8 
_refine_hist.number_atoms_total               1396 
_refine_hist.d_res_high                       3.10 
_refine_hist.d_res_low                        40 
# 
loop_
_refine_ls_restr.type 
_refine_ls_restr.dev_ideal 
_refine_ls_restr.dev_ideal_target 
_refine_ls_restr.weight 
_refine_ls_restr.number 
_refine_ls_restr.pdbx_refine_id 
_refine_ls_restr.pdbx_restraint_function 
r_bond_refined_d         .008   .022   ? 1446 'X-RAY DIFFRACTION' ? 
r_angle_refined_deg      1.369  2.364  ? 2025 'X-RAY DIFFRACTION' ? 
r_dihedral_angle_1_deg   4.115  5.000  ? 114  'X-RAY DIFFRACTION' ? 
r_dihedral_angle_2_deg   42.371 24.545 ? 44   'X-RAY DIFFRACTION' ? 
r_dihedral_angle_3_deg   20.320 15.000 ? 209  'X-RAY DIFFRACTION' ? 
r_dihedral_angle_4_deg   14.308 15.000 ? 5    'X-RAY DIFFRACTION' ? 
r_chiral_restr           .059   .200   ? 228  'X-RAY DIFFRACTION' ? 
r_gen_planes_refined     .003   .020   ? 899  'X-RAY DIFFRACTION' ? 
r_nbd_refined            .219   .200   ? 658  'X-RAY DIFFRACTION' ? 
r_nbtor_refined          .304   .200   ? 925  'X-RAY DIFFRACTION' ? 
r_xyhbond_nbd_refined    .142   .200   ? 56   'X-RAY DIFFRACTION' ? 
r_symmetry_vdw_refined   .237   .200   ? 69   'X-RAY DIFFRACTION' ? 
r_symmetry_hbond_refined .130   .200   ? 8    'X-RAY DIFFRACTION' ? 
r_mcbond_it              .304   1.500  ? 586  'X-RAY DIFFRACTION' ? 
r_mcangle_it             .572   2.000  ? 916  'X-RAY DIFFRACTION' ? 
r_scbond_it              .720   3.000  ? 1085 'X-RAY DIFFRACTION' ? 
r_scangle_it             1.314  4.500  ? 1109 'X-RAY DIFFRACTION' ? 
# 
_refine_ls_shell.pdbx_total_number_of_bins_used   20 
_refine_ls_shell.d_res_high                       3.101 
_refine_ls_shell.d_res_low                        3.182 
_refine_ls_shell.number_reflns_R_work             258 
_refine_ls_shell.R_factor_R_work                  0.289 
_refine_ls_shell.percent_reflns_obs               98.90 
_refine_ls_shell.R_factor_R_free                  0.472 
_refine_ls_shell.R_factor_R_free_error            ? 
_refine_ls_shell.percent_reflns_R_free            ? 
_refine_ls_shell.number_reflns_R_free             11 
_refine_ls_shell.number_reflns_all                ? 
_refine_ls_shell.R_factor_all                     ? 
_refine_ls_shell.number_reflns_obs                ? 
_refine_ls_shell.redundancy_reflns_obs            ? 
_refine_ls_shell.pdbx_refine_id                   'X-RAY DIFFRACTION' 
# 
_struct.entry_id                  2DPU 
_struct.title                     
'Crystal structure of the replication termination protein in complex with a pseudosymmetric 21mer B-site DNA' 
_struct.pdbx_model_details        ? 
_struct.pdbx_CASP_flag            ? 
_struct.pdbx_model_type_details   ? 
# 
_struct_keywords.entry_id        2DPU 
_struct_keywords.pdbx_keywords   'DNA BINDING PROTEIN/DNA' 
_struct_keywords.text            'protein-DNA complex, winged-helix, DNA replication, DNA BINDING PROTEIN-DNA COMPLEX' 
# 
loop_
_struct_asym.id 
_struct_asym.pdbx_blank_PDB_chainid_flag 
_struct_asym.pdbx_modified 
_struct_asym.entity_id 
_struct_asym.details 
A N N 1 ? 
B N N 2 ? 
C N N 3 ? 
D N N 4 ? 
E N N 4 ? 
F N N 4 ? 
# 
loop_
_struct_ref.id 
_struct_ref.db_name 
_struct_ref.db_code 
_struct_ref.pdbx_db_accession 
_struct_ref.entity_id 
_struct_ref.pdbx_seq_one_letter_code 
_struct_ref.pdbx_align_begin 
_struct_ref.pdbx_db_isoform 
1 UNP RTP_BACSU P68732 3 
;MKEEKRSSTGFLVKQRAFLKLYMITMTEQERLYGLKLLEVLRSEFKEIGFKPNHTEVYRSLHELLDDGILKQIKVKKEGA
KLQEVVLYQFKDYEAAKLYKKQLKVELDRCKKLIEKALSDNF
;
8 ? 
2 PDB 2DPU      2DPU   1 ? ? ? 
3 PDB 2DPU      2DPU   2 ? ? ? 
# 
loop_
_struct_ref_seq.align_id 
_struct_ref_seq.ref_id 
_struct_ref_seq.pdbx_PDB_id_code 
_struct_ref_seq.pdbx_strand_id 
_struct_ref_seq.seq_align_beg 
_struct_ref_seq.pdbx_seq_align_beg_ins_code 
_struct_ref_seq.seq_align_end 
_struct_ref_seq.pdbx_seq_align_end_ins_code 
_struct_ref_seq.pdbx_db_accession 
_struct_ref_seq.db_align_beg 
_struct_ref_seq.pdbx_db_align_beg_ins_code 
_struct_ref_seq.db_align_end 
_struct_ref_seq.pdbx_db_align_end_ins_code 
_struct_ref_seq.pdbx_auth_seq_align_beg 
_struct_ref_seq.pdbx_auth_seq_align_end 
1 1 2DPU A 1 ? 122 ? P68732 8  ? 129 ? 1  122 
2 2 2DPU D 1 ? 10  ? 2DPU   12 ? 21  ? 12 21  
3 3 2DPU E 1 ? 11  ? 2DPU   1  ? 11  ? 1  11  
# 
_struct_ref_seq_dif.align_id                     1 
_struct_ref_seq_dif.pdbx_pdb_id_code             2DPU 
_struct_ref_seq_dif.mon_id                       SER 
_struct_ref_seq_dif.pdbx_pdb_strand_id           A 
_struct_ref_seq_dif.seq_num                      110 
_struct_ref_seq_dif.pdbx_pdb_ins_code            ? 
_struct_ref_seq_dif.pdbx_seq_db_name             UNP 
_struct_ref_seq_dif.pdbx_seq_db_accession_code   P68732 
_struct_ref_seq_dif.db_mon_id                    CYS 
_struct_ref_seq_dif.pdbx_seq_db_seq_num          117 
_struct_ref_seq_dif.details                      'engineered mutation' 
_struct_ref_seq_dif.pdbx_auth_seq_num            110 
_struct_ref_seq_dif.pdbx_ordinal                 1 
# 
_pdbx_struct_assembly.id                   1 
_pdbx_struct_assembly.details              author_defined_assembly 
_pdbx_struct_assembly.method_details       ? 
_pdbx_struct_assembly.oligomeric_details   hexameric 
_pdbx_struct_assembly.oligomeric_count     6 
# 
_pdbx_struct_assembly_gen.assembly_id       1 
_pdbx_struct_assembly_gen.oper_expression   1,2 
_pdbx_struct_assembly_gen.asym_id_list      A,B,C,D,E,F 
# 
loop_
_pdbx_struct_oper_list.id 
_pdbx_struct_oper_list.type 
_pdbx_struct_oper_list.name 
_pdbx_struct_oper_list.symmetry_operation 
_pdbx_struct_oper_list.matrix[1][1] 
_pdbx_struct_oper_list.matrix[1][2] 
_pdbx_struct_oper_list.matrix[1][3] 
_pdbx_struct_oper_list.vector[1] 
_pdbx_struct_oper_list.matrix[2][1] 
_pdbx_struct_oper_list.matrix[2][2] 
_pdbx_struct_oper_list.matrix[2][3] 
_pdbx_struct_oper_list.vector[2] 
_pdbx_struct_oper_list.matrix[3][1] 
_pdbx_struct_oper_list.matrix[3][2] 
_pdbx_struct_oper_list.matrix[3][3] 
_pdbx_struct_oper_list.vector[3] 
1 'identity operation'         1_555 x,y,z       1.0000000000  0.0000000000  0.0000000000 0.0000000000  0.0000000000  1.0000000000 0.0000000000  0.0000000000  0.0000000000 0.0000000000  1.0000000000  0.0000000000  
2 'crystal symmetry operation' 4_665 -x+1,-y+1,z -0.9978996140 -0.0601636420 0.0240145081 29.6595893582 -0.0601636420 0.7233326563 -0.6878736836 -0.8212155784 0.0240145081 -0.6878736836 -0.7254330423 -4.6515175909 
# 
_struct_biol.id        1 
_struct_biol.details   
;The asymmetric unit contains a monomer. The biological dimer is generated by the operation:  
 
                            rotation: -1 0 0 
                                       0-1 0 
                                       0 0 1 
                           
                          translation: 1 1 0
;
# 
loop_
_struct_conf.conf_type_id 
_struct_conf.id 
_struct_conf.pdbx_PDB_helix_id 
_struct_conf.beg_label_comp_id 
_struct_conf.beg_label_asym_id 
_struct_conf.beg_label_seq_id 
_struct_conf.pdbx_beg_PDB_ins_code 
_struct_conf.end_label_comp_id 
_struct_conf.end_label_asym_id 
_struct_conf.end_label_seq_id 
_struct_conf.pdbx_end_PDB_ins_code 
_struct_conf.beg_auth_comp_id 
_struct_conf.beg_auth_asym_id 
_struct_conf.beg_auth_seq_id 
_struct_conf.end_auth_comp_id 
_struct_conf.end_auth_asym_id 
_struct_conf.end_auth_seq_id 
_struct_conf.pdbx_PDB_helix_class 
_struct_conf.details 
_struct_conf.pdbx_PDB_helix_length 
HELX_P HELX_P1 1 LYS C 14  ? GLU C 28  ? LYS A 14  GLU A 28  1 ? 15 
HELX_P HELX_P2 2 TYR C 33  ? PHE C 45  ? TYR A 33  PHE A 45  1 ? 13 
HELX_P HELX_P3 3 ASN C 53  ? ASP C 67  ? ASN A 53  ASP A 67  1 ? 15 
HELX_P HELX_P4 4 ASP C 92  ? LYS C 100 ? ASP A 92  LYS A 100 1 ? 9  
HELX_P HELX_P5 5 LEU C 103 ? ASN C 121 ? LEU A 103 ASN A 121 1 ? 19 
# 
_struct_conf_type.id          HELX_P 
_struct_conf_type.criteria    ? 
_struct_conf_type.reference   ? 
# 
loop_
_struct_conn.id 
_struct_conn.conn_type_id 
_struct_conn.pdbx_leaving_atom_flag 
_struct_conn.pdbx_PDB_id 
_struct_conn.ptnr1_label_asym_id 
_struct_conn.ptnr1_label_comp_id 
_struct_conn.ptnr1_label_seq_id 
_struct_conn.ptnr1_label_atom_id 
_struct_conn.pdbx_ptnr1_label_alt_id 
_struct_conn.pdbx_ptnr1_PDB_ins_code 
_struct_conn.pdbx_ptnr1_standard_comp_id 
_struct_conn.ptnr1_symmetry 
_struct_conn.ptnr2_label_asym_id 
_struct_conn.ptnr2_label_comp_id 
_struct_conn.ptnr2_label_seq_id 
_struct_conn.ptnr2_label_atom_id 
_struct_conn.pdbx_ptnr2_label_alt_id 
_struct_conn.pdbx_ptnr2_PDB_ins_code 
_struct_conn.ptnr1_auth_asym_id 
_struct_conn.ptnr1_auth_comp_id 
_struct_conn.ptnr1_auth_seq_id 
_struct_conn.ptnr2_auth_asym_id 
_struct_conn.ptnr2_auth_comp_id 
_struct_conn.ptnr2_auth_seq_id 
_struct_conn.ptnr2_symmetry 
_struct_conn.pdbx_ptnr3_label_atom_id 
_struct_conn.pdbx_ptnr3_label_seq_id 
_struct_conn.pdbx_ptnr3_label_comp_id 
_struct_conn.pdbx_ptnr3_label_asym_id 
_struct_conn.pdbx_ptnr3_label_alt_id 
_struct_conn.pdbx_ptnr3_PDB_ins_code 
_struct_conn.details 
_struct_conn.pdbx_dist_value 
_struct_conn.pdbx_value_order 
_struct_conn.pdbx_role 
hydrog1  hydrog ? ? A DA 1  N1 ? ? ? 1_555 B DT 10 N3 ? ? D DA 12 E DT 10 1_555 ? ? ? ? ? ? WATSON-CRICK ? ? ? 
hydrog2  hydrog ? ? A DA 1  N6 ? ? ? 1_555 B DT 10 O4 ? ? D DA 12 E DT 10 1_555 ? ? ? ? ? ? WATSON-CRICK ? ? ? 
hydrog3  hydrog ? ? A DT 2  N3 ? ? ? 1_555 B DA 9  N1 ? ? D DT 13 E DA 9  1_555 ? ? ? ? ? ? WATSON-CRICK ? ? ? 
hydrog4  hydrog ? ? A DT 2  O4 ? ? ? 1_555 B DA 9  N6 ? ? D DT 13 E DA 9  1_555 ? ? ? ? ? ? WATSON-CRICK ? ? ? 
hydrog5  hydrog ? ? A DG 3  N1 ? ? ? 1_555 B DC 8  N3 ? ? D DG 14 E DC 8  1_555 ? ? ? ? ? ? WATSON-CRICK ? ? ? 
hydrog6  hydrog ? ? A DG 3  N2 ? ? ? 1_555 B DC 8  O2 ? ? D DG 14 E DC 8  1_555 ? ? ? ? ? ? WATSON-CRICK ? ? ? 
hydrog7  hydrog ? ? A DG 3  O6 ? ? ? 1_555 B DC 8  N4 ? ? D DG 14 E DC 8  1_555 ? ? ? ? ? ? WATSON-CRICK ? ? ? 
hydrog8  hydrog ? ? A DT 4  N3 ? ? ? 1_555 B DA 7  N1 ? ? D DT 15 E DA 7  1_555 ? ? ? ? ? ? WATSON-CRICK ? ? ? 
hydrog9  hydrog ? ? A DT 4  O4 ? ? ? 1_555 B DA 7  N6 ? ? D DT 15 E DA 7  1_555 ? ? ? ? ? ? WATSON-CRICK ? ? ? 
hydrog10 hydrog ? ? A DT 5  N3 ? ? ? 1_555 B DA 6  N1 ? ? D DT 16 E DA 6  1_555 ? ? ? ? ? ? WATSON-CRICK ? ? ? 
hydrog11 hydrog ? ? A DT 5  O4 ? ? ? 1_555 B DA 6  N6 ? ? D DT 16 E DA 6  1_555 ? ? ? ? ? ? WATSON-CRICK ? ? ? 
hydrog12 hydrog ? ? A DC 6  O2 ? ? ? 1_555 B DG 5  N2 ? ? D DC 17 E DG 5  1_555 ? ? ? ? ? ? 'DC-DG PAIR' ? ? ? 
hydrog13 hydrog ? ? A DA 7  N1 ? ? ? 1_555 B DT 4  N3 ? ? D DA 18 E DT 4  1_555 ? ? ? ? ? ? WATSON-CRICK ? ? ? 
hydrog14 hydrog ? ? A DA 7  N6 ? ? ? 1_555 B DT 4  O4 ? ? D DA 18 E DT 4  1_555 ? ? ? ? ? ? WATSON-CRICK ? ? ? 
hydrog15 hydrog ? ? A DT 8  N3 ? ? ? 1_555 B DA 3  N1 ? ? D DT 19 E DA 3  1_555 ? ? ? ? ? ? WATSON-CRICK ? ? ? 
hydrog16 hydrog ? ? A DT 8  O4 ? ? ? 1_555 B DA 3  N6 ? ? D DT 19 E DA 3  1_555 ? ? ? ? ? ? WATSON-CRICK ? ? ? 
hydrog17 hydrog ? ? A DA 9  N1 ? ? ? 1_555 B DT 2  N3 ? ? D DA 20 E DT 2  1_555 ? ? ? ? ? ? WATSON-CRICK ? ? ? 
hydrog18 hydrog ? ? A DA 9  N6 ? ? ? 1_555 B DT 2  O4 ? ? D DA 20 E DT 2  1_555 ? ? ? ? ? ? WATSON-CRICK ? ? ? 
hydrog19 hydrog ? ? A DG 10 N1 ? ? ? 1_555 B DC 1  N3 ? ? D DG 21 E DC 1  1_555 ? ? ? ? ? ? WATSON-CRICK ? ? ? 
hydrog20 hydrog ? ? A DG 10 N2 ? ? ? 1_555 B DC 1  O2 ? ? D DG 21 E DC 1  1_555 ? ? ? ? ? ? WATSON-CRICK ? ? ? 
hydrog21 hydrog ? ? A DG 10 O6 ? ? ? 1_555 B DC 1  N4 ? ? D DG 21 E DC 1  1_555 ? ? ? ? ? ? WATSON-CRICK ? ? ? 
# 
_struct_conn_type.id          hydrog 
_struct_conn_type.criteria    ? 
_struct_conn_type.reference   ? 
# 
_struct_sheet.id               A 
_struct_sheet.type             ? 
_struct_sheet.number_strands   2 
_struct_sheet.details          ? 
# 
_struct_sheet_order.sheet_id     A 
_struct_sheet_order.range_id_1   1 
_struct_sheet_order.range_id_2   2 
_struct_sheet_order.offset       ? 
_struct_sheet_order.sense        anti-parallel 
# 
loop_
_struct_sheet_range.sheet_id 
_struct_sheet_range.id 
_struct_sheet_range.beg_label_comp_id 
_struct_sheet_range.beg_label_asym_id 
_struct_sheet_range.beg_label_seq_id 
_struct_sheet_range.pdbx_beg_PDB_ins_code 
_struct_sheet_range.end_label_comp_id 
_struct_sheet_range.end_label_asym_id 
_struct_sheet_range.end_label_seq_id 
_struct_sheet_range.pdbx_end_PDB_ins_code 
_struct_sheet_range.beg_auth_comp_id 
_struct_sheet_range.beg_auth_asym_id 
_struct_sheet_range.beg_auth_seq_id 
_struct_sheet_range.end_auth_comp_id 
_struct_sheet_range.end_auth_asym_id 
_struct_sheet_range.end_auth_seq_id 
A 1 LEU C 70 ? LYS C 74 ? LEU A 70 LYS A 74 
A 2 VAL C 86 ? PHE C 90 ? VAL A 86 PHE A 90 
# 
_pdbx_struct_sheet_hbond.sheet_id                A 
_pdbx_struct_sheet_hbond.range_id_1              1 
_pdbx_struct_sheet_hbond.range_id_2              2 
_pdbx_struct_sheet_hbond.range_1_label_atom_id   N 
_pdbx_struct_sheet_hbond.range_1_label_comp_id   LYS 
_pdbx_struct_sheet_hbond.range_1_label_asym_id   C 
_pdbx_struct_sheet_hbond.range_1_label_seq_id    71 
_pdbx_struct_sheet_hbond.range_1_PDB_ins_code    ? 
_pdbx_struct_sheet_hbond.range_1_auth_atom_id    N 
_pdbx_struct_sheet_hbond.range_1_auth_comp_id    LYS 
_pdbx_struct_sheet_hbond.range_1_auth_asym_id    A 
_pdbx_struct_sheet_hbond.range_1_auth_seq_id     71 
_pdbx_struct_sheet_hbond.range_2_label_atom_id   O 
_pdbx_struct_sheet_hbond.range_2_label_comp_id   GLN 
_pdbx_struct_sheet_hbond.range_2_label_asym_id   C 
_pdbx_struct_sheet_hbond.range_2_label_seq_id    89 
_pdbx_struct_sheet_hbond.range_2_PDB_ins_code    ? 
_pdbx_struct_sheet_hbond.range_2_auth_atom_id    O 
_pdbx_struct_sheet_hbond.range_2_auth_comp_id    GLN 
_pdbx_struct_sheet_hbond.range_2_auth_asym_id    A 
_pdbx_struct_sheet_hbond.range_2_auth_seq_id     89 
# 
loop_
_pdbx_validate_close_contact.id 
_pdbx_validate_close_contact.PDB_model_num 
_pdbx_validate_close_contact.auth_atom_id_1 
_pdbx_validate_close_contact.auth_asym_id_1 
_pdbx_validate_close_contact.auth_comp_id_1 
_pdbx_validate_close_contact.auth_seq_id_1 
_pdbx_validate_close_contact.PDB_ins_code_1 
_pdbx_validate_close_contact.label_alt_id_1 
_pdbx_validate_close_contact.auth_atom_id_2 
_pdbx_validate_close_contact.auth_asym_id_2 
_pdbx_validate_close_contact.auth_comp_id_2 
_pdbx_validate_close_contact.auth_seq_id_2 
_pdbx_validate_close_contact.PDB_ins_code_2 
_pdbx_validate_close_contact.label_alt_id_2 
_pdbx_validate_close_contact.dist 
1 1 O A ILE 69 ? ? CB A LYS 91 ? ? 1.78 
2 1 O A ILE 69 ? ? N  A LYS 91 ? ? 2.09 
# 
loop_
_pdbx_validate_rmsd_angle.id 
_pdbx_validate_rmsd_angle.PDB_model_num 
_pdbx_validate_rmsd_angle.auth_atom_id_1 
_pdbx_validate_rmsd_angle.auth_asym_id_1 
_pdbx_validate_rmsd_angle.auth_comp_id_1 
_pdbx_validate_rmsd_angle.auth_seq_id_1 
_pdbx_validate_rmsd_angle.PDB_ins_code_1 
_pdbx_validate_rmsd_angle.label_alt_id_1 
_pdbx_validate_rmsd_angle.auth_atom_id_2 
_pdbx_validate_rmsd_angle.auth_asym_id_2 
_pdbx_validate_rmsd_angle.auth_comp_id_2 
_pdbx_validate_rmsd_angle.auth_seq_id_2 
_pdbx_validate_rmsd_angle.PDB_ins_code_2 
_pdbx_validate_rmsd_angle.label_alt_id_2 
_pdbx_validate_rmsd_angle.auth_atom_id_3 
_pdbx_validate_rmsd_angle.auth_asym_id_3 
_pdbx_validate_rmsd_angle.auth_comp_id_3 
_pdbx_validate_rmsd_angle.auth_seq_id_3 
_pdbx_validate_rmsd_angle.PDB_ins_code_3 
_pdbx_validate_rmsd_angle.label_alt_id_3 
_pdbx_validate_rmsd_angle.angle_value 
_pdbx_validate_rmsd_angle.angle_target_value 
_pdbx_validate_rmsd_angle.angle_deviation 
_pdbx_validate_rmsd_angle.angle_standard_deviation 
_pdbx_validate_rmsd_angle.linker_flag 
1 1 "O4'" D DT 13 ? ? "C1'" D DT 13 ? ? N1 D DT 13 ? ? 111.86 108.30 3.56 0.30 N 
2 1 "O4'" D DT 15 ? ? "C1'" D DT 15 ? ? N1 D DT 15 ? ? 110.49 108.30 2.19 0.30 N 
3 1 "O4'" D DA 20 ? ? "C1'" D DA 20 ? ? N9 D DA 20 ? ? 110.91 108.30 2.61 0.30 N 
4 1 "O4'" E DC 1  ? ? "C1'" E DC 1  ? ? N1 E DC 1  ? ? 113.14 108.30 4.84 0.30 N 
5 1 "C3'" E DT 10 ? ? "O3'" E DT 10 ? ? P  E DT 11 ? ? 128.07 119.70 8.37 1.20 Y 
6 1 "O4'" E DT 11 ? ? "C1'" E DT 11 ? ? N1 E DT 11 ? ? 110.81 108.30 2.51 0.30 N 
# 
loop_
_pdbx_validate_torsion.id 
_pdbx_validate_torsion.PDB_model_num 
_pdbx_validate_torsion.auth_comp_id 
_pdbx_validate_torsion.auth_asym_id 
_pdbx_validate_torsion.auth_seq_id 
_pdbx_validate_torsion.PDB_ins_code 
_pdbx_validate_torsion.label_alt_id 
_pdbx_validate_torsion.phi 
_pdbx_validate_torsion.psi 
1  1 PHE A 11  ? ? -77.40  -115.75 
2  1 GLN A 29  ? ? -144.16 -65.43  
3  1 ARG A 31  ? ? 55.01   81.50   
4  1 ILE A 69  ? ? -128.59 -104.70 
5  1 ILE A 73  ? ? 162.77  70.41   
6  1 GLU A 84  ? ? -103.60 50.45   
7  1 LYS A 91  ? ? -93.18  -62.71  
8  1 LYS A 100 ? ? -66.47  19.92   
9  1 LYS A 101 ? ? -136.11 -43.71  
10 1 GLN A 102 ? ? -67.16  3.00    
# 
_pdbx_validate_peptide_omega.id               1 
_pdbx_validate_peptide_omega.PDB_model_num    1 
_pdbx_validate_peptide_omega.auth_comp_id_1   GLN 
_pdbx_validate_peptide_omega.auth_asym_id_1   A 
_pdbx_validate_peptide_omega.auth_seq_id_1    72 
_pdbx_validate_peptide_omega.PDB_ins_code_1   ? 
_pdbx_validate_peptide_omega.label_alt_id_1   ? 
_pdbx_validate_peptide_omega.auth_comp_id_2   ILE 
_pdbx_validate_peptide_omega.auth_asym_id_2   A 
_pdbx_validate_peptide_omega.auth_seq_id_2    73 
_pdbx_validate_peptide_omega.PDB_ins_code_2   ? 
_pdbx_validate_peptide_omega.label_alt_id_2   ? 
_pdbx_validate_peptide_omega.omega            -144.48 
# 
loop_
_pdbx_unobs_or_zero_occ_residues.id 
_pdbx_unobs_or_zero_occ_residues.PDB_model_num 
_pdbx_unobs_or_zero_occ_residues.polymer_flag 
_pdbx_unobs_or_zero_occ_residues.occupancy_flag 
_pdbx_unobs_or_zero_occ_residues.auth_asym_id 
_pdbx_unobs_or_zero_occ_residues.auth_comp_id 
_pdbx_unobs_or_zero_occ_residues.auth_seq_id 
_pdbx_unobs_or_zero_occ_residues.PDB_ins_code 
_pdbx_unobs_or_zero_occ_residues.label_asym_id 
_pdbx_unobs_or_zero_occ_residues.label_comp_id 
_pdbx_unobs_or_zero_occ_residues.label_seq_id 
1 1 Y 1 A MET 1 ? C MET 1 
2 1 Y 1 A LYS 2 ? C LYS 2 
3 1 Y 1 A GLU 3 ? C GLU 3 
4 1 Y 1 A GLU 4 ? C GLU 4 
5 1 Y 1 A LYS 5 ? C LYS 5 
6 1 Y 1 A ARG 6 ? C ARG 6 
7 1 Y 1 A SER 7 ? C SER 7 
# 
loop_
_chem_comp_atom.comp_id 
_chem_comp_atom.atom_id 
_chem_comp_atom.type_symbol 
_chem_comp_atom.pdbx_aromatic_flag 
_chem_comp_atom.pdbx_stereo_config 
_chem_comp_atom.pdbx_ordinal 
ALA N      N N N 1   
ALA CA     C N S 2   
ALA C      C N N 3   
ALA O      O N N 4   
ALA CB     C N N 5   
ALA OXT    O N N 6   
ALA H      H N N 7   
ALA H2     H N N 8   
ALA HA     H N N 9   
ALA HB1    H N N 10  
ALA HB2    H N N 11  
ALA HB3    H N N 12  
ALA HXT    H N N 13  
ARG N      N N N 14  
ARG CA     C N S 15  
ARG C      C N N 16  
ARG O      O N N 17  
ARG CB     C N N 18  
ARG CG     C N N 19  
ARG CD     C N N 20  
ARG NE     N N N 21  
ARG CZ     C N N 22  
ARG NH1    N N N 23  
ARG NH2    N N N 24  
ARG OXT    O N N 25  
ARG H      H N N 26  
ARG H2     H N N 27  
ARG HA     H N N 28  
ARG HB2    H N N 29  
ARG HB3    H N N 30  
ARG HG2    H N N 31  
ARG HG3    H N N 32  
ARG HD2    H N N 33  
ARG HD3    H N N 34  
ARG HE     H N N 35  
ARG HH11   H N N 36  
ARG HH12   H N N 37  
ARG HH21   H N N 38  
ARG HH22   H N N 39  
ARG HXT    H N N 40  
ASN N      N N N 41  
ASN CA     C N S 42  
ASN C      C N N 43  
ASN O      O N N 44  
ASN CB     C N N 45  
ASN CG     C N N 46  
ASN OD1    O N N 47  
ASN ND2    N N N 48  
ASN OXT    O N N 49  
ASN H      H N N 50  
ASN H2     H N N 51  
ASN HA     H N N 52  
ASN HB2    H N N 53  
ASN HB3    H N N 54  
ASN HD21   H N N 55  
ASN HD22   H N N 56  
ASN HXT    H N N 57  
ASP N      N N N 58  
ASP CA     C N S 59  
ASP C      C N N 60  
ASP O      O N N 61  
ASP CB     C N N 62  
ASP CG     C N N 63  
ASP OD1    O N N 64  
ASP OD2    O N N 65  
ASP OXT    O N N 66  
ASP H      H N N 67  
ASP H2     H N N 68  
ASP HA     H N N 69  
ASP HB2    H N N 70  
ASP HB3    H N N 71  
ASP HD2    H N N 72  
ASP HXT    H N N 73  
CYS N      N N N 74  
CYS CA     C N R 75  
CYS C      C N N 76  
CYS O      O N N 77  
CYS CB     C N N 78  
CYS SG     S N N 79  
CYS OXT    O N N 80  
CYS H      H N N 81  
CYS H2     H N N 82  
CYS HA     H N N 83  
CYS HB2    H N N 84  
CYS HB3    H N N 85  
CYS HG     H N N 86  
CYS HXT    H N N 87  
DA  OP3    O N N 88  
DA  P      P N N 89  
DA  OP1    O N N 90  
DA  OP2    O N N 91  
DA  "O5'"  O N N 92  
DA  "C5'"  C N N 93  
DA  "C4'"  C N R 94  
DA  "O4'"  O N N 95  
DA  "C3'"  C N S 96  
DA  "O3'"  O N N 97  
DA  "C2'"  C N N 98  
DA  "C1'"  C N R 99  
DA  N9     N Y N 100 
DA  C8     C Y N 101 
DA  N7     N Y N 102 
DA  C5     C Y N 103 
DA  C6     C Y N 104 
DA  N6     N N N 105 
DA  N1     N Y N 106 
DA  C2     C Y N 107 
DA  N3     N Y N 108 
DA  C4     C Y N 109 
DA  HOP3   H N N 110 
DA  HOP2   H N N 111 
DA  "H5'"  H N N 112 
DA  "H5''" H N N 113 
DA  "H4'"  H N N 114 
DA  "H3'"  H N N 115 
DA  "HO3'" H N N 116 
DA  "H2'"  H N N 117 
DA  "H2''" H N N 118 
DA  "H1'"  H N N 119 
DA  H8     H N N 120 
DA  H61    H N N 121 
DA  H62    H N N 122 
DA  H2     H N N 123 
DC  OP3    O N N 124 
DC  P      P N N 125 
DC  OP1    O N N 126 
DC  OP2    O N N 127 
DC  "O5'"  O N N 128 
DC  "C5'"  C N N 129 
DC  "C4'"  C N R 130 
DC  "O4'"  O N N 131 
DC  "C3'"  C N S 132 
DC  "O3'"  O N N 133 
DC  "C2'"  C N N 134 
DC  "C1'"  C N R 135 
DC  N1     N N N 136 
DC  C2     C N N 137 
DC  O2     O N N 138 
DC  N3     N N N 139 
DC  C4     C N N 140 
DC  N4     N N N 141 
DC  C5     C N N 142 
DC  C6     C N N 143 
DC  HOP3   H N N 144 
DC  HOP2   H N N 145 
DC  "H5'"  H N N 146 
DC  "H5''" H N N 147 
DC  "H4'"  H N N 148 
DC  "H3'"  H N N 149 
DC  "HO3'" H N N 150 
DC  "H2'"  H N N 151 
DC  "H2''" H N N 152 
DC  "H1'"  H N N 153 
DC  H41    H N N 154 
DC  H42    H N N 155 
DC  H5     H N N 156 
DC  H6     H N N 157 
DG  OP3    O N N 158 
DG  P      P N N 159 
DG  OP1    O N N 160 
DG  OP2    O N N 161 
DG  "O5'"  O N N 162 
DG  "C5'"  C N N 163 
DG  "C4'"  C N R 164 
DG  "O4'"  O N N 165 
DG  "C3'"  C N S 166 
DG  "O3'"  O N N 167 
DG  "C2'"  C N N 168 
DG  "C1'"  C N R 169 
DG  N9     N Y N 170 
DG  C8     C Y N 171 
DG  N7     N Y N 172 
DG  C5     C Y N 173 
DG  C6     C N N 174 
DG  O6     O N N 175 
DG  N1     N N N 176 
DG  C2     C N N 177 
DG  N2     N N N 178 
DG  N3     N N N 179 
DG  C4     C Y N 180 
DG  HOP3   H N N 181 
DG  HOP2   H N N 182 
DG  "H5'"  H N N 183 
DG  "H5''" H N N 184 
DG  "H4'"  H N N 185 
DG  "H3'"  H N N 186 
DG  "HO3'" H N N 187 
DG  "H2'"  H N N 188 
DG  "H2''" H N N 189 
DG  "H1'"  H N N 190 
DG  H8     H N N 191 
DG  H1     H N N 192 
DG  H21    H N N 193 
DG  H22    H N N 194 
DT  OP3    O N N 195 
DT  P      P N N 196 
DT  OP1    O N N 197 
DT  OP2    O N N 198 
DT  "O5'"  O N N 199 
DT  "C5'"  C N N 200 
DT  "C4'"  C N R 201 
DT  "O4'"  O N N 202 
DT  "C3'"  C N S 203 
DT  "O3'"  O N N 204 
DT  "C2'"  C N N 205 
DT  "C1'"  C N R 206 
DT  N1     N N N 207 
DT  C2     C N N 208 
DT  O2     O N N 209 
DT  N3     N N N 210 
DT  C4     C N N 211 
DT  O4     O N N 212 
DT  C5     C N N 213 
DT  C7     C N N 214 
DT  C6     C N N 215 
DT  HOP3   H N N 216 
DT  HOP2   H N N 217 
DT  "H5'"  H N N 218 
DT  "H5''" H N N 219 
DT  "H4'"  H N N 220 
DT  "H3'"  H N N 221 
DT  "HO3'" H N N 222 
DT  "H2'"  H N N 223 
DT  "H2''" H N N 224 
DT  "H1'"  H N N 225 
DT  H3     H N N 226 
DT  H71    H N N 227 
DT  H72    H N N 228 
DT  H73    H N N 229 
DT  H6     H N N 230 
GLN N      N N N 231 
GLN CA     C N S 232 
GLN C      C N N 233 
GLN O      O N N 234 
GLN CB     C N N 235 
GLN CG     C N N 236 
GLN CD     C N N 237 
GLN OE1    O N N 238 
GLN NE2    N N N 239 
GLN OXT    O N N 240 
GLN H      H N N 241 
GLN H2     H N N 242 
GLN HA     H N N 243 
GLN HB2    H N N 244 
GLN HB3    H N N 245 
GLN HG2    H N N 246 
GLN HG3    H N N 247 
GLN HE21   H N N 248 
GLN HE22   H N N 249 
GLN HXT    H N N 250 
GLU N      N N N 251 
GLU CA     C N S 252 
GLU C      C N N 253 
GLU O      O N N 254 
GLU CB     C N N 255 
GLU CG     C N N 256 
GLU CD     C N N 257 
GLU OE1    O N N 258 
GLU OE2    O N N 259 
GLU OXT    O N N 260 
GLU H      H N N 261 
GLU H2     H N N 262 
GLU HA     H N N 263 
GLU HB2    H N N 264 
GLU HB3    H N N 265 
GLU HG2    H N N 266 
GLU HG3    H N N 267 
GLU HE2    H N N 268 
GLU HXT    H N N 269 
GLY N      N N N 270 
GLY CA     C N N 271 
GLY C      C N N 272 
GLY O      O N N 273 
GLY OXT    O N N 274 
GLY H      H N N 275 
GLY H2     H N N 276 
GLY HA2    H N N 277 
GLY HA3    H N N 278 
GLY HXT    H N N 279 
HIS N      N N N 280 
HIS CA     C N S 281 
HIS C      C N N 282 
HIS O      O N N 283 
HIS CB     C N N 284 
HIS CG     C Y N 285 
HIS ND1    N Y N 286 
HIS CD2    C Y N 287 
HIS CE1    C Y N 288 
HIS NE2    N Y N 289 
HIS OXT    O N N 290 
HIS H      H N N 291 
HIS H2     H N N 292 
HIS HA     H N N 293 
HIS HB2    H N N 294 
HIS HB3    H N N 295 
HIS HD1    H N N 296 
HIS HD2    H N N 297 
HIS HE1    H N N 298 
HIS HE2    H N N 299 
HIS HXT    H N N 300 
HOH O      O N N 301 
HOH H1     H N N 302 
HOH H2     H N N 303 
ILE N      N N N 304 
ILE CA     C N S 305 
ILE C      C N N 306 
ILE O      O N N 307 
ILE CB     C N S 308 
ILE CG1    C N N 309 
ILE CG2    C N N 310 
ILE CD1    C N N 311 
ILE OXT    O N N 312 
ILE H      H N N 313 
ILE H2     H N N 314 
ILE HA     H N N 315 
ILE HB     H N N 316 
ILE HG12   H N N 317 
ILE HG13   H N N 318 
ILE HG21   H N N 319 
ILE HG22   H N N 320 
ILE HG23   H N N 321 
ILE HD11   H N N 322 
ILE HD12   H N N 323 
ILE HD13   H N N 324 
ILE HXT    H N N 325 
LEU N      N N N 326 
LEU CA     C N S 327 
LEU C      C N N 328 
LEU O      O N N 329 
LEU CB     C N N 330 
LEU CG     C N N 331 
LEU CD1    C N N 332 
LEU CD2    C N N 333 
LEU OXT    O N N 334 
LEU H      H N N 335 
LEU H2     H N N 336 
LEU HA     H N N 337 
LEU HB2    H N N 338 
LEU HB3    H N N 339 
LEU HG     H N N 340 
LEU HD11   H N N 341 
LEU HD12   H N N 342 
LEU HD13   H N N 343 
LEU HD21   H N N 344 
LEU HD22   H N N 345 
LEU HD23   H N N 346 
LEU HXT    H N N 347 
LYS N      N N N 348 
LYS CA     C N S 349 
LYS C      C N N 350 
LYS O      O N N 351 
LYS CB     C N N 352 
LYS CG     C N N 353 
LYS CD     C N N 354 
LYS CE     C N N 355 
LYS NZ     N N N 356 
LYS OXT    O N N 357 
LYS H      H N N 358 
LYS H2     H N N 359 
LYS HA     H N N 360 
LYS HB2    H N N 361 
LYS HB3    H N N 362 
LYS HG2    H N N 363 
LYS HG3    H N N 364 
LYS HD2    H N N 365 
LYS HD3    H N N 366 
LYS HE2    H N N 367 
LYS HE3    H N N 368 
LYS HZ1    H N N 369 
LYS HZ2    H N N 370 
LYS HZ3    H N N 371 
LYS HXT    H N N 372 
MET N      N N N 373 
MET CA     C N S 374 
MET C      C N N 375 
MET O      O N N 376 
MET CB     C N N 377 
MET CG     C N N 378 
MET SD     S N N 379 
MET CE     C N N 380 
MET OXT    O N N 381 
MET H      H N N 382 
MET H2     H N N 383 
MET HA     H N N 384 
MET HB2    H N N 385 
MET HB3    H N N 386 
MET HG2    H N N 387 
MET HG3    H N N 388 
MET HE1    H N N 389 
MET HE2    H N N 390 
MET HE3    H N N 391 
MET HXT    H N N 392 
PHE N      N N N 393 
PHE CA     C N S 394 
PHE C      C N N 395 
PHE O      O N N 396 
PHE CB     C N N 397 
PHE CG     C Y N 398 
PHE CD1    C Y N 399 
PHE CD2    C Y N 400 
PHE CE1    C Y N 401 
PHE CE2    C Y N 402 
PHE CZ     C Y N 403 
PHE OXT    O N N 404 
PHE H      H N N 405 
PHE H2     H N N 406 
PHE HA     H N N 407 
PHE HB2    H N N 408 
PHE HB3    H N N 409 
PHE HD1    H N N 410 
PHE HD2    H N N 411 
PHE HE1    H N N 412 
PHE HE2    H N N 413 
PHE HZ     H N N 414 
PHE HXT    H N N 415 
PRO N      N N N 416 
PRO CA     C N S 417 
PRO C      C N N 418 
PRO O      O N N 419 
PRO CB     C N N 420 
PRO CG     C N N 421 
PRO CD     C N N 422 
PRO OXT    O N N 423 
PRO H      H N N 424 
PRO HA     H N N 425 
PRO HB2    H N N 426 
PRO HB3    H N N 427 
PRO HG2    H N N 428 
PRO HG3    H N N 429 
PRO HD2    H N N 430 
PRO HD3    H N N 431 
PRO HXT    H N N 432 
SER N      N N N 433 
SER CA     C N S 434 
SER C      C N N 435 
SER O      O N N 436 
SER CB     C N N 437 
SER OG     O N N 438 
SER OXT    O N N 439 
SER H      H N N 440 
SER H2     H N N 441 
SER HA     H N N 442 
SER HB2    H N N 443 
SER HB3    H N N 444 
SER HG     H N N 445 
SER HXT    H N N 446 
THR N      N N N 447 
THR CA     C N S 448 
THR C      C N N 449 
THR O      O N N 450 
THR CB     C N R 451 
THR OG1    O N N 452 
THR CG2    C N N 453 
THR OXT    O N N 454 
THR H      H N N 455 
THR H2     H N N 456 
THR HA     H N N 457 
THR HB     H N N 458 
THR HG1    H N N 459 
THR HG21   H N N 460 
THR HG22   H N N 461 
THR HG23   H N N 462 
THR HXT    H N N 463 
TYR N      N N N 464 
TYR CA     C N S 465 
TYR C      C N N 466 
TYR O      O N N 467 
TYR CB     C N N 468 
TYR CG     C Y N 469 
TYR CD1    C Y N 470 
TYR CD2    C Y N 471 
TYR CE1    C Y N 472 
TYR CE2    C Y N 473 
TYR CZ     C Y N 474 
TYR OH     O N N 475 
TYR OXT    O N N 476 
TYR H      H N N 477 
TYR H2     H N N 478 
TYR HA     H N N 479 
TYR HB2    H N N 480 
TYR HB3    H N N 481 
TYR HD1    H N N 482 
TYR HD2    H N N 483 
TYR HE1    H N N 484 
TYR HE2    H N N 485 
TYR HH     H N N 486 
TYR HXT    H N N 487 
VAL N      N N N 488 
VAL CA     C N S 489 
VAL C      C N N 490 
VAL O      O N N 491 
VAL CB     C N N 492 
VAL CG1    C N N 493 
VAL CG2    C N N 494 
VAL OXT    O N N 495 
VAL H      H N N 496 
VAL H2     H N N 497 
VAL HA     H N N 498 
VAL HB     H N N 499 
VAL HG11   H N N 500 
VAL HG12   H N N 501 
VAL HG13   H N N 502 
VAL HG21   H N N 503 
VAL HG22   H N N 504 
VAL HG23   H N N 505 
VAL HXT    H N N 506 
# 
loop_
_chem_comp_bond.comp_id 
_chem_comp_bond.atom_id_1 
_chem_comp_bond.atom_id_2 
_chem_comp_bond.value_order 
_chem_comp_bond.pdbx_aromatic_flag 
_chem_comp_bond.pdbx_stereo_config 
_chem_comp_bond.pdbx_ordinal 
ALA N     CA     sing N N 1   
ALA N     H      sing N N 2   
ALA N     H2     sing N N 3   
ALA CA    C      sing N N 4   
ALA CA    CB     sing N N 5   
ALA CA    HA     sing N N 6   
ALA C     O      doub N N 7   
ALA C     OXT    sing N N 8   
ALA CB    HB1    sing N N 9   
ALA CB    HB2    sing N N 10  
ALA CB    HB3    sing N N 11  
ALA OXT   HXT    sing N N 12  
ARG N     CA     sing N N 13  
ARG N     H      sing N N 14  
ARG N     H2     sing N N 15  
ARG CA    C      sing N N 16  
ARG CA    CB     sing N N 17  
ARG CA    HA     sing N N 18  
ARG C     O      doub N N 19  
ARG C     OXT    sing N N 20  
ARG CB    CG     sing N N 21  
ARG CB    HB2    sing N N 22  
ARG CB    HB3    sing N N 23  
ARG CG    CD     sing N N 24  
ARG CG    HG2    sing N N 25  
ARG CG    HG3    sing N N 26  
ARG CD    NE     sing N N 27  
ARG CD    HD2    sing N N 28  
ARG CD    HD3    sing N N 29  
ARG NE    CZ     sing N N 30  
ARG NE    HE     sing N N 31  
ARG CZ    NH1    sing N N 32  
ARG CZ    NH2    doub N N 33  
ARG NH1   HH11   sing N N 34  
ARG NH1   HH12   sing N N 35  
ARG NH2   HH21   sing N N 36  
ARG NH2   HH22   sing N N 37  
ARG OXT   HXT    sing N N 38  
ASN N     CA     sing N N 39  
ASN N     H      sing N N 40  
ASN N     H2     sing N N 41  
ASN CA    C      sing N N 42  
ASN CA    CB     sing N N 43  
ASN CA    HA     sing N N 44  
ASN C     O      doub N N 45  
ASN C     OXT    sing N N 46  
ASN CB    CG     sing N N 47  
ASN CB    HB2    sing N N 48  
ASN CB    HB3    sing N N 49  
ASN CG    OD1    doub N N 50  
ASN CG    ND2    sing N N 51  
ASN ND2   HD21   sing N N 52  
ASN ND2   HD22   sing N N 53  
ASN OXT   HXT    sing N N 54  
ASP N     CA     sing N N 55  
ASP N     H      sing N N 56  
ASP N     H2     sing N N 57  
ASP CA    C      sing N N 58  
ASP CA    CB     sing N N 59  
ASP CA    HA     sing N N 60  
ASP C     O      doub N N 61  
ASP C     OXT    sing N N 62  
ASP CB    CG     sing N N 63  
ASP CB    HB2    sing N N 64  
ASP CB    HB3    sing N N 65  
ASP CG    OD1    doub N N 66  
ASP CG    OD2    sing N N 67  
ASP OD2   HD2    sing N N 68  
ASP OXT   HXT    sing N N 69  
CYS N     CA     sing N N 70  
CYS N     H      sing N N 71  
CYS N     H2     sing N N 72  
CYS CA    C      sing N N 73  
CYS CA    CB     sing N N 74  
CYS CA    HA     sing N N 75  
CYS C     O      doub N N 76  
CYS C     OXT    sing N N 77  
CYS CB    SG     sing N N 78  
CYS CB    HB2    sing N N 79  
CYS CB    HB3    sing N N 80  
CYS SG    HG     sing N N 81  
CYS OXT   HXT    sing N N 82  
DA  OP3   P      sing N N 83  
DA  OP3   HOP3   sing N N 84  
DA  P     OP1    doub N N 85  
DA  P     OP2    sing N N 86  
DA  P     "O5'"  sing N N 87  
DA  OP2   HOP2   sing N N 88  
DA  "O5'" "C5'"  sing N N 89  
DA  "C5'" "C4'"  sing N N 90  
DA  "C5'" "H5'"  sing N N 91  
DA  "C5'" "H5''" sing N N 92  
DA  "C4'" "O4'"  sing N N 93  
DA  "C4'" "C3'"  sing N N 94  
DA  "C4'" "H4'"  sing N N 95  
DA  "O4'" "C1'"  sing N N 96  
DA  "C3'" "O3'"  sing N N 97  
DA  "C3'" "C2'"  sing N N 98  
DA  "C3'" "H3'"  sing N N 99  
DA  "O3'" "HO3'" sing N N 100 
DA  "C2'" "C1'"  sing N N 101 
DA  "C2'" "H2'"  sing N N 102 
DA  "C2'" "H2''" sing N N 103 
DA  "C1'" N9     sing N N 104 
DA  "C1'" "H1'"  sing N N 105 
DA  N9    C8     sing Y N 106 
DA  N9    C4     sing Y N 107 
DA  C8    N7     doub Y N 108 
DA  C8    H8     sing N N 109 
DA  N7    C5     sing Y N 110 
DA  C5    C6     sing Y N 111 
DA  C5    C4     doub Y N 112 
DA  C6    N6     sing N N 113 
DA  C6    N1     doub Y N 114 
DA  N6    H61    sing N N 115 
DA  N6    H62    sing N N 116 
DA  N1    C2     sing Y N 117 
DA  C2    N3     doub Y N 118 
DA  C2    H2     sing N N 119 
DA  N3    C4     sing Y N 120 
DC  OP3   P      sing N N 121 
DC  OP3   HOP3   sing N N 122 
DC  P     OP1    doub N N 123 
DC  P     OP2    sing N N 124 
DC  P     "O5'"  sing N N 125 
DC  OP2   HOP2   sing N N 126 
DC  "O5'" "C5'"  sing N N 127 
DC  "C5'" "C4'"  sing N N 128 
DC  "C5'" "H5'"  sing N N 129 
DC  "C5'" "H5''" sing N N 130 
DC  "C4'" "O4'"  sing N N 131 
DC  "C4'" "C3'"  sing N N 132 
DC  "C4'" "H4'"  sing N N 133 
DC  "O4'" "C1'"  sing N N 134 
DC  "C3'" "O3'"  sing N N 135 
DC  "C3'" "C2'"  sing N N 136 
DC  "C3'" "H3'"  sing N N 137 
DC  "O3'" "HO3'" sing N N 138 
DC  "C2'" "C1'"  sing N N 139 
DC  "C2'" "H2'"  sing N N 140 
DC  "C2'" "H2''" sing N N 141 
DC  "C1'" N1     sing N N 142 
DC  "C1'" "H1'"  sing N N 143 
DC  N1    C2     sing N N 144 
DC  N1    C6     sing N N 145 
DC  C2    O2     doub N N 146 
DC  C2    N3     sing N N 147 
DC  N3    C4     doub N N 148 
DC  C4    N4     sing N N 149 
DC  C4    C5     sing N N 150 
DC  N4    H41    sing N N 151 
DC  N4    H42    sing N N 152 
DC  C5    C6     doub N N 153 
DC  C5    H5     sing N N 154 
DC  C6    H6     sing N N 155 
DG  OP3   P      sing N N 156 
DG  OP3   HOP3   sing N N 157 
DG  P     OP1    doub N N 158 
DG  P     OP2    sing N N 159 
DG  P     "O5'"  sing N N 160 
DG  OP2   HOP2   sing N N 161 
DG  "O5'" "C5'"  sing N N 162 
DG  "C5'" "C4'"  sing N N 163 
DG  "C5'" "H5'"  sing N N 164 
DG  "C5'" "H5''" sing N N 165 
DG  "C4'" "O4'"  sing N N 166 
DG  "C4'" "C3'"  sing N N 167 
DG  "C4'" "H4'"  sing N N 168 
DG  "O4'" "C1'"  sing N N 169 
DG  "C3'" "O3'"  sing N N 170 
DG  "C3'" "C2'"  sing N N 171 
DG  "C3'" "H3'"  sing N N 172 
DG  "O3'" "HO3'" sing N N 173 
DG  "C2'" "C1'"  sing N N 174 
DG  "C2'" "H2'"  sing N N 175 
DG  "C2'" "H2''" sing N N 176 
DG  "C1'" N9     sing N N 177 
DG  "C1'" "H1'"  sing N N 178 
DG  N9    C8     sing Y N 179 
DG  N9    C4     sing Y N 180 
DG  C8    N7     doub Y N 181 
DG  C8    H8     sing N N 182 
DG  N7    C5     sing Y N 183 
DG  C5    C6     sing N N 184 
DG  C5    C4     doub Y N 185 
DG  C6    O6     doub N N 186 
DG  C6    N1     sing N N 187 
DG  N1    C2     sing N N 188 
DG  N1    H1     sing N N 189 
DG  C2    N2     sing N N 190 
DG  C2    N3     doub N N 191 
DG  N2    H21    sing N N 192 
DG  N2    H22    sing N N 193 
DG  N3    C4     sing N N 194 
DT  OP3   P      sing N N 195 
DT  OP3   HOP3   sing N N 196 
DT  P     OP1    doub N N 197 
DT  P     OP2    sing N N 198 
DT  P     "O5'"  sing N N 199 
DT  OP2   HOP2   sing N N 200 
DT  "O5'" "C5'"  sing N N 201 
DT  "C5'" "C4'"  sing N N 202 
DT  "C5'" "H5'"  sing N N 203 
DT  "C5'" "H5''" sing N N 204 
DT  "C4'" "O4'"  sing N N 205 
DT  "C4'" "C3'"  sing N N 206 
DT  "C4'" "H4'"  sing N N 207 
DT  "O4'" "C1'"  sing N N 208 
DT  "C3'" "O3'"  sing N N 209 
DT  "C3'" "C2'"  sing N N 210 
DT  "C3'" "H3'"  sing N N 211 
DT  "O3'" "HO3'" sing N N 212 
DT  "C2'" "C1'"  sing N N 213 
DT  "C2'" "H2'"  sing N N 214 
DT  "C2'" "H2''" sing N N 215 
DT  "C1'" N1     sing N N 216 
DT  "C1'" "H1'"  sing N N 217 
DT  N1    C2     sing N N 218 
DT  N1    C6     sing N N 219 
DT  C2    O2     doub N N 220 
DT  C2    N3     sing N N 221 
DT  N3    C4     sing N N 222 
DT  N3    H3     sing N N 223 
DT  C4    O4     doub N N 224 
DT  C4    C5     sing N N 225 
DT  C5    C7     sing N N 226 
DT  C5    C6     doub N N 227 
DT  C7    H71    sing N N 228 
DT  C7    H72    sing N N 229 
DT  C7    H73    sing N N 230 
DT  C6    H6     sing N N 231 
GLN N     CA     sing N N 232 
GLN N     H      sing N N 233 
GLN N     H2     sing N N 234 
GLN CA    C      sing N N 235 
GLN CA    CB     sing N N 236 
GLN CA    HA     sing N N 237 
GLN C     O      doub N N 238 
GLN C     OXT    sing N N 239 
GLN CB    CG     sing N N 240 
GLN CB    HB2    sing N N 241 
GLN CB    HB3    sing N N 242 
GLN CG    CD     sing N N 243 
GLN CG    HG2    sing N N 244 
GLN CG    HG3    sing N N 245 
GLN CD    OE1    doub N N 246 
GLN CD    NE2    sing N N 247 
GLN NE2   HE21   sing N N 248 
GLN NE2   HE22   sing N N 249 
GLN OXT   HXT    sing N N 250 
GLU N     CA     sing N N 251 
GLU N     H      sing N N 252 
GLU N     H2     sing N N 253 
GLU CA    C      sing N N 254 
GLU CA    CB     sing N N 255 
GLU CA    HA     sing N N 256 
GLU C     O      doub N N 257 
GLU C     OXT    sing N N 258 
GLU CB    CG     sing N N 259 
GLU CB    HB2    sing N N 260 
GLU CB    HB3    sing N N 261 
GLU CG    CD     sing N N 262 
GLU CG    HG2    sing N N 263 
GLU CG    HG3    sing N N 264 
GLU CD    OE1    doub N N 265 
GLU CD    OE2    sing N N 266 
GLU OE2   HE2    sing N N 267 
GLU OXT   HXT    sing N N 268 
GLY N     CA     sing N N 269 
GLY N     H      sing N N 270 
GLY N     H2     sing N N 271 
GLY CA    C      sing N N 272 
GLY CA    HA2    sing N N 273 
GLY CA    HA3    sing N N 274 
GLY C     O      doub N N 275 
GLY C     OXT    sing N N 276 
GLY OXT   HXT    sing N N 277 
HIS N     CA     sing N N 278 
HIS N     H      sing N N 279 
HIS N     H2     sing N N 280 
HIS CA    C      sing N N 281 
HIS CA    CB     sing N N 282 
HIS CA    HA     sing N N 283 
HIS C     O      doub N N 284 
HIS C     OXT    sing N N 285 
HIS CB    CG     sing N N 286 
HIS CB    HB2    sing N N 287 
HIS CB    HB3    sing N N 288 
HIS CG    ND1    sing Y N 289 
HIS CG    CD2    doub Y N 290 
HIS ND1   CE1    doub Y N 291 
HIS ND1   HD1    sing N N 292 
HIS CD2   NE2    sing Y N 293 
HIS CD2   HD2    sing N N 294 
HIS CE1   NE2    sing Y N 295 
HIS CE1   HE1    sing N N 296 
HIS NE2   HE2    sing N N 297 
HIS OXT   HXT    sing N N 298 
HOH O     H1     sing N N 299 
HOH O     H2     sing N N 300 
ILE N     CA     sing N N 301 
ILE N     H      sing N N 302 
ILE N     H2     sing N N 303 
ILE CA    C      sing N N 304 
ILE CA    CB     sing N N 305 
ILE CA    HA     sing N N 306 
ILE C     O      doub N N 307 
ILE C     OXT    sing N N 308 
ILE CB    CG1    sing N N 309 
ILE CB    CG2    sing N N 310 
ILE CB    HB     sing N N 311 
ILE CG1   CD1    sing N N 312 
ILE CG1   HG12   sing N N 313 
ILE CG1   HG13   sing N N 314 
ILE CG2   HG21   sing N N 315 
ILE CG2   HG22   sing N N 316 
ILE CG2   HG23   sing N N 317 
ILE CD1   HD11   sing N N 318 
ILE CD1   HD12   sing N N 319 
ILE CD1   HD13   sing N N 320 
ILE OXT   HXT    sing N N 321 
LEU N     CA     sing N N 322 
LEU N     H      sing N N 323 
LEU N     H2     sing N N 324 
LEU CA    C      sing N N 325 
LEU CA    CB     sing N N 326 
LEU CA    HA     sing N N 327 
LEU C     O      doub N N 328 
LEU C     OXT    sing N N 329 
LEU CB    CG     sing N N 330 
LEU CB    HB2    sing N N 331 
LEU CB    HB3    sing N N 332 
LEU CG    CD1    sing N N 333 
LEU CG    CD2    sing N N 334 
LEU CG    HG     sing N N 335 
LEU CD1   HD11   sing N N 336 
LEU CD1   HD12   sing N N 337 
LEU CD1   HD13   sing N N 338 
LEU CD2   HD21   sing N N 339 
LEU CD2   HD22   sing N N 340 
LEU CD2   HD23   sing N N 341 
LEU OXT   HXT    sing N N 342 
LYS N     CA     sing N N 343 
LYS N     H      sing N N 344 
LYS N     H2     sing N N 345 
LYS CA    C      sing N N 346 
LYS CA    CB     sing N N 347 
LYS CA    HA     sing N N 348 
LYS C     O      doub N N 349 
LYS C     OXT    sing N N 350 
LYS CB    CG     sing N N 351 
LYS CB    HB2    sing N N 352 
LYS CB    HB3    sing N N 353 
LYS CG    CD     sing N N 354 
LYS CG    HG2    sing N N 355 
LYS CG    HG3    sing N N 356 
LYS CD    CE     sing N N 357 
LYS CD    HD2    sing N N 358 
LYS CD    HD3    sing N N 359 
LYS CE    NZ     sing N N 360 
LYS CE    HE2    sing N N 361 
LYS CE    HE3    sing N N 362 
LYS NZ    HZ1    sing N N 363 
LYS NZ    HZ2    sing N N 364 
LYS NZ    HZ3    sing N N 365 
LYS OXT   HXT    sing N N 366 
MET N     CA     sing N N 367 
MET N     H      sing N N 368 
MET N     H2     sing N N 369 
MET CA    C      sing N N 370 
MET CA    CB     sing N N 371 
MET CA    HA     sing N N 372 
MET C     O      doub N N 373 
MET C     OXT    sing N N 374 
MET CB    CG     sing N N 375 
MET CB    HB2    sing N N 376 
MET CB    HB3    sing N N 377 
MET CG    SD     sing N N 378 
MET CG    HG2    sing N N 379 
MET CG    HG3    sing N N 380 
MET SD    CE     sing N N 381 
MET CE    HE1    sing N N 382 
MET CE    HE2    sing N N 383 
MET CE    HE3    sing N N 384 
MET OXT   HXT    sing N N 385 
PHE N     CA     sing N N 386 
PHE N     H      sing N N 387 
PHE N     H2     sing N N 388 
PHE CA    C      sing N N 389 
PHE CA    CB     sing N N 390 
PHE CA    HA     sing N N 391 
PHE C     O      doub N N 392 
PHE C     OXT    sing N N 393 
PHE CB    CG     sing N N 394 
PHE CB    HB2    sing N N 395 
PHE CB    HB3    sing N N 396 
PHE CG    CD1    doub Y N 397 
PHE CG    CD2    sing Y N 398 
PHE CD1   CE1    sing Y N 399 
PHE CD1   HD1    sing N N 400 
PHE CD2   CE2    doub Y N 401 
PHE CD2   HD2    sing N N 402 
PHE CE1   CZ     doub Y N 403 
PHE CE1   HE1    sing N N 404 
PHE CE2   CZ     sing Y N 405 
PHE CE2   HE2    sing N N 406 
PHE CZ    HZ     sing N N 407 
PHE OXT   HXT    sing N N 408 
PRO N     CA     sing N N 409 
PRO N     CD     sing N N 410 
PRO N     H      sing N N 411 
PRO CA    C      sing N N 412 
PRO CA    CB     sing N N 413 
PRO CA    HA     sing N N 414 
PRO C     O      doub N N 415 
PRO C     OXT    sing N N 416 
PRO CB    CG     sing N N 417 
PRO CB    HB2    sing N N 418 
PRO CB    HB3    sing N N 419 
PRO CG    CD     sing N N 420 
PRO CG    HG2    sing N N 421 
PRO CG    HG3    sing N N 422 
PRO CD    HD2    sing N N 423 
PRO CD    HD3    sing N N 424 
PRO OXT   HXT    sing N N 425 
SER N     CA     sing N N 426 
SER N     H      sing N N 427 
SER N     H2     sing N N 428 
SER CA    C      sing N N 429 
SER CA    CB     sing N N 430 
SER CA    HA     sing N N 431 
SER C     O      doub N N 432 
SER C     OXT    sing N N 433 
SER CB    OG     sing N N 434 
SER CB    HB2    sing N N 435 
SER CB    HB3    sing N N 436 
SER OG    HG     sing N N 437 
SER OXT   HXT    sing N N 438 
THR N     CA     sing N N 439 
THR N     H      sing N N 440 
THR N     H2     sing N N 441 
THR CA    C      sing N N 442 
THR CA    CB     sing N N 443 
THR CA    HA     sing N N 444 
THR C     O      doub N N 445 
THR C     OXT    sing N N 446 
THR CB    OG1    sing N N 447 
THR CB    CG2    sing N N 448 
THR CB    HB     sing N N 449 
THR OG1   HG1    sing N N 450 
THR CG2   HG21   sing N N 451 
THR CG2   HG22   sing N N 452 
THR CG2   HG23   sing N N 453 
THR OXT   HXT    sing N N 454 
TYR N     CA     sing N N 455 
TYR N     H      sing N N 456 
TYR N     H2     sing N N 457 
TYR CA    C      sing N N 458 
TYR CA    CB     sing N N 459 
TYR CA    HA     sing N N 460 
TYR C     O      doub N N 461 
TYR C     OXT    sing N N 462 
TYR CB    CG     sing N N 463 
TYR CB    HB2    sing N N 464 
TYR CB    HB3    sing N N 465 
TYR CG    CD1    doub Y N 466 
TYR CG    CD2    sing Y N 467 
TYR CD1   CE1    sing Y N 468 
TYR CD1   HD1    sing N N 469 
TYR CD2   CE2    doub Y N 470 
TYR CD2   HD2    sing N N 471 
TYR CE1   CZ     doub Y N 472 
TYR CE1   HE1    sing N N 473 
TYR CE2   CZ     sing Y N 474 
TYR CE2   HE2    sing N N 475 
TYR CZ    OH     sing N N 476 
TYR OH    HH     sing N N 477 
TYR OXT   HXT    sing N N 478 
VAL N     CA     sing N N 479 
VAL N     H      sing N N 480 
VAL N     H2     sing N N 481 
VAL CA    C      sing N N 482 
VAL CA    CB     sing N N 483 
VAL CA    HA     sing N N 484 
VAL C     O      doub N N 485 
VAL C     OXT    sing N N 486 
VAL CB    CG1    sing N N 487 
VAL CB    CG2    sing N N 488 
VAL CB    HB     sing N N 489 
VAL CG1   HG11   sing N N 490 
VAL CG1   HG12   sing N N 491 
VAL CG1   HG13   sing N N 492 
VAL CG2   HG21   sing N N 493 
VAL CG2   HG22   sing N N 494 
VAL CG2   HG23   sing N N 495 
VAL OXT   HXT    sing N N 496 
# 
_ndb_struct_conf_na.entry_id   2DPU 
_ndb_struct_conf_na.feature    'b-form double helix' 
# 
loop_
_ndb_struct_na_base_pair.model_number 
_ndb_struct_na_base_pair.i_label_asym_id 
_ndb_struct_na_base_pair.i_label_comp_id 
_ndb_struct_na_base_pair.i_label_seq_id 
_ndb_struct_na_base_pair.i_symmetry 
_ndb_struct_na_base_pair.j_label_asym_id 
_ndb_struct_na_base_pair.j_label_comp_id 
_ndb_struct_na_base_pair.j_label_seq_id 
_ndb_struct_na_base_pair.j_symmetry 
_ndb_struct_na_base_pair.shear 
_ndb_struct_na_base_pair.stretch 
_ndb_struct_na_base_pair.stagger 
_ndb_struct_na_base_pair.buckle 
_ndb_struct_na_base_pair.propeller 
_ndb_struct_na_base_pair.opening 
_ndb_struct_na_base_pair.pair_number 
_ndb_struct_na_base_pair.pair_name 
_ndb_struct_na_base_pair.i_auth_asym_id 
_ndb_struct_na_base_pair.i_auth_seq_id 
_ndb_struct_na_base_pair.i_PDB_ins_code 
_ndb_struct_na_base_pair.j_auth_asym_id 
_ndb_struct_na_base_pair.j_auth_seq_id 
_ndb_struct_na_base_pair.j_PDB_ins_code 
_ndb_struct_na_base_pair.hbond_type_28 
_ndb_struct_na_base_pair.hbond_type_12 
1 A DA 1  1_555 B DT 10 1_555 -0.612 -0.079 0.202  0.268  -11.898 7.301  1  D_DA12:DT10_E D 12 ? E 10 ? 20 1 
1 A DT 2  1_555 B DA 9  1_555 0.894  -0.323 -0.034 3.915  -4.469  -5.624 2  D_DT13:DA9_E  D 13 ? E 9  ? 20 1 
1 A DG 3  1_555 B DC 8  1_555 -0.087 -0.130 0.205  0.622  -15.960 -5.156 3  D_DG14:DC8_E  D 14 ? E 8  ? 19 1 
1 A DT 4  1_555 B DA 7  1_555 -0.452 -0.104 -0.165 -3.486 -6.259  -4.667 4  D_DT15:DA7_E  D 15 ? E 7  ? 20 1 
1 A DT 5  1_555 B DA 6  1_555 -0.219 -0.219 0.074  -8.993 -8.806  -8.250 5  D_DT16:DA6_E  D 16 ? E 6  ? 20 1 
1 A DC 6  1_555 B DG 5  1_555 -0.319 0.278  -0.064 1.897  -9.064  11.261 6  D_DC17:DG5_E  D 17 ? E 5  ? ?  1 
1 A DA 7  1_555 B DT 4  1_555 0.451  -0.269 -0.010 -2.677 1.542   -0.196 7  D_DA18:DT4_E  D 18 ? E 4  ? 20 1 
1 A DT 8  1_555 B DA 3  1_555 0.332  -0.214 -0.316 11.421 2.219   1.747  8  D_DT19:DA3_E  D 19 ? E 3  ? 20 1 
1 A DA 9  1_555 B DT 2  1_555 -0.351 -0.464 -0.470 -1.405 2.383   -7.190 9  D_DA20:DT2_E  D 20 ? E 2  ? 20 1 
1 A DG 10 1_555 B DC 1  1_555 0.939  -0.190 -0.137 18.308 0.655   -1.483 10 D_DG21:DC1_E  D 21 ? E 1  ? 19 1 
# 
loop_
_ndb_struct_na_base_pair_step.model_number 
_ndb_struct_na_base_pair_step.i_label_asym_id_1 
_ndb_struct_na_base_pair_step.i_label_comp_id_1 
_ndb_struct_na_base_pair_step.i_label_seq_id_1 
_ndb_struct_na_base_pair_step.i_symmetry_1 
_ndb_struct_na_base_pair_step.j_label_asym_id_1 
_ndb_struct_na_base_pair_step.j_label_comp_id_1 
_ndb_struct_na_base_pair_step.j_label_seq_id_1 
_ndb_struct_na_base_pair_step.j_symmetry_1 
_ndb_struct_na_base_pair_step.i_label_asym_id_2 
_ndb_struct_na_base_pair_step.i_label_comp_id_2 
_ndb_struct_na_base_pair_step.i_label_seq_id_2 
_ndb_struct_na_base_pair_step.i_symmetry_2 
_ndb_struct_na_base_pair_step.j_label_asym_id_2 
_ndb_struct_na_base_pair_step.j_label_comp_id_2 
_ndb_struct_na_base_pair_step.j_label_seq_id_2 
_ndb_struct_na_base_pair_step.j_symmetry_2 
_ndb_struct_na_base_pair_step.shift 
_ndb_struct_na_base_pair_step.slide 
_ndb_struct_na_base_pair_step.rise 
_ndb_struct_na_base_pair_step.tilt 
_ndb_struct_na_base_pair_step.roll 
_ndb_struct_na_base_pair_step.twist 
_ndb_struct_na_base_pair_step.x_displacement 
_ndb_struct_na_base_pair_step.y_displacement 
_ndb_struct_na_base_pair_step.helical_rise 
_ndb_struct_na_base_pair_step.inclination 
_ndb_struct_na_base_pair_step.tip 
_ndb_struct_na_base_pair_step.helical_twist 
_ndb_struct_na_base_pair_step.step_number 
_ndb_struct_na_base_pair_step.step_name 
_ndb_struct_na_base_pair_step.i_auth_asym_id_1 
_ndb_struct_na_base_pair_step.i_auth_seq_id_1 
_ndb_struct_na_base_pair_step.i_PDB_ins_code_1 
_ndb_struct_na_base_pair_step.j_auth_asym_id_1 
_ndb_struct_na_base_pair_step.j_auth_seq_id_1 
_ndb_struct_na_base_pair_step.j_PDB_ins_code_1 
_ndb_struct_na_base_pair_step.i_auth_asym_id_2 
_ndb_struct_na_base_pair_step.i_auth_seq_id_2 
_ndb_struct_na_base_pair_step.i_PDB_ins_code_2 
_ndb_struct_na_base_pair_step.j_auth_asym_id_2 
_ndb_struct_na_base_pair_step.j_auth_seq_id_2 
_ndb_struct_na_base_pair_step.j_PDB_ins_code_2 
1 A DA 1 1_555 B DT 10 1_555 A DT 2  1_555 B DA 9 1_555 0.171  -0.321 3.174 0.824  0.087  38.322 -0.500 -0.161 3.176 0.132  -1.256 
38.330 1 DD_DA12DT13:DA9DT10_EE D 12 ? E 10 ? D 13 ? E 9 ? 
1 A DT 2 1_555 B DA 9  1_555 A DG 3  1_555 B DC 8 1_555 -0.468 -0.865 3.208 -2.966 3.528  29.494 -2.393 0.309  3.117 6.877  5.782  
29.845 2 DD_DT13DG14:DC8DA9_EE  D 13 ? E 9  ? D 14 ? E 8 ? 
1 A DG 3 1_555 B DC 8  1_555 A DT 4  1_555 B DA 7 1_555 -0.597 -0.742 3.471 4.041  -4.795 33.936 -0.458 1.676  3.449 -8.129 -6.851 
34.493 3 DD_DG14DT15:DA7DC8_EE  D 14 ? E 8  ? D 15 ? E 7 ? 
1 A DT 4 1_555 B DA 7  1_555 A DT 5  1_555 B DA 6 1_555 0.386  -0.530 3.346 -1.301 -0.444 38.761 -0.743 -0.743 3.338 -0.669 1.959  
38.785 4 DD_DT15DT16:DA6DA7_EE  D 15 ? E 7  ? D 16 ? E 6 ? 
1 A DT 5 1_555 B DA 6  1_555 A DC 6  1_555 B DG 5 1_555 0.713  -0.423 2.907 0.276  -1.188 34.304 -0.552 -1.170 2.925 -2.013 -0.467 
34.325 5 DD_DT16DC17:DG5DA6_EE  D 16 ? E 6  ? D 17 ? E 5 ? 
1 A DC 6 1_555 B DG 5  1_555 A DA 7  1_555 B DT 4 1_555 -1.390 -0.593 3.288 -4.057 6.747  37.494 -1.762 1.604  3.264 10.356 6.228  
38.282 6 DD_DC17DA18:DT4DG5_EE  D 17 ? E 5  ? D 18 ? E 4 ? 
1 A DA 7 1_555 B DT 4  1_555 A DT 8  1_555 B DA 3 1_555 -0.357 -0.540 3.014 -0.540 0.872  29.087 -1.250 0.601  3.003 1.735  1.075  
29.104 7 DD_DA18DT19:DA3DT4_EE  D 18 ? E 4  ? D 19 ? E 3 ? 
1 A DT 8 1_555 B DA 3  1_555 A DA 9  1_555 B DT 2 1_555 -0.454 -1.136 3.612 -1.206 8.100  26.041 -4.546 0.645  3.140 17.435 2.595  
27.277 8 DD_DT19DA20:DT2DA3_EE  D 19 ? E 3  ? D 20 ? E 2 ? 
1 A DA 9 1_555 B DT 2  1_555 A DG 10 1_555 B DC 1 1_555 0.782  -0.105 3.112 -0.750 -1.602 39.560 0.023  -1.238 3.099 -2.366 1.107  
39.598 9 DD_DA20DG21:DC1DT2_EE  D 20 ? E 2  ? D 21 ? E 1 ? 
# 
_atom_sites.entry_id                    2DPU 
_atom_sites.fract_transf_matrix[1][1]   0.01434837 
_atom_sites.fract_transf_matrix[1][2]   0.00288466 
_atom_sites.fract_transf_matrix[1][3]   0.00597201 
_atom_sites.fract_transf_matrix[2][1]   0.01290099 
_atom_sites.fract_transf_matrix[2][2]   -0.00299395 
_atom_sites.fract_transf_matrix[2][3]   -0.00862913 
_atom_sites.fract_transf_matrix[3][1]   -0.00047372 
_atom_sites.fract_transf_matrix[3][2]   0.01356930 
_atom_sites.fract_transf_matrix[3][3]   -0.00541623 
_atom_sites.fract_transf_vector[1]      0.302295 
_atom_sites.fract_transf_vector[2]      0.287376 
_atom_sites.fract_transf_vector[3]      0.073445 
# 
loop_
_atom_type.symbol 
C 
N 
O 
P 
S 
# 
loop_
_atom_site.group_PDB 
_atom_site.id 
_atom_site.type_symbol 
_atom_site.label_atom_id 
_atom_site.label_alt_id 
_atom_site.label_comp_id 
_atom_site.label_asym_id 
_atom_site.label_entity_id 
_atom_site.label_seq_id 
_atom_site.pdbx_PDB_ins_code 
_atom_site.Cartn_x 
_atom_site.Cartn_y 
_atom_site.Cartn_z 
_atom_site.occupancy 
_atom_site.B_iso_or_equiv 
_atom_site.pdbx_formal_charge 
_atom_site.auth_seq_id 
_atom_site.auth_comp_id 
_atom_site.auth_asym_id 
_atom_site.auth_atom_id 
_atom_site.pdbx_PDB_model_num 
ATOM   1    P P     . DA  A 1 1   ? 12.079  -7.725  6.984   1.00 45.69  ? 12  DA  D P     1 
ATOM   2    O OP1   . DA  A 1 1   ? 10.652  -7.899  7.375   1.00 45.45  ? 12  DA  D OP1   1 
ATOM   3    O OP2   . DA  A 1 1   ? 13.079  -7.191  7.946   1.00 44.69  ? 12  DA  D OP2   1 
ATOM   4    O "O5'" . DA  A 1 1   ? 12.168  -6.866  5.628   1.00 44.59  ? 12  DA  D "O5'" 1 
ATOM   5    C "C5'" . DA  A 1 1   ? 13.195  -7.140  4.660   1.00 41.70  ? 12  DA  D "C5'" 1 
ATOM   6    C "C4'" . DA  A 1 1   ? 12.633  -7.813  3.425   1.00 38.81  ? 12  DA  D "C4'" 1 
ATOM   7    O "O4'" . DA  A 1 1   ? 12.724  -9.240  3.594   1.00 36.79  ? 12  DA  D "O4'" 1 
ATOM   8    C "C3'" . DA  A 1 1   ? 11.162  -7.533  3.169   1.00 38.25  ? 12  DA  D "C3'" 1 
ATOM   9    O "O3'" . DA  A 1 1   ? 11.099  -6.454  2.223   1.00 39.60  ? 12  DA  D "O3'" 1 
ATOM   10   C "C2'" . DA  A 1 1   ? 10.582  -8.890  2.743   1.00 36.70  ? 12  DA  D "C2'" 1 
ATOM   11   C "C1'" . DA  A 1 1   ? 11.795  -9.821  2.715   1.00 34.71  ? 12  DA  D "C1'" 1 
ATOM   12   N N9    . DA  A 1 1   ? 11.606  -11.194 3.192   1.00 33.96  ? 12  DA  D N9    1 
ATOM   13   C C8    . DA  A 1 1   ? 11.046  -11.566 4.383   1.00 33.53  ? 12  DA  D C8    1 
ATOM   14   N N7    . DA  A 1 1   ? 11.013  -12.869 4.567   1.00 33.70  ? 12  DA  D N7    1 
ATOM   15   C C5    . DA  A 1 1   ? 11.600  -13.397 3.428   1.00 33.43  ? 12  DA  D C5    1 
ATOM   16   C C6    . DA  A 1 1   ? 11.866  -14.727 3.020   1.00 33.14  ? 12  DA  D C6    1 
ATOM   17   N N6    . DA  A 1 1   ? 11.556  -15.781 3.766   1.00 33.14  ? 12  DA  D N6    1 
ATOM   18   N N1    . DA  A 1 1   ? 12.467  -14.935 1.828   1.00 33.22  ? 12  DA  D N1    1 
ATOM   19   C C2    . DA  A 1 1   ? 12.779  -13.855 1.094   1.00 33.60  ? 12  DA  D C2    1 
ATOM   20   N N3    . DA  A 1 1   ? 12.579  -12.553 1.364   1.00 33.34  ? 12  DA  D N3    1 
ATOM   21   C C4    . DA  A 1 1   ? 11.978  -12.378 2.563   1.00 33.69  ? 12  DA  D C4    1 
ATOM   22   P P     . DT  A 1 2   ? 10.250  -6.481  0.866   1.00 41.10  ? 13  DT  D P     1 
ATOM   23   O OP1   . DT  A 1 2   ? 10.782  -5.420  -0.028  1.00 40.08  ? 13  DT  D OP1   1 
ATOM   24   O OP2   . DT  A 1 2   ? 8.818   -6.496  1.239   1.00 41.21  ? 13  DT  D OP2   1 
ATOM   25   O "O5'" . DT  A 1 2   ? 10.601  -7.918  0.253   1.00 41.15  ? 13  DT  D "O5'" 1 
ATOM   26   C "C5'" . DT  A 1 2   ? 10.935  -8.060  -1.113  1.00 41.70  ? 13  DT  D "C5'" 1 
ATOM   27   C "C4'" . DT  A 1 2   ? 10.620  -9.465  -1.584  1.00 41.63  ? 13  DT  D "C4'" 1 
ATOM   28   O "O4'" . DT  A 1 2   ? 10.549  -10.389 -0.468  1.00 40.33  ? 13  DT  D "O4'" 1 
ATOM   29   C "C3'" . DT  A 1 2   ? 9.277   -9.578  -2.290  1.00 42.64  ? 13  DT  D "C3'" 1 
ATOM   30   O "O3'" . DT  A 1 2   ? 9.417   -10.223 -3.553  1.00 45.48  ? 13  DT  D "O3'" 1 
ATOM   31   C "C2'" . DT  A 1 2   ? 8.448   -10.430 -1.334  1.00 41.36  ? 13  DT  D "C2'" 1 
ATOM   32   C "C1'" . DT  A 1 2   ? 9.558   -11.331 -0.826  1.00 38.89  ? 13  DT  D "C1'" 1 
ATOM   33   N N1    . DT  A 1 2   ? 9.197   -12.226 0.321   1.00 38.00  ? 13  DT  D N1    1 
ATOM   34   C C2    . DT  A 1 2   ? 9.461   -13.591 0.239   1.00 37.47  ? 13  DT  D C2    1 
ATOM   35   O O2    . DT  A 1 2   ? 9.978   -14.140 -0.725  1.00 37.07  ? 13  DT  D O2    1 
ATOM   36   N N3    . DT  A 1 2   ? 9.096   -14.311 1.353   1.00 37.02  ? 13  DT  D N3    1 
ATOM   37   C C4    . DT  A 1 2   ? 8.507   -13.817 2.507   1.00 37.16  ? 13  DT  D C4    1 
ATOM   38   O O4    . DT  A 1 2   ? 8.214   -14.540 3.452   1.00 37.00  ? 13  DT  D O4    1 
ATOM   39   C C5    . DT  A 1 2   ? 8.260   -12.393 2.525   1.00 36.94  ? 13  DT  D C5    1 
ATOM   40   C C7    . DT  A 1 2   ? 7.600   -11.761 3.711   1.00 36.63  ? 13  DT  D C7    1 
ATOM   41   C C6    . DT  A 1 2   ? 8.610   -11.674 1.450   1.00 37.43  ? 13  DT  D C6    1 
ATOM   42   P P     . DG  A 1 3   ? 8.500   -9.687  -4.756  1.00 48.49  ? 14  DG  D P     1 
ATOM   43   O OP1   . DG  A 1 3   ? 9.107   -8.400  -5.186  1.00 48.86  ? 14  DG  D OP1   1 
ATOM   44   O OP2   . DG  A 1 3   ? 7.078   -9.740  -4.319  1.00 48.60  ? 14  DG  D OP2   1 
ATOM   45   O "O5'" . DG  A 1 3   ? 8.681   -10.729 -5.964  1.00 47.64  ? 14  DG  D "O5'" 1 
ATOM   46   C "C5'" . DG  A 1 3   ? 9.824   -11.564 -6.108  1.00 45.38  ? 14  DG  D "C5'" 1 
ATOM   47   C "C4'" . DG  A 1 3   ? 9.415   -13.005 -5.868  1.00 43.65  ? 14  DG  D "C4'" 1 
ATOM   48   O "O4'" . DG  A 1 3   ? 8.949   -13.164 -4.507  1.00 42.07  ? 14  DG  D "O4'" 1 
ATOM   49   C "C3'" . DG  A 1 3   ? 8.256   -13.503 -6.724  1.00 43.75  ? 14  DG  D "C3'" 1 
ATOM   50   O "O3'" . DG  A 1 3   ? 8.755   -14.393 -7.734  1.00 45.21  ? 14  DG  D "O3'" 1 
ATOM   51   C "C2'" . DG  A 1 3   ? 7.301   -14.156 -5.709  1.00 42.63  ? 14  DG  D "C2'" 1 
ATOM   52   C "C1'" . DG  A 1 3   ? 8.201   -14.359 -4.500  1.00 39.81  ? 14  DG  D "C1'" 1 
ATOM   53   N N9    . DG  A 1 3   ? 7.565   -14.544 -3.184  1.00 39.06  ? 14  DG  D N9    1 
ATOM   54   C C8    . DG  A 1 3   ? 7.040   -13.566 -2.365  1.00 38.64  ? 14  DG  D C8    1 
ATOM   55   N N7    . DG  A 1 3   ? 6.563   -14.010 -1.232  1.00 37.79  ? 14  DG  D N7    1 
ATOM   56   C C5    . DG  A 1 3   ? 6.785   -15.374 -1.296  1.00 38.05  ? 14  DG  D C5    1 
ATOM   57   C C6    . DG  A 1 3   ? 6.472   -16.385 -0.351  1.00 38.75  ? 14  DG  D C6    1 
ATOM   58   O O6    . DG  A 1 3   ? 5.916   -16.247 0.750   1.00 38.85  ? 14  DG  D O6    1 
ATOM   59   N N1    . DG  A 1 3   ? 6.862   -17.658 -0.779  1.00 38.82  ? 14  DG  D N1    1 
ATOM   60   C C2    . DG  A 1 3   ? 7.474   -17.916 -1.986  1.00 38.53  ? 14  DG  D C2    1 
ATOM   61   N N2    . DG  A 1 3   ? 7.772   -19.200 -2.225  1.00 38.37  ? 14  DG  D N2    1 
ATOM   62   N N3    . DG  A 1 3   ? 7.777   -16.973 -2.883  1.00 38.42  ? 14  DG  D N3    1 
ATOM   63   C C4    . DG  A 1 3   ? 7.404   -15.726 -2.481  1.00 38.33  ? 14  DG  D C4    1 
ATOM   64   P P     . DT  A 1 4   ? 7.782   -15.291 -8.650  1.00 46.67  ? 15  DT  D P     1 
ATOM   65   O OP1   . DT  A 1 4   ? 8.537   -15.713 -9.861  1.00 47.17  ? 15  DT  D OP1   1 
ATOM   66   O OP2   . DT  A 1 4   ? 6.462   -14.624 -8.796  1.00 46.57  ? 15  DT  D OP2   1 
ATOM   67   O "O5'" . DT  A 1 4   ? 7.604   -16.556 -7.697  1.00 46.33  ? 15  DT  D "O5'" 1 
ATOM   68   C "C5'" . DT  A 1 4   ? 8.493   -17.657 -7.762  1.00 46.10  ? 15  DT  D "C5'" 1 
ATOM   69   C "C4'" . DT  A 1 4   ? 7.633   -18.898 -7.693  1.00 46.03  ? 15  DT  D "C4'" 1 
ATOM   70   O "O4'" . DT  A 1 4   ? 7.086   -19.006 -6.354  1.00 45.79  ? 15  DT  D "O4'" 1 
ATOM   71   C "C3'" . DT  A 1 4   ? 6.448   -18.862 -8.655  1.00 46.20  ? 15  DT  D "C3'" 1 
ATOM   72   O "O3'" . DT  A 1 4   ? 6.465   -20.089 -9.403  1.00 47.59  ? 15  DT  D "O3'" 1 
ATOM   73   C "C2'" . DT  A 1 4   ? 5.224   -18.583 -7.767  1.00 45.20  ? 15  DT  D "C2'" 1 
ATOM   74   C "C1'" . DT  A 1 4   ? 5.671   -19.116 -6.399  1.00 43.61  ? 15  DT  D "C1'" 1 
ATOM   75   N N1    . DT  A 1 4   ? 5.046   -18.452 -5.178  1.00 42.08  ? 15  DT  D N1    1 
ATOM   76   C C2    . DT  A 1 4   ? 4.752   -19.206 -4.037  1.00 41.34  ? 15  DT  D C2    1 
ATOM   77   O O2    . DT  A 1 4   ? 4.951   -20.405 -3.905  1.00 41.18  ? 15  DT  D O2    1 
ATOM   78   N N3    . DT  A 1 4   ? 4.185   -18.503 -3.011  1.00 40.58  ? 15  DT  D N3    1 
ATOM   79   C C4    . DT  A 1 4   ? 3.895   -17.154 -3.003  1.00 41.26  ? 15  DT  D C4    1 
ATOM   80   O O4    . DT  A 1 4   ? 3.386   -16.643 -2.013  1.00 41.83  ? 15  DT  D O4    1 
ATOM   81   C C5    . DT  A 1 4   ? 4.226   -16.421 -4.214  1.00 40.63  ? 15  DT  D C5    1 
ATOM   82   C C7    . DT  A 1 4   ? 4.005   -14.941 -4.325  1.00 39.69  ? 15  DT  D C7    1 
ATOM   83   C C6    . DT  A 1 4   ? 4.780   -17.096 -5.227  1.00 40.77  ? 15  DT  D C6    1 
ATOM   84   P P     . DT  A 1 5   ? 5.426   -21.306 -9.270  1.00 48.58  ? 16  DT  D P     1 
ATOM   85   O OP1   . DT  A 1 5   ? 5.749   -22.251 -10.369 1.00 49.00  ? 16  DT  D OP1   1 
ATOM   86   O OP2   . DT  A 1 5   ? 4.063   -20.732 -9.142  1.00 48.57  ? 16  DT  D OP2   1 
ATOM   87   O "O5'" . DT  A 1 5   ? 5.808   -22.065 -7.916  1.00 48.05  ? 16  DT  D "O5'" 1 
ATOM   88   C "C5'" . DT  A 1 5   ? 5.395   -23.427 -7.772  1.00 47.12  ? 16  DT  D "C5'" 1 
ATOM   89   C "C4'" . DT  A 1 5   ? 4.382   -23.628 -6.651  1.00 46.36  ? 16  DT  D "C4'" 1 
ATOM   90   O "O4'" . DT  A 1 5   ? 3.974   -22.385 -6.024  1.00 45.53  ? 16  DT  D "O4'" 1 
ATOM   91   C "C3'" . DT  A 1 5   ? 3.084   -24.312 -7.062  1.00 46.33  ? 16  DT  D "C3'" 1 
ATOM   92   O "O3'" . DT  A 1 5   ? 3.047   -25.572 -6.404  1.00 47.48  ? 16  DT  D "O3'" 1 
ATOM   93   C "C2'" . DT  A 1 5   ? 1.982   -23.374 -6.567  1.00 45.64  ? 16  DT  D "C2'" 1 
ATOM   94   C "C1'" . DT  A 1 5   ? 2.709   -22.639 -5.450  1.00 44.64  ? 16  DT  D "C1'" 1 
ATOM   95   N N1    . DT  A 1 5   ? 2.103   -21.344 -4.962  1.00 43.94  ? 16  DT  D N1    1 
ATOM   96   C C2    . DT  A 1 5   ? 1.530   -21.270 -3.697  1.00 43.48  ? 16  DT  D C2    1 
ATOM   97   O O2    . DT  A 1 5   ? 1.449   -22.200 -2.913  1.00 43.57  ? 16  DT  D O2    1 
ATOM   98   N N3    . DT  A 1 5   ? 1.028   -20.040 -3.367  1.00 43.09  ? 16  DT  D N3    1 
ATOM   99   C C4    . DT  A 1 5   ? 1.044   -18.903 -4.148  1.00 43.59  ? 16  DT  D C4    1 
ATOM   100  O O4    . DT  A 1 5   ? 0.559   -17.854 -3.737  1.00 44.00  ? 16  DT  D O4    1 
ATOM   101  C C5    . DT  A 1 5   ? 1.657   -19.041 -5.456  1.00 43.33  ? 16  DT  D C5    1 
ATOM   102  C C7    . DT  A 1 5   ? 1.690   -17.906 -6.441  1.00 43.50  ? 16  DT  D C7    1 
ATOM   103  C C6    . DT  A 1 5   ? 2.149   -20.238 -5.790  1.00 43.28  ? 16  DT  D C6    1 
ATOM   104  P P     . DC  A 1 6   ? 1.888   -26.641 -6.681  1.00 48.31  ? 17  DC  D P     1 
ATOM   105  O OP1   . DC  A 1 6   ? 2.481   -28.003 -6.626  1.00 47.69  ? 17  DC  D OP1   1 
ATOM   106  O OP2   . DC  A 1 6   ? 1.141   -26.209 -7.887  1.00 48.46  ? 17  DC  D OP2   1 
ATOM   107  O "O5'" . DC  A 1 6   ? 0.956   -26.427 -5.399  1.00 48.50  ? 17  DC  D "O5'" 1 
ATOM   108  C "C5'" . DC  A 1 6   ? 1.315   -27.015 -4.154  1.00 48.87  ? 17  DC  D "C5'" 1 
ATOM   109  C "C4'" . DC  A 1 6   ? 0.311   -26.624 -3.086  1.00 49.08  ? 17  DC  D "C4'" 1 
ATOM   110  O "O4'" . DC  A 1 6   ? 0.121   -25.188 -3.122  1.00 49.22  ? 17  DC  D "O4'" 1 
ATOM   111  C "C3'" . DC  A 1 6   ? -1.073  -27.250 -3.233  1.00 49.10  ? 17  DC  D "C3'" 1 
ATOM   112  O "O3'" . DC  A 1 6   ? -1.438  -27.839 -1.962  1.00 48.92  ? 17  DC  D "O3'" 1 
ATOM   113  C "C2'" . DC  A 1 6   ? -1.954  -26.076 -3.694  1.00 49.17  ? 17  DC  D "C2'" 1 
ATOM   114  C "C1'" . DC  A 1 6   ? -1.257  -24.898 -3.026  1.00 49.26  ? 17  DC  D "C1'" 1 
ATOM   115  N N1    . DC  A 1 6   ? -1.445  -23.525 -3.604  1.00 49.38  ? 17  DC  D N1    1 
ATOM   116  C C2    . DC  A 1 6   ? -1.902  -22.492 -2.762  1.00 49.64  ? 17  DC  D C2    1 
ATOM   117  O O2    . DC  A 1 6   ? -2.169  -22.747 -1.580  1.00 49.81  ? 17  DC  D O2    1 
ATOM   118  N N3    . DC  A 1 6   ? -2.056  -21.236 -3.265  1.00 49.56  ? 17  DC  D N3    1 
ATOM   119  C C4    . DC  A 1 6   ? -1.761  -20.992 -4.545  1.00 49.54  ? 17  DC  D C4    1 
ATOM   120  N N4    . DC  A 1 6   ? -1.928  -19.741 -4.992  1.00 49.38  ? 17  DC  D N4    1 
ATOM   121  C C5    . DC  A 1 6   ? -1.284  -22.026 -5.417  1.00 49.66  ? 17  DC  D C5    1 
ATOM   122  C C6    . DC  A 1 6   ? -1.137  -23.262 -4.911  1.00 49.34  ? 17  DC  D C6    1 
ATOM   123  P P     . DA  A 1 7   ? -2.880  -28.478 -1.639  1.00 49.03  ? 18  DA  D P     1 
ATOM   124  O OP1   . DA  A 1 7   ? -2.732  -29.424 -0.502  1.00 48.89  ? 18  DA  D OP1   1 
ATOM   125  O OP2   . DA  A 1 7   ? -3.505  -28.944 -2.897  1.00 49.00  ? 18  DA  D OP2   1 
ATOM   126  O "O5'" . DA  A 1 7   ? -3.717  -27.208 -1.140  1.00 48.23  ? 18  DA  D "O5'" 1 
ATOM   127  C "C5'" . DA  A 1 7   ? -3.406  -26.591 0.109   1.00 47.10  ? 18  DA  D "C5'" 1 
ATOM   128  C "C4'" . DA  A 1 7   ? -4.665  -26.176 0.864   1.00 45.63  ? 18  DA  D "C4'" 1 
ATOM   129  O "O4'" . DA  A 1 7   ? -5.013  -24.804 0.553   1.00 44.90  ? 18  DA  D "O4'" 1 
ATOM   130  C "C3'" . DA  A 1 7   ? -5.934  -26.960 0.590   1.00 45.16  ? 18  DA  D "C3'" 1 
ATOM   131  O "O3'" . DA  A 1 7   ? -6.669  -26.959 1.802   1.00 45.54  ? 18  DA  D "O3'" 1 
ATOM   132  C "C2'" . DA  A 1 7   ? -6.597  -26.165 -0.540  1.00 44.43  ? 18  DA  D "C2'" 1 
ATOM   133  C "C1'" . DA  A 1 7   ? -6.205  -24.731 -0.202  1.00 43.06  ? 18  DA  D "C1'" 1 
ATOM   134  N N9    . DA  A 1 7   ? -5.863  -23.851 -1.312  1.00 42.36  ? 18  DA  D N9    1 
ATOM   135  C C8    . DA  A 1 7   ? -5.160  -24.141 -2.450  1.00 42.13  ? 18  DA  D C8    1 
ATOM   136  N N7    . DA  A 1 7   ? -5.002  -23.114 -3.252  1.00 41.94  ? 18  DA  D N7    1 
ATOM   137  C C5    . DA  A 1 7   ? -5.627  -22.079 -2.576  1.00 42.10  ? 18  DA  D C5    1 
ATOM   138  C C6    . DA  A 1 7   ? -5.815  -20.713 -2.878  1.00 42.38  ? 18  DA  D C6    1 
ATOM   139  N N6    . DA  A 1 7   ? -5.358  -20.153 -4.003  1.00 42.31  ? 18  DA  D N6    1 
ATOM   140  N N1    . DA  A 1 7   ? -6.493  -19.950 -1.986  1.00 42.28  ? 18  DA  D N1    1 
ATOM   141  C C2    . DA  A 1 7   ? -6.952  -20.516 -0.858  1.00 42.22  ? 18  DA  D C2    1 
ATOM   142  N N3    . DA  A 1 7   ? -6.840  -21.787 -0.466  1.00 41.93  ? 18  DA  D N3    1 
ATOM   143  C C4    . DA  A 1 7   ? -6.159  -22.515 -1.374  1.00 42.00  ? 18  DA  D C4    1 
ATOM   144  P P     . DT  A 1 8   ? -8.131  -27.597 1.920   1.00 46.52  ? 19  DT  D P     1 
ATOM   145  O OP1   . DT  A 1 8   ? -8.330  -27.942 3.349   1.00 46.19  ? 19  DT  D OP1   1 
ATOM   146  O OP2   . DT  A 1 8   ? -8.341  -28.629 0.869   1.00 46.52  ? 19  DT  D OP2   1 
ATOM   147  O "O5'" . DT  A 1 8   ? -9.037  -26.333 1.559   1.00 45.87  ? 19  DT  D "O5'" 1 
ATOM   148  C "C5'" . DT  A 1 8   ? -8.861  -25.141 2.310   1.00 45.12  ? 19  DT  D "C5'" 1 
ATOM   149  C "C4'" . DT  A 1 8   ? -10.154 -24.357 2.335   1.00 44.26  ? 19  DT  D "C4'" 1 
ATOM   150  O "O4'" . DT  A 1 8   ? -10.015 -23.235 1.437   1.00 43.77  ? 19  DT  D "O4'" 1 
ATOM   151  C "C3'" . DT  A 1 8   ? -11.393 -25.134 1.906   1.00 43.92  ? 19  DT  D "C3'" 1 
ATOM   152  O "O3'" . DT  A 1 8   ? -12.436 -24.837 2.863   1.00 44.35  ? 19  DT  D "O3'" 1 
ATOM   153  C "C2'" . DT  A 1 8   ? -11.598 -24.706 0.452   1.00 43.48  ? 19  DT  D "C2'" 1 
ATOM   154  C "C1'" . DT  A 1 8   ? -10.951 -23.323 0.393   1.00 43.15  ? 19  DT  D "C1'" 1 
ATOM   155  N N1    . DT  A 1 8   ? -10.218 -23.018 -0.861  1.00 43.01  ? 19  DT  D N1    1 
ATOM   156  C C2    . DT  A 1 8   ? -10.139 -21.706 -1.300  1.00 43.10  ? 19  DT  D C2    1 
ATOM   157  O O2    . DT  A 1 8   ? -10.647 -20.760 -0.722  1.00 43.19  ? 19  DT  D O2    1 
ATOM   158  N N3    . DT  A 1 8   ? -9.445  -21.536 -2.476  1.00 43.09  ? 19  DT  D N3    1 
ATOM   159  C C4    . DT  A 1 8   ? -8.828  -22.523 -3.234  1.00 43.07  ? 19  DT  D C4    1 
ATOM   160  O O4    . DT  A 1 8   ? -8.224  -22.264 -4.275  1.00 42.87  ? 19  DT  D O4    1 
ATOM   161  C C5    . DT  A 1 8   ? -8.946  -23.872 -2.710  1.00 43.10  ? 19  DT  D C5    1 
ATOM   162  C C7    . DT  A 1 8   ? -8.469  -25.050 -3.510  1.00 42.77  ? 19  DT  D C7    1 
ATOM   163  C C6    . DT  A 1 8   ? -9.621  -24.049 -1.563  1.00 43.04  ? 19  DT  D C6    1 
ATOM   164  P P     . DA  A 1 9   ? -13.923 -24.311 2.535   1.00 44.46  ? 20  DA  D P     1 
ATOM   165  O OP1   . DA  A 1 9   ? -14.623 -24.067 3.823   1.00 44.47  ? 20  DA  D OP1   1 
ATOM   166  O OP2   . DA  A 1 9   ? -14.518 -25.225 1.520   1.00 44.58  ? 20  DA  D OP2   1 
ATOM   167  O "O5'" . DA  A 1 9   ? -13.634 -22.882 1.866   1.00 43.91  ? 20  DA  D "O5'" 1 
ATOM   168  C "C5'" . DA  A 1 9   ? -14.048 -21.658 2.474   1.00 42.95  ? 20  DA  D "C5'" 1 
ATOM   169  C "C4'" . DA  A 1 9   ? -14.844 -20.891 1.435   1.00 42.24  ? 20  DA  D "C4'" 1 
ATOM   170  O "O4'" . DA  A 1 9   ? -14.010 -20.568 0.285   1.00 42.05  ? 20  DA  D "O4'" 1 
ATOM   171  C "C3'" . DA  A 1 9   ? -16.029 -21.675 0.884   1.00 41.23  ? 20  DA  D "C3'" 1 
ATOM   172  O "O3'" . DA  A 1 9   ? -17.129 -20.827 0.736   1.00 40.44  ? 20  DA  D "O3'" 1 
ATOM   173  C "C2'" . DA  A 1 9   ? -15.552 -22.135 -0.487  1.00 41.27  ? 20  DA  D "C2'" 1 
ATOM   174  C "C1'" . DA  A 1 9   ? -14.747 -20.902 -0.877  1.00 41.09  ? 20  DA  D "C1'" 1 
ATOM   175  N N9    . DA  A 1 9   ? -13.858 -21.131 -2.009  1.00 40.76  ? 20  DA  D N9    1 
ATOM   176  C C8    . DA  A 1 9   ? -13.175 -22.279 -2.311  1.00 40.43  ? 20  DA  D C8    1 
ATOM   177  N N7    . DA  A 1 9   ? -12.461 -22.198 -3.404  1.00 40.14  ? 20  DA  D N7    1 
ATOM   178  C C5    . DA  A 1 9   ? -12.700 -20.910 -3.846  1.00 40.39  ? 20  DA  D C5    1 
ATOM   179  C C6    . DA  A 1 9   ? -12.235 -20.199 -4.965  1.00 40.54  ? 20  DA  D C6    1 
ATOM   180  N N6    . DA  A 1 9   ? -11.399 -20.744 -5.849  1.00 40.56  ? 20  DA  D N6    1 
ATOM   181  N N1    . DA  A 1 9   ? -12.660 -18.923 -5.131  1.00 40.55  ? 20  DA  D N1    1 
ATOM   182  C C2    . DA  A 1 9   ? -13.508 -18.394 -4.232  1.00 40.49  ? 20  DA  D C2    1 
ATOM   183  N N3    . DA  A 1 9   ? -14.016 -18.968 -3.138  1.00 40.47  ? 20  DA  D N3    1 
ATOM   184  C C4    . DA  A 1 9   ? -13.565 -20.233 -3.005  1.00 40.52  ? 20  DA  D C4    1 
ATOM   185  P P     . DG  A 1 10  ? -18.562 -21.501 0.591   1.00 40.72  ? 21  DG  D P     1 
ATOM   186  O OP1   . DG  A 1 10  ? -19.214 -21.272 1.901   1.00 40.68  ? 21  DG  D OP1   1 
ATOM   187  O OP2   . DG  A 1 10  ? -18.424 -22.872 0.036   1.00 40.55  ? 21  DG  D OP2   1 
ATOM   188  O "O5'" . DG  A 1 10  ? -19.293 -20.633 -0.537  1.00 39.92  ? 21  DG  D "O5'" 1 
ATOM   189  C "C5'" . DG  A 1 10  ? -19.228 -19.209 -0.542  1.00 38.69  ? 21  DG  D "C5'" 1 
ATOM   190  C "C4'" . DG  A 1 10  ? -19.232 -18.664 -1.959  1.00 37.55  ? 21  DG  D "C4'" 1 
ATOM   191  O "O4'" . DG  A 1 10  ? -18.038 -19.126 -2.629  1.00 37.17  ? 21  DG  D "O4'" 1 
ATOM   192  C "C3'" . DG  A 1 10  ? -20.418 -19.086 -2.826  1.00 36.91  ? 21  DG  D "C3'" 1 
ATOM   193  O "O3'" . DG  A 1 10  ? -21.232 -17.955 -3.110  1.00 37.04  ? 21  DG  D "O3'" 1 
ATOM   194  C "C2'" . DG  A 1 10  ? -19.822 -19.658 -4.111  1.00 36.26  ? 21  DG  D "C2'" 1 
ATOM   195  C "C1'" . DG  A 1 10  ? -18.334 -19.377 -3.984  1.00 35.43  ? 21  DG  D "C1'" 1 
ATOM   196  N N9    . DG  A 1 10  ? -17.495 -20.483 -4.425  1.00 35.06  ? 21  DG  D N9    1 
ATOM   197  C C8    . DG  A 1 10  ? -17.426 -21.764 -3.927  1.00 34.76  ? 21  DG  D C8    1 
ATOM   198  N N7    . DG  A 1 10  ? -16.554 -22.508 -4.552  1.00 34.75  ? 21  DG  D N7    1 
ATOM   199  C C5    . DG  A 1 10  ? -16.012 -21.662 -5.516  1.00 34.69  ? 21  DG  D C5    1 
ATOM   200  C C6    . DG  A 1 10  ? -15.021 -21.890 -6.503  1.00 34.60  ? 21  DG  D C6    1 
ATOM   201  O O6    . DG  A 1 10  ? -14.395 -22.931 -6.732  1.00 34.59  ? 21  DG  D O6    1 
ATOM   202  N N1    . DG  A 1 10  ? -14.780 -20.753 -7.278  1.00 34.61  ? 21  DG  D N1    1 
ATOM   203  C C2    . DG  A 1 10  ? -15.416 -19.541 -7.117  1.00 34.72  ? 21  DG  D C2    1 
ATOM   204  N N2    . DG  A 1 10  ? -15.065 -18.548 -7.944  1.00 34.74  ? 21  DG  D N2    1 
ATOM   205  N N3    . DG  A 1 10  ? -16.342 -19.314 -6.199  1.00 34.65  ? 21  DG  D N3    1 
ATOM   206  C C4    . DG  A 1 10  ? -16.586 -20.414 -5.445  1.00 34.80  ? 21  DG  D C4    1 
ATOM   207  O "O5'" . DC  B 2 1   ? -11.814 -18.615 -17.279 1.00 62.18  ? 1   DC  E "O5'" 1 
ATOM   208  C "C5'" . DC  B 2 1   ? -13.131 -18.536 -16.667 1.00 61.71  ? 1   DC  E "C5'" 1 
ATOM   209  C "C4'" . DC  B 2 1   ? -13.095 -17.803 -15.331 1.00 60.93  ? 1   DC  E "C4'" 1 
ATOM   210  O "O4'" . DC  B 2 1   ? -13.668 -18.638 -14.281 1.00 60.97  ? 1   DC  E "O4'" 1 
ATOM   211  C "C3'" . DC  B 2 1   ? -11.701 -17.392 -14.857 1.00 59.95  ? 1   DC  E "C3'" 1 
ATOM   212  O "O3'" . DC  B 2 1   ? -11.629 -15.965 -14.699 1.00 58.77  ? 1   DC  E "O3'" 1 
ATOM   213  C "C2'" . DC  B 2 1   ? -11.533 -18.163 -13.550 1.00 60.16  ? 1   DC  E "C2'" 1 
ATOM   214  C "C1'" . DC  B 2 1   ? -12.969 -18.364 -13.086 1.00 60.34  ? 1   DC  E "C1'" 1 
ATOM   215  N N1    . DC  B 2 1   ? -13.086 -19.473 -12.060 1.00 60.37  ? 1   DC  E N1    1 
ATOM   216  C C2    . DC  B 2 1   ? -13.694 -19.232 -10.806 1.00 60.44  ? 1   DC  E C2    1 
ATOM   217  O O2    . DC  B 2 1   ? -14.165 -18.114 -10.543 1.00 60.53  ? 1   DC  E O2    1 
ATOM   218  N N3    . DC  B 2 1   ? -13.765 -20.249 -9.897  1.00 60.24  ? 1   DC  E N3    1 
ATOM   219  C C4    . DC  B 2 1   ? -13.257 -21.455 -10.186 1.00 60.24  ? 1   DC  E C4    1 
ATOM   220  N N4    . DC  B 2 1   ? -13.350 -22.423 -9.265  1.00 60.19  ? 1   DC  E N4    1 
ATOM   221  C C5    . DC  B 2 1   ? -12.630 -21.717 -11.445 1.00 60.31  ? 1   DC  E C5    1 
ATOM   222  C C6    . DC  B 2 1   ? -12.565 -20.713 -12.335 1.00 60.28  ? 1   DC  E C6    1 
ATOM   223  P P     . DT  B 2 2   ? -10.584 -15.232 -13.714 1.00 57.68  ? 2   DT  E P     1 
ATOM   224  O OP1   . DT  B 2 2   ? -10.323 -13.883 -14.262 1.00 58.17  ? 2   DT  E OP1   1 
ATOM   225  O OP2   . DT  B 2 2   ? -9.435  -16.122 -13.416 1.00 57.64  ? 2   DT  E OP2   1 
ATOM   226  O "O5'" . DT  B 2 2   ? -11.461 -15.040 -12.396 1.00 56.20  ? 2   DT  E "O5'" 1 
ATOM   227  C "C5'" . DT  B 2 2   ? -12.572 -14.146 -12.406 1.00 53.71  ? 2   DT  E "C5'" 1 
ATOM   228  C "C4'" . DT  B 2 2   ? -12.808 -13.587 -11.011 1.00 51.62  ? 2   DT  E "C4'" 1 
ATOM   229  O "O4'" . DT  B 2 2   ? -13.070 -14.669 -10.083 1.00 50.69  ? 2   DT  E "O4'" 1 
ATOM   230  C "C3'" . DT  B 2 2   ? -11.678 -12.778 -10.385 1.00 50.32  ? 2   DT  E "C3'" 1 
ATOM   231  O "O3'" . DT  B 2 2   ? -12.315 -11.760 -9.626  1.00 49.62  ? 2   DT  E "O3'" 1 
ATOM   232  C "C2'" . DT  B 2 2   ? -10.957 -13.798 -9.507  1.00 49.63  ? 2   DT  E "C2'" 1 
ATOM   233  C "C1'" . DT  B 2 2   ? -12.114 -14.682 -9.043  1.00 48.94  ? 2   DT  E "C1'" 1 
ATOM   234  N N1    . DT  B 2 2   ? -11.767 -16.112 -8.790  1.00 48.23  ? 2   DT  E N1    1 
ATOM   235  C C2    . DT  B 2 2   ? -12.280 -16.770 -7.683  1.00 47.89  ? 2   DT  E C2    1 
ATOM   236  O O2    . DT  B 2 2   ? -13.015 -16.265 -6.849  1.00 47.84  ? 2   DT  E O2    1 
ATOM   237  N N3    . DT  B 2 2   ? -11.883 -18.078 -7.576  1.00 47.80  ? 2   DT  E N3    1 
ATOM   238  C C4    . DT  B 2 2   ? -11.054 -18.778 -8.438  1.00 48.12  ? 2   DT  E C4    1 
ATOM   239  O O4    . DT  B 2 2   ? -10.765 -19.955 -8.237  1.00 48.21  ? 2   DT  E O4    1 
ATOM   240  C C5    . DT  B 2 2   ? -10.550 -18.035 -9.571  1.00 47.96  ? 2   DT  E C5    1 
ATOM   241  C C7    . DT  B 2 2   ? -9.310  -18.503 -10.281 1.00 48.28  ? 2   DT  E C7    1 
ATOM   242  C C6    . DT  B 2 2   ? -10.941 -16.761 -9.690  1.00 47.98  ? 2   DT  E C6    1 
ATOM   243  P P     . DA  B 2 3   ? -11.525 -10.725 -8.701  1.00 49.15  ? 3   DA  E P     1 
ATOM   244  O OP1   . DA  B 2 3   ? -12.425 -9.561  -8.515  1.00 48.90  ? 3   DA  E OP1   1 
ATOM   245  O OP2   . DA  B 2 3   ? -10.166 -10.543 -9.274  1.00 49.33  ? 3   DA  E OP2   1 
ATOM   246  O "O5'" . DA  B 2 3   ? -11.423 -11.489 -7.294  1.00 48.09  ? 3   DA  E "O5'" 1 
ATOM   247  C "C5'" . DA  B 2 3   ? -12.613 -11.887 -6.592  1.00 45.93  ? 3   DA  E "C5'" 1 
ATOM   248  C "C4'" . DA  B 2 3   ? -12.346 -12.268 -5.139  1.00 44.13  ? 3   DA  E "C4'" 1 
ATOM   249  O "O4'" . DA  B 2 3   ? -12.139 -13.705 -5.016  1.00 43.23  ? 3   DA  E "O4'" 1 
ATOM   250  C "C3'" . DA  B 2 3   ? -11.144 -11.580 -4.487  1.00 43.08  ? 3   DA  E "C3'" 1 
ATOM   251  O "O3'" . DA  B 2 3   ? -11.550 -10.939 -3.255  1.00 41.92  ? 3   DA  E "O3'" 1 
ATOM   252  C "C2'" . DA  B 2 3   ? -10.129 -12.715 -4.320  1.00 42.77  ? 3   DA  E "C2'" 1 
ATOM   253  C "C1'" . DA  B 2 3   ? -11.005 -13.960 -4.215  1.00 41.85  ? 3   DA  E "C1'" 1 
ATOM   254  N N9    . DA  B 2 3   ? -10.368 -15.183 -4.704  1.00 41.39  ? 3   DA  E N9    1 
ATOM   255  C C8    . DA  B 2 3   ? -9.751  -15.367 -5.914  1.00 41.19  ? 3   DA  E C8    1 
ATOM   256  N N7    . DA  B 2 3   ? -9.266  -16.576 -6.091  1.00 41.02  ? 3   DA  E N7    1 
ATOM   257  C C5    . DA  B 2 3   ? -9.586  -17.238 -4.915  1.00 41.12  ? 3   DA  E C5    1 
ATOM   258  C C6    . DA  B 2 3   ? -9.354  -18.562 -4.466  1.00 41.12  ? 3   DA  E C6    1 
ATOM   259  N N6    . DA  B 2 3   ? -8.716  -19.485 -5.189  1.00 41.11  ? 3   DA  E N6    1 
ATOM   260  N N1    . DA  B 2 3   ? -9.803  -18.906 -3.238  1.00 41.28  ? 3   DA  E N1    1 
ATOM   261  C C2    . DA  B 2 3   ? -10.446 -17.981 -2.505  1.00 41.54  ? 3   DA  E C2    1 
ATOM   262  N N3    . DA  B 2 3   ? -10.726 -16.708 -2.819  1.00 41.54  ? 3   DA  E N3    1 
ATOM   263  C C4    . DA  B 2 3   ? -10.265 -16.392 -4.049  1.00 41.36  ? 3   DA  E C4    1 
ATOM   264  P P     . DT  B 2 4   ? -10.500 -10.261 -2.249  1.00 40.67  ? 4   DT  E P     1 
ATOM   265  O OP1   . DT  B 2 4   ? -11.188 -9.312  -1.343  1.00 40.89  ? 4   DT  E OP1   1 
ATOM   266  O OP2   . DT  B 2 4   ? -9.371  -9.772  -3.071  1.00 41.56  ? 4   DT  E OP2   1 
ATOM   267  O "O5'" . DT  B 2 4   ? -10.048 -11.501 -1.360  1.00 38.83  ? 4   DT  E "O5'" 1 
ATOM   268  C "C5'" . DT  B 2 4   ? -10.956 -12.020 -0.424  1.00 38.01  ? 4   DT  E "C5'" 1 
ATOM   269  C "C4'" . DT  B 2 4   ? -10.245 -13.080 0.377   1.00 38.33  ? 4   DT  E "C4'" 1 
ATOM   270  O "O4'" . DT  B 2 4   ? -9.789  -14.111 -0.529  1.00 38.15  ? 4   DT  E "O4'" 1 
ATOM   271  C "C3'" . DT  B 2 4   ? -9.004  -12.592 1.128   1.00 38.91  ? 4   DT  E "C3'" 1 
ATOM   272  O "O3'" . DT  B 2 4   ? -9.138  -12.916 2.525   1.00 40.23  ? 4   DT  E "O3'" 1 
ATOM   273  C "C2'" . DT  B 2 4   ? -7.846  -13.344 0.464   1.00 37.93  ? 4   DT  E "C2'" 1 
ATOM   274  C "C1'" . DT  B 2 4   ? -8.559  -14.592 -0.034  1.00 36.48  ? 4   DT  E "C1'" 1 
ATOM   275  N N1    . DT  B 2 4   ? -7.865  -15.350 -1.109  1.00 35.38  ? 4   DT  E N1    1 
ATOM   276  C C2    . DT  B 2 4   ? -7.688  -16.704 -0.931  1.00 35.20  ? 4   DT  E C2    1 
ATOM   277  O O2    . DT  B 2 4   ? -8.066  -17.303 0.057   1.00 35.43  ? 4   DT  E O2    1 
ATOM   278  N N3    . DT  B 2 4   ? -7.044  -17.341 -1.963  1.00 35.13  ? 4   DT  E N3    1 
ATOM   279  C C4    . DT  B 2 4   ? -6.574  -16.765 -3.131  1.00 35.30  ? 4   DT  E C4    1 
ATOM   280  O O4    . DT  B 2 4   ? -6.006  -17.424 -4.000  1.00 35.52  ? 4   DT  E O4    1 
ATOM   281  C C5    . DT  B 2 4   ? -6.798  -15.342 -3.253  1.00 34.79  ? 4   DT  E C5    1 
ATOM   282  C C7    . DT  B 2 4   ? -6.304  -14.608 -4.462  1.00 34.25  ? 4   DT  E C7    1 
ATOM   283  C C6    . DT  B 2 4   ? -7.428  -14.713 -2.254  1.00 34.57  ? 4   DT  E C6    1 
ATOM   284  P P     . DG  B 2 5   ? -8.462  -12.085 3.724   1.00 40.51  ? 5   DG  E P     1 
ATOM   285  O OP1   . DG  B 2 5   ? -9.498  -11.887 4.763   1.00 40.51  ? 5   DG  E OP1   1 
ATOM   286  O OP2   . DG  B 2 5   ? -7.711  -10.924 3.185   1.00 40.00  ? 5   DG  E OP2   1 
ATOM   287  O "O5'" . DG  B 2 5   ? -7.435  -13.162 4.300   1.00 41.78  ? 5   DG  E "O5'" 1 
ATOM   288  C "C5'" . DG  B 2 5   ? -6.552  -13.809 3.414   1.00 43.28  ? 5   DG  E "C5'" 1 
ATOM   289  C "C4'" . DG  B 2 5   ? -6.411  -15.245 3.835   1.00 44.60  ? 5   DG  E "C4'" 1 
ATOM   290  O "O4'" . DG  B 2 5   ? -6.532  -16.104 2.681   1.00 43.89  ? 5   DG  E "O4'" 1 
ATOM   291  C "C3'" . DG  B 2 5   ? -5.052  -15.468 4.464   1.00 46.20  ? 5   DG  E "C3'" 1 
ATOM   292  O "O3'" . DG  B 2 5   ? -5.208  -16.067 5.739   1.00 49.29  ? 5   DG  E "O3'" 1 
ATOM   293  C "C2'" . DG  B 2 5   ? -4.311  -16.387 3.509   1.00 45.30  ? 5   DG  E "C2'" 1 
ATOM   294  C "C1'" . DG  B 2 5   ? -5.351  -16.843 2.496   1.00 43.74  ? 5   DG  E "C1'" 1 
ATOM   295  N N9    . DG  B 2 5   ? -4.835  -16.560 1.170   1.00 43.59  ? 5   DG  E N9    1 
ATOM   296  C C8    . DG  B 2 5   ? -4.744  -15.332 0.555   1.00 43.47  ? 5   DG  E C8    1 
ATOM   297  N N7    . DG  B 2 5   ? -4.215  -15.397 -0.638  1.00 43.47  ? 5   DG  E N7    1 
ATOM   298  C C5    . DG  B 2 5   ? -3.929  -16.751 -0.817  1.00 43.58  ? 5   DG  E C5    1 
ATOM   299  C C6    . DG  B 2 5   ? -3.346  -17.439 -1.918  1.00 43.62  ? 5   DG  E C6    1 
ATOM   300  O O6    . DG  B 2 5   ? -2.951  -16.965 -2.994  1.00 43.62  ? 5   DG  E O6    1 
ATOM   301  N N1    . DG  B 2 5   ? -3.235  -18.812 -1.687  1.00 43.39  ? 5   DG  E N1    1 
ATOM   302  C C2    . DG  B 2 5   ? -3.640  -19.435 -0.529  1.00 43.37  ? 5   DG  E C2    1 
ATOM   303  N N2    . DG  B 2 5   ? -3.465  -20.758 -0.473  1.00 43.49  ? 5   DG  E N2    1 
ATOM   304  N N3    . DG  B 2 5   ? -4.191  -18.811 0.505   1.00 43.30  ? 5   DG  E N3    1 
ATOM   305  C C4    . DG  B 2 5   ? -4.303  -17.476 0.295   1.00 43.48  ? 5   DG  E C4    1 
ATOM   306  P P     . DA  B 2 6   ? -3.972  -16.032 6.757   1.00 51.24  ? 6   DA  E P     1 
ATOM   307  O OP1   . DA  B 2 6   ? -4.528  -16.116 8.131   1.00 51.59  ? 6   DA  E OP1   1 
ATOM   308  O OP2   . DA  B 2 6   ? -3.058  -14.933 6.343   1.00 51.51  ? 6   DA  E OP2   1 
ATOM   309  O "O5'" . DA  B 2 6   ? -3.239  -17.410 6.470   1.00 51.20  ? 6   DA  E "O5'" 1 
ATOM   310  C "C5'" . DA  B 2 6   ? -4.008  -18.595 6.489   1.00 52.13  ? 6   DA  E "C5'" 1 
ATOM   311  C "C4'" . DA  B 2 6   ? -3.184  -19.673 5.825   1.00 52.76  ? 6   DA  E "C4'" 1 
ATOM   312  O "O4'" . DA  B 2 6   ? -2.976  -19.336 4.431   1.00 51.87  ? 6   DA  E "O4'" 1 
ATOM   313  C "C3'" . DA  B 2 6   ? -1.798  -19.833 6.439   1.00 53.56  ? 6   DA  E "C3'" 1 
ATOM   314  O "O3'" . DA  B 2 6   ? -1.688  -21.205 6.833   1.00 55.58  ? 6   DA  E "O3'" 1 
ATOM   315  C "C2'" . DA  B 2 6   ? -0.834  -19.375 5.333   1.00 52.11  ? 6   DA  E "C2'" 1 
ATOM   316  C "C1'" . DA  B 2 6   ? -1.650  -19.662 4.073   1.00 49.82  ? 6   DA  E "C1'" 1 
ATOM   317  N N9    . DA  B 2 6   ? -1.329  -18.860 2.897   1.00 48.84  ? 6   DA  E N9    1 
ATOM   318  C C8    . DA  B 2 6   ? -1.398  -17.500 2.797   1.00 48.46  ? 6   DA  E C8    1 
ATOM   319  N N7    . DA  B 2 6   ? -1.069  -17.037 1.616   1.00 48.39  ? 6   DA  E N7    1 
ATOM   320  C C5    . DA  B 2 6   ? -0.763  -18.174 0.890   1.00 48.22  ? 6   DA  E C5    1 
ATOM   321  C C6    . DA  B 2 6   ? -0.336  -18.357 -0.439  1.00 48.50  ? 6   DA  E C6    1 
ATOM   322  N N6    . DA  B 2 6   ? -0.143  -17.341 -1.282  1.00 48.57  ? 6   DA  E N6    1 
ATOM   323  N N1    . DA  B 2 6   ? -0.111  -19.617 -0.866  1.00 48.52  ? 6   DA  E N1    1 
ATOM   324  C C2    . DA  B 2 6   ? -0.305  -20.627 -0.005  1.00 48.47  ? 6   DA  E C2    1 
ATOM   325  N N3    . DA  B 2 6   ? -0.708  -20.579 1.268   1.00 47.98  ? 6   DA  E N3    1 
ATOM   326  C C4    . DA  B 2 6   ? -0.921  -19.310 1.660   1.00 48.17  ? 6   DA  E C4    1 
ATOM   327  P P     . DA  B 2 7   ? -0.370  -21.800 7.521   1.00 57.45  ? 7   DA  E P     1 
ATOM   328  O OP1   . DA  B 2 7   ? -0.776  -22.980 8.331   1.00 57.61  ? 7   DA  E OP1   1 
ATOM   329  O OP2   . DA  B 2 7   ? 0.380   -20.684 8.161   1.00 57.23  ? 7   DA  E OP2   1 
ATOM   330  O "O5'" . DA  B 2 7   ? 0.431   -22.339 6.233   1.00 57.25  ? 7   DA  E "O5'" 1 
ATOM   331  C "C5'" . DA  B 2 7   ? -0.221  -23.133 5.226   1.00 56.26  ? 7   DA  E "C5'" 1 
ATOM   332  C "C4'" . DA  B 2 7   ? 0.744   -24.041 4.466   1.00 55.57  ? 7   DA  E "C4'" 1 
ATOM   333  O "O4'" . DA  B 2 7   ? 1.172   -23.432 3.224   1.00 54.72  ? 7   DA  E "O4'" 1 
ATOM   334  C "C3'" . DA  B 2 7   ? 2.046   -24.419 5.153   1.00 55.69  ? 7   DA  E "C3'" 1 
ATOM   335  O "O3'" . DA  B 2 7   ? 2.382   -25.734 4.690   1.00 57.10  ? 7   DA  E "O3'" 1 
ATOM   336  C "C2'" . DA  B 2 7   ? 2.998   -23.303 4.710   1.00 54.68  ? 7   DA  E "C2'" 1 
ATOM   337  C "C1'" . DA  B 2 7   ? 2.522   -23.017 3.293   1.00 53.73  ? 7   DA  E "C1'" 1 
ATOM   338  N N9    . DA  B 2 7   ? 2.498   -21.619 2.889   1.00 53.46  ? 7   DA  E N9    1 
ATOM   339  C C8    . DA  B 2 7   ? 2.134   -20.544 3.648   1.00 53.26  ? 7   DA  E C8    1 
ATOM   340  N N7    . DA  B 2 7   ? 2.182   -19.404 2.997   1.00 53.36  ? 7   DA  E N7    1 
ATOM   341  C C5    . DA  B 2 7   ? 2.598   -19.749 1.717   1.00 53.51  ? 7   DA  E C5    1 
ATOM   342  C C6    . DA  B 2 7   ? 2.851   -18.997 0.533   1.00 53.44  ? 7   DA  E C6    1 
ATOM   343  N N6    . DA  B 2 7   ? 2.710   -17.673 0.453   1.00 53.50  ? 7   DA  E N6    1 
ATOM   344  N N1    . DA  B 2 7   ? 3.255   -19.649 -0.583  1.00 53.34  ? 7   DA  E N1    1 
ATOM   345  C C2    . DA  B 2 7   ? 3.398   -20.982 -0.517  1.00 53.67  ? 7   DA  E C2    1 
ATOM   346  N N3    . DA  B 2 7   ? 3.195   -21.795 0.534   1.00 53.96  ? 7   DA  E N3    1 
ATOM   347  C C4    . DA  B 2 7   ? 2.792   -21.117 1.634   1.00 53.73  ? 7   DA  E C4    1 
ATOM   348  P P     . DC  B 2 8   ? 3.871   -26.339 4.694   1.00 58.39  ? 8   DC  E P     1 
ATOM   349  O OP1   . DC  B 2 8   ? 3.802   -27.809 4.481   1.00 58.56  ? 8   DC  E OP1   1 
ATOM   350  O OP2   . DC  B 2 8   ? 4.609   -25.814 5.873   1.00 58.73  ? 8   DC  E OP2   1 
ATOM   351  O "O5'" . DC  B 2 8   ? 4.471   -25.679 3.374   1.00 57.60  ? 8   DC  E "O5'" 1 
ATOM   352  C "C5'" . DC  B 2 8   ? 4.047   -26.089 2.087   1.00 56.81  ? 8   DC  E "C5'" 1 
ATOM   353  C "C4'" . DC  B 2 8   ? 5.035   -25.527 1.094   1.00 56.14  ? 8   DC  E "C4'" 1 
ATOM   354  O "O4'" . DC  B 2 8   ? 4.934   -24.082 1.099   1.00 55.61  ? 8   DC  E "O4'" 1 
ATOM   355  C "C3'" . DC  B 2 8   ? 6.489   -25.835 1.437   1.00 56.27  ? 8   DC  E "C3'" 1 
ATOM   356  O "O3'" . DC  B 2 8   ? 7.169   -26.147 0.230   1.00 57.24  ? 8   DC  E "O3'" 1 
ATOM   357  C "C2'" . DC  B 2 8   ? 6.988   -24.531 2.068   1.00 55.44  ? 8   DC  E "C2'" 1 
ATOM   358  C "C1'" . DC  B 2 8   ? 6.243   -23.553 1.176   1.00 54.74  ? 8   DC  E "C1'" 1 
ATOM   359  N N1    . DC  B 2 8   ? 6.193   -22.138 1.640   1.00 54.14  ? 8   DC  E N1    1 
ATOM   360  C C2    . DC  B 2 8   ? 6.435   -21.111 0.708   1.00 53.87  ? 8   DC  E C2    1 
ATOM   361  O O2    . DC  B 2 8   ? 6.681   -21.387 -0.470  1.00 53.88  ? 8   DC  E O2    1 
ATOM   362  N N3    . DC  B 2 8   ? 6.386   -19.820 1.115   1.00 53.78  ? 8   DC  E N3    1 
ATOM   363  C C4    . DC  B 2 8   ? 6.113   -19.542 2.390   1.00 54.15  ? 8   DC  E C4    1 
ATOM   364  N N4    . DC  B 2 8   ? 6.079   -18.250 2.733   1.00 54.05  ? 8   DC  E N4    1 
ATOM   365  C C5    . DC  B 2 8   ? 5.865   -20.568 3.359   1.00 54.11  ? 8   DC  E C5    1 
ATOM   366  C C6    . DC  B 2 8   ? 5.916   -21.843 2.946   1.00 54.07  ? 8   DC  E C6    1 
ATOM   367  P P     . DA  B 2 9   ? 8.701   -26.630 0.216   1.00 57.92  ? 9   DA  E P     1 
ATOM   368  O OP1   . DA  B 2 9   ? 8.642   -28.116 0.240   1.00 58.02  ? 9   DA  E OP1   1 
ATOM   369  O OP2   . DA  B 2 9   ? 9.481   -25.879 1.233   1.00 57.62  ? 9   DA  E OP2   1 
ATOM   370  O "O5'" . DA  B 2 9   ? 9.240   -26.147 -1.218  1.00 56.67  ? 9   DA  E "O5'" 1 
ATOM   371  C "C5'" . DA  B 2 9   ? 8.761   -24.931 -1.799  1.00 54.60  ? 9   DA  E "C5'" 1 
ATOM   372  C "C4'" . DA  B 2 9   ? 9.812   -23.837 -1.913  1.00 52.85  ? 9   DA  E "C4'" 1 
ATOM   373  O "O4'" . DA  B 2 9   ? 9.434   -22.697 -1.107  1.00 52.13  ? 9   DA  E "O4'" 1 
ATOM   374  C "C3'" . DA  B 2 9   ? 11.242  -24.172 -1.495  1.00 52.45  ? 9   DA  E "C3'" 1 
ATOM   375  O "O3'" . DA  B 2 9   ? 12.005  -24.164 -2.722  1.00 52.56  ? 9   DA  E "O3'" 1 
ATOM   376  C "C2'" . DA  B 2 9   ? 11.589  -23.104 -0.437  1.00 51.72  ? 9   DA  E "C2'" 1 
ATOM   377  C "C1'" . DA  B 2 9   ? 10.607  -21.986 -0.766  1.00 50.05  ? 9   DA  E "C1'" 1 
ATOM   378  N N9    . DA  B 2 9   ? 10.206  -21.021 0.269   1.00 49.19  ? 9   DA  E N9    1 
ATOM   379  C C8    . DA  B 2 9   ? 9.768   -21.276 1.544   1.00 48.78  ? 9   DA  E C8    1 
ATOM   380  N N7    . DA  B 2 9   ? 9.440   -20.200 2.221   1.00 48.28  ? 9   DA  E N7    1 
ATOM   381  C C5    . DA  B 2 9   ? 9.665   -19.165 1.322   1.00 48.79  ? 9   DA  E C5    1 
ATOM   382  C C6    . DA  B 2 9   ? 9.519   -17.756 1.409   1.00 49.22  ? 9   DA  E C6    1 
ATOM   383  N N6    . DA  B 2 9   ? 9.084   -17.149 2.515   1.00 49.25  ? 9   DA  E N6    1 
ATOM   384  N N1    . DA  B 2 9   ? 9.833   -16.989 0.333   1.00 48.94  ? 9   DA  E N1    1 
ATOM   385  C C2    . DA  B 2 9   ? 10.274  -17.600 -0.775  1.00 48.90  ? 9   DA  E C2    1 
ATOM   386  N N3    . DA  B 2 9   ? 10.449  -18.914 -0.978  1.00 48.98  ? 9   DA  E N3    1 
ATOM   387  C C4    . DA  B 2 9   ? 10.129  -19.651 0.112   1.00 48.83  ? 9   DA  E C4    1 
ATOM   388  P P     . DT  B 2 10  ? 13.533  -23.711 -2.899  1.00 52.43  ? 10  DT  E P     1 
ATOM   389  O OP1   . DT  B 2 10  ? 13.919  -23.992 -4.303  1.00 52.65  ? 10  DT  E OP1   1 
ATOM   390  O OP2   . DT  B 2 10  ? 14.327  -24.306 -1.794  1.00 52.77  ? 10  DT  E OP2   1 
ATOM   391  O "O5'" . DT  B 2 10  ? 13.439  -22.127 -2.741  1.00 51.02  ? 10  DT  E "O5'" 1 
ATOM   392  C "C5'" . DT  B 2 10  ? 12.827  -21.380 -3.768  1.00 50.25  ? 10  DT  E "C5'" 1 
ATOM   393  C "C4'" . DT  B 2 10  ? 13.590  -20.089 -3.992  1.00 50.39  ? 10  DT  E "C4'" 1 
ATOM   394  O "O4'" . DT  B 2 10  ? 13.176  -19.099 -3.009  1.00 49.88  ? 10  DT  E "O4'" 1 
ATOM   395  C "C3'" . DT  B 2 10  ? 15.117  -20.177 -3.924  1.00 50.43  ? 10  DT  E "C3'" 1 
ATOM   396  O "O3'" . DT  B 2 10  ? 15.647  -19.383 -5.001  1.00 51.42  ? 10  DT  E "O3'" 1 
ATOM   397  C "C2'" . DT  B 2 10  ? 15.433  -19.643 -2.528  1.00 49.71  ? 10  DT  E "C2'" 1 
ATOM   398  C "C1'" . DT  B 2 10  ? 14.285  -18.675 -2.239  1.00 47.86  ? 10  DT  E "C1'" 1 
ATOM   399  N N1    . DT  B 2 10  ? 13.867  -18.683 -0.812  1.00 46.51  ? 10  DT  E N1    1 
ATOM   400  C C2    . DT  B 2 10  ? 13.488  -17.503 -0.197  1.00 45.72  ? 10  DT  E C2    1 
ATOM   401  O O2    . DT  B 2 10  ? 13.468  -16.418 -0.748  1.00 45.59  ? 10  DT  E O2    1 
ATOM   402  N N3    . DT  B 2 10  ? 13.127  -17.651 1.118   1.00 45.40  ? 10  DT  E N3    1 
ATOM   403  C C4    . DT  B 2 10  ? 13.113  -18.837 1.842   1.00 45.90  ? 10  DT  E C4    1 
ATOM   404  O O4    . DT  B 2 10  ? 12.774  -18.873 3.019   1.00 46.39  ? 10  DT  E O4    1 
ATOM   405  C C5    . DT  B 2 10  ? 13.524  -20.031 1.139   1.00 45.35  ? 10  DT  E C5    1 
ATOM   406  C C7    . DT  B 2 10  ? 13.794  -21.305 1.888   1.00 45.22  ? 10  DT  E C7    1 
ATOM   407  C C6    . DT  B 2 10  ? 13.870  -19.897 -0.142  1.00 45.50  ? 10  DT  E C6    1 
ATOM   408  P P     . DT  B 2 11  ? 17.049  -18.592 -5.056  1.00 52.01  ? 11  DT  E P     1 
ATOM   409  O OP1   . DT  B 2 11  ? 17.865  -19.284 -6.084  1.00 52.81  ? 11  DT  E OP1   1 
ATOM   410  O OP2   . DT  B 2 11  ? 17.652  -18.397 -3.711  1.00 51.46  ? 11  DT  E OP2   1 
ATOM   411  O "O5'" . DT  B 2 11  ? 16.558  -17.193 -5.681  1.00 50.39  ? 11  DT  E "O5'" 1 
ATOM   412  C "C5'" . DT  B 2 11  ? 15.708  -16.316 -4.935  1.00 49.42  ? 11  DT  E "C5'" 1 
ATOM   413  C "C4'" . DT  B 2 11  ? 16.488  -15.112 -4.425  1.00 48.59  ? 11  DT  E "C4'" 1 
ATOM   414  O "O4'" . DT  B 2 11  ? 16.021  -14.694 -3.112  1.00 47.95  ? 11  DT  E "O4'" 1 
ATOM   415  C "C3'" . DT  B 2 11  ? 17.992  -15.346 -4.306  1.00 48.47  ? 11  DT  E "C3'" 1 
ATOM   416  O "O3'" . DT  B 2 11  ? 18.686  -14.416 -5.135  1.00 49.32  ? 11  DT  E "O3'" 1 
ATOM   417  C "C2'" . DT  B 2 11  ? 18.331  -15.201 -2.819  1.00 47.64  ? 11  DT  E "C2'" 1 
ATOM   418  C "C1'" . DT  B 2 11  ? 17.098  -14.546 -2.197  1.00 45.70  ? 11  DT  E "C1'" 1 
ATOM   419  N N1    . DT  B 2 11  ? 16.723  -15.092 -0.826  1.00 44.16  ? 11  DT  E N1    1 
ATOM   420  C C2    . DT  B 2 11  ? 16.249  -14.236 0.164   1.00 43.58  ? 11  DT  E C2    1 
ATOM   421  O O2    . DT  B 2 11  ? 16.093  -13.031 0.031   1.00 43.59  ? 11  DT  E O2    1 
ATOM   422  N N3    . DT  B 2 11  ? 15.945  -14.843 1.353   1.00 42.84  ? 11  DT  E N3    1 
ATOM   423  C C4    . DT  B 2 11  ? 16.068  -16.182 1.643   1.00 43.45  ? 11  DT  E C4    1 
ATOM   424  O O4    . DT  B 2 11  ? 15.771  -16.624 2.743   1.00 43.87  ? 11  DT  E O4    1 
ATOM   425  C C5    . DT  B 2 11  ? 16.575  -17.017 0.581   1.00 43.01  ? 11  DT  E C5    1 
ATOM   426  C C7    . DT  B 2 11  ? 17.058  -18.404 0.889   1.00 42.99  ? 11  DT  E C7    1 
ATOM   427  C C6    . DT  B 2 11  ? 16.866  -16.443 -0.588  1.00 42.81  ? 11  DT  E C6    1 
ATOM   428  N N     . SER C 3 8   ? 18.333  -3.206  11.383  1.00 52.35  ? 8   SER A N     1 
ATOM   429  C CA    . SER C 3 8   ? 18.277  -2.459  10.090  1.00 52.42  ? 8   SER A CA    1 
ATOM   430  C C     . SER C 3 8   ? 19.472  -1.529  9.923   1.00 52.63  ? 8   SER A C     1 
ATOM   431  O O     . SER C 3 8   ? 20.089  -1.109  10.911  1.00 52.70  ? 8   SER A O     1 
ATOM   432  C CB    . SER C 3 8   ? 16.984  -1.644  9.982   1.00 52.39  ? 8   SER A CB    1 
ATOM   433  O OG    . SER C 3 8   ? 17.031  -0.741  8.882   1.00 51.84  ? 8   SER A OG    1 
ATOM   434  N N     . THR C 3 9   ? 19.780  -1.212  8.663   1.00 52.72  ? 9   THR A N     1 
ATOM   435  C CA    . THR C 3 9   ? 20.858  -0.279  8.301   1.00 52.60  ? 9   THR A CA    1 
ATOM   436  C C     . THR C 3 9   ? 20.304  1.004   7.672   1.00 52.35  ? 9   THR A C     1 
ATOM   437  O O     . THR C 3 9   ? 21.032  1.981   7.474   1.00 52.25  ? 9   THR A O     1 
ATOM   438  C CB    . THR C 3 9   ? 21.901  -0.922  7.334   1.00 52.71  ? 9   THR A CB    1 
ATOM   439  O OG1   . THR C 3 9   ? 21.245  -1.418  6.158   1.00 52.59  ? 9   THR A OG1   1 
ATOM   440  C CG2   . THR C 3 9   ? 22.673  -2.058  8.022   1.00 52.72  ? 9   THR A CG2   1 
ATOM   441  N N     . GLY C 3 10  ? 19.011  0.987   7.362   1.00 52.13  ? 10  GLY A N     1 
ATOM   442  C CA    . GLY C 3 10  ? 18.340  2.150   6.807   1.00 51.91  ? 10  GLY A CA    1 
ATOM   443  C C     . GLY C 3 10  ? 18.798  2.459   5.402   1.00 51.67  ? 10  GLY A C     1 
ATOM   444  O O     . GLY C 3 10  ? 19.241  3.574   5.118   1.00 51.51  ? 10  GLY A O     1 
ATOM   445  N N     . PHE C 3 11  ? 18.694  1.461   4.526   1.00 51.59  ? 11  PHE A N     1 
ATOM   446  C CA    . PHE C 3 11  ? 18.971  1.640   3.104   1.00 51.60  ? 11  PHE A CA    1 
ATOM   447  C C     . PHE C 3 11  ? 17.787  2.341   2.427   1.00 51.48  ? 11  PHE A C     1 
ATOM   448  O O     . PHE C 3 11  ? 17.492  3.493   2.754   1.00 51.51  ? 11  PHE A O     1 
ATOM   449  C CB    . PHE C 3 11  ? 19.311  0.292   2.443   1.00 51.81  ? 11  PHE A CB    1 
ATOM   450  C CG    . PHE C 3 11  ? 19.615  0.381   0.959   1.00 52.01  ? 11  PHE A CG    1 
ATOM   451  C CD1   . PHE C 3 11  ? 20.594  1.244   0.479   1.00 51.86  ? 11  PHE A CD1   1 
ATOM   452  C CD2   . PHE C 3 11  ? 18.928  -0.419  0.047   1.00 52.62  ? 11  PHE A CD2   1 
ATOM   453  C CE1   . PHE C 3 11  ? 20.871  1.319   -0.885  1.00 51.97  ? 11  PHE A CE1   1 
ATOM   454  C CE2   . PHE C 3 11  ? 19.202  -0.351  -1.318  1.00 52.38  ? 11  PHE A CE2   1 
ATOM   455  C CZ    . PHE C 3 11  ? 20.174  0.519   -1.783  1.00 52.01  ? 11  PHE A CZ    1 
ATOM   456  N N     . LEU C 3 12  ? 17.118  1.654   1.500   1.00 51.33  ? 12  LEU A N     1 
ATOM   457  C CA    . LEU C 3 12  ? 15.938  2.178   0.808   1.00 51.24  ? 12  LEU A CA    1 
ATOM   458  C C     . LEU C 3 12  ? 14.652  1.606   1.421   1.00 51.37  ? 12  LEU A C     1 
ATOM   459  O O     . LEU C 3 12  ? 14.705  0.655   2.212   1.00 51.57  ? 12  LEU A O     1 
ATOM   460  C CB    . LEU C 3 12  ? 16.002  1.852   -0.693  1.00 51.10  ? 12  LEU A CB    1 
ATOM   461  C CG    . LEU C 3 12  ? 16.948  2.602   -1.644  1.00 50.71  ? 12  LEU A CG    1 
ATOM   462  C CD1   . LEU C 3 12  ? 17.060  1.847   -2.955  1.00 50.53  ? 12  LEU A CD1   1 
ATOM   463  C CD2   . LEU C 3 12  ? 16.502  4.032   -1.918  1.00 49.92  ? 12  LEU A CD2   1 
ATOM   464  N N     . VAL C 3 13  ? 13.506  2.183   1.052   1.00 51.34  ? 13  VAL A N     1 
ATOM   465  C CA    . VAL C 3 13  ? 12.201  1.730   1.553   1.00 51.15  ? 13  VAL A CA    1 
ATOM   466  C C     . VAL C 3 13  ? 11.851  0.318   1.088   1.00 51.03  ? 13  VAL A C     1 
ATOM   467  O O     . VAL C 3 13  ? 12.007  -0.020  -0.085  1.00 50.82  ? 13  VAL A O     1 
ATOM   468  C CB    . VAL C 3 13  ? 11.057  2.717   1.189   1.00 51.17  ? 13  VAL A CB    1 
ATOM   469  C CG1   . VAL C 3 13  ? 10.643  2.588   -0.278  1.00 50.85  ? 13  VAL A CG1   1 
ATOM   470  C CG2   . VAL C 3 13  ? 9.862   2.496   2.097   1.00 51.42  ? 13  VAL A CG2   1 
ATOM   471  N N     . LYS C 3 14  ? 11.388  -0.499  2.025   1.00 51.16  ? 14  LYS A N     1 
ATOM   472  C CA    . LYS C 3 14  ? 10.939  -1.850  1.712   1.00 51.51  ? 14  LYS A CA    1 
ATOM   473  C C     . LYS C 3 14  ? 9.655   -1.792  0.879   1.00 51.54  ? 14  LYS A C     1 
ATOM   474  O O     . LYS C 3 14  ? 8.881   -0.833  0.994   1.00 51.62  ? 14  LYS A O     1 
ATOM   475  C CB    . LYS C 3 14  ? 10.707  -2.651  2.999   1.00 51.57  ? 14  LYS A CB    1 
ATOM   476  C CG    . LYS C 3 14  ? 11.886  -2.652  3.972   1.00 52.19  ? 14  LYS A CG    1 
ATOM   477  C CD    . LYS C 3 14  ? 12.946  -3.672  3.571   1.00 53.63  ? 14  LYS A CD    1 
ATOM   478  C CE    . LYS C 3 14  ? 14.233  -3.524  4.389   1.00 54.48  ? 14  LYS A CE    1 
ATOM   479  N NZ    . LYS C 3 14  ? 14.171  -4.132  5.759   1.00 54.89  ? 14  LYS A NZ    1 
ATOM   480  N N     . GLN C 3 15  ? 9.440   -2.810  0.039   1.00 51.50  ? 15  GLN A N     1 
ATOM   481  C CA    . GLN C 3 15  ? 8.237   -2.903  -0.794  1.00 51.32  ? 15  GLN A CA    1 
ATOM   482  C C     . GLN C 3 15  ? 6.999   -2.914  0.096   1.00 51.41  ? 15  GLN A C     1 
ATOM   483  O O     . GLN C 3 15  ? 6.004   -2.247  -0.199  1.00 51.61  ? 15  GLN A O     1 
ATOM   484  C CB    . GLN C 3 15  ? 8.272   -4.156  -1.679  1.00 51.28  ? 15  GLN A CB    1 
ATOM   485  C CG    . GLN C 3 15  ? 7.334   -4.109  -2.896  1.00 51.02  ? 15  GLN A CG    1 
ATOM   486  C CD    . GLN C 3 15  ? 6.960   -5.488  -3.451  1.00 51.21  ? 15  GLN A CD    1 
ATOM   487  O OE1   . GLN C 3 15  ? 6.043   -5.611  -4.265  1.00 51.00  ? 15  GLN A OE1   1 
ATOM   488  N NE2   . GLN C 3 15  ? 7.665   -6.526  -3.010  1.00 51.61  ? 15  GLN A NE2   1 
ATOM   489  N N     . ARG C 3 16  ? 7.088   -3.665  1.193   1.00 51.30  ? 16  ARG A N     1 
ATOM   490  C CA    . ARG C 3 16  ? 6.032   -3.771  2.193   1.00 51.15  ? 16  ARG A CA    1 
ATOM   491  C C     . ARG C 3 16  ? 5.448   -2.420  2.573   1.00 50.48  ? 16  ARG A C     1 
ATOM   492  O O     . ARG C 3 16  ? 4.261   -2.192  2.370   1.00 50.62  ? 16  ARG A O     1 
ATOM   493  C CB    . ARG C 3 16  ? 6.578   -4.458  3.441   1.00 51.66  ? 16  ARG A CB    1 
ATOM   494  C CG    . ARG C 3 16  ? 5.529   -5.183  4.269   1.00 53.82  ? 16  ARG A CG    1 
ATOM   495  C CD    . ARG C 3 16  ? 4.866   -6.334  3.501   1.00 57.67  ? 16  ARG A CD    1 
ATOM   496  N NE    . ARG C 3 16  ? 5.815   -7.123  2.706   1.00 60.58  ? 16  ARG A NE    1 
ATOM   497  C CZ    . ARG C 3 16  ? 6.313   -8.312  3.052   1.00 62.13  ? 16  ARG A CZ    1 
ATOM   498  N NH1   . ARG C 3 16  ? 5.962   -8.891  4.203   1.00 62.35  ? 16  ARG A NH1   1 
ATOM   499  N NH2   . ARG C 3 16  ? 7.170   -8.921  2.233   1.00 62.61  ? 16  ARG A NH2   1 
ATOM   500  N N     . ALA C 3 17  ? 6.293   -1.532  3.104   1.00 49.62  ? 17  ALA A N     1 
ATOM   501  C CA    . ALA C 3 17  ? 5.885   -0.189  3.530   1.00 48.70  ? 17  ALA A CA    1 
ATOM   502  C C     . ALA C 3 17  ? 5.388   0.658   2.366   1.00 48.16  ? 17  ALA A C     1 
ATOM   503  O O     . ALA C 3 17  ? 4.506   1.496   2.531   1.00 48.03  ? 17  ALA A O     1 
ATOM   504  C CB    . ALA C 3 17  ? 7.030   0.511   4.239   1.00 48.66  ? 17  ALA A CB    1 
ATOM   505  N N     . PHE C 3 18  ? 5.966   0.429   1.193   1.00 47.64  ? 18  PHE A N     1 
ATOM   506  C CA    . PHE C 3 18  ? 5.605   1.151   -0.022  1.00 47.23  ? 18  PHE A CA    1 
ATOM   507  C C     . PHE C 3 18  ? 4.140   0.924   -0.363  1.00 46.92  ? 18  PHE A C     1 
ATOM   508  O O     . PHE C 3 18  ? 3.400   1.876   -0.644  1.00 46.78  ? 18  PHE A O     1 
ATOM   509  C CB    . PHE C 3 18  ? 6.505   0.689   -1.175  1.00 47.27  ? 18  PHE A CB    1 
ATOM   510  C CG    . PHE C 3 18  ? 6.305   1.443   -2.469  1.00 47.19  ? 18  PHE A CG    1 
ATOM   511  C CD1   . PHE C 3 18  ? 5.483   0.928   -3.472  1.00 47.14  ? 18  PHE A CD1   1 
ATOM   512  C CD2   . PHE C 3 18  ? 6.971   2.643   -2.702  1.00 46.92  ? 18  PHE A CD2   1 
ATOM   513  C CE1   . PHE C 3 18  ? 5.313   1.606   -4.675  1.00 47.01  ? 18  PHE A CE1   1 
ATOM   514  C CE2   . PHE C 3 18  ? 6.805   3.329   -3.900  1.00 46.74  ? 18  PHE A CE2   1 
ATOM   515  C CZ    . PHE C 3 18  ? 5.975   2.813   -4.887  1.00 47.01  ? 18  PHE A CZ    1 
ATOM   516  N N     . LEU C 3 19  ? 3.737   -0.345  -0.333  1.00 46.51  ? 19  LEU A N     1 
ATOM   517  C CA    . LEU C 3 19  ? 2.374   -0.741  -0.646  1.00 46.16  ? 19  LEU A CA    1 
ATOM   518  C C     . LEU C 3 19  ? 1.438   -0.245  0.431   1.00 46.32  ? 19  LEU A C     1 
ATOM   519  O O     . LEU C 3 19  ? 0.451   0.423   0.128   1.00 46.26  ? 19  LEU A O     1 
ATOM   520  C CB    . LEU C 3 19  ? 2.265   -2.256  -0.786  1.00 45.81  ? 19  LEU A CB    1 
ATOM   521  C CG    . LEU C 3 19  ? 3.017   -2.872  -1.961  1.00 45.08  ? 19  LEU A CG    1 
ATOM   522  C CD1   . LEU C 3 19  ? 2.750   -4.361  -2.014  1.00 44.93  ? 19  LEU A CD1   1 
ATOM   523  C CD2   . LEU C 3 19  ? 2.625   -2.215  -3.270  1.00 44.00  ? 19  LEU A CD2   1 
ATOM   524  N N     . LYS C 3 20  ? 1.766   -0.566  1.684   1.00 46.50  ? 20  LYS A N     1 
ATOM   525  C CA    . LYS C 3 20  ? 1.030   -0.087  2.855   1.00 46.66  ? 20  LYS A CA    1 
ATOM   526  C C     . LYS C 3 20  ? 0.518   1.327   2.626   1.00 46.96  ? 20  LYS A C     1 
ATOM   527  O O     . LYS C 3 20  ? -0.646  1.625   2.890   1.00 47.03  ? 20  LYS A O     1 
ATOM   528  C CB    . LYS C 3 20  ? 1.929   -0.091  4.087   1.00 46.55  ? 20  LYS A CB    1 
ATOM   529  C CG    . LYS C 3 20  ? 2.420   -1.446  4.524   1.00 46.38  ? 20  LYS A CG    1 
ATOM   530  C CD    . LYS C 3 20  ? 1.665   -1.935  5.725   1.00 46.66  ? 20  LYS A CD    1 
ATOM   531  C CE    . LYS C 3 20  ? 2.612   -2.516  6.753   1.00 46.83  ? 20  LYS A CE    1 
ATOM   532  N NZ    . LYS C 3 20  ? 3.437   -1.471  7.425   1.00 47.09  ? 20  LYS A NZ    1 
ATOM   533  N N     . LEU C 3 21  ? 1.396   2.189   2.120   1.00 47.43  ? 21  LEU A N     1 
ATOM   534  C CA    . LEU C 3 21  ? 1.048   3.580   1.855   1.00 48.04  ? 21  LEU A CA    1 
ATOM   535  C C     . LEU C 3 21  ? -0.016  3.737   0.754   1.00 48.40  ? 21  LEU A C     1 
ATOM   536  O O     . LEU C 3 21  ? -0.942  4.546   0.887   1.00 48.56  ? 21  LEU A O     1 
ATOM   537  C CB    . LEU C 3 21  ? 2.300   4.404   1.529   1.00 48.01  ? 21  LEU A CB    1 
ATOM   538  C CG    . LEU C 3 21  ? 2.144   5.929   1.596   1.00 48.05  ? 21  LEU A CG    1 
ATOM   539  C CD1   . LEU C 3 21  ? 2.037   6.426   3.042   1.00 47.88  ? 21  LEU A CD1   1 
ATOM   540  C CD2   . LEU C 3 21  ? 3.302   6.606   0.886   1.00 48.64  ? 21  LEU A CD2   1 
ATOM   541  N N     . TYR C 3 22  ? 0.109   2.967   -0.327  1.00 48.71  ? 22  TYR A N     1 
ATOM   542  C CA    . TYR C 3 22  ? -0.889  3.010   -1.393  1.00 48.79  ? 22  TYR A CA    1 
ATOM   543  C C     . TYR C 3 22  ? -2.263  2.604   -0.881  1.00 48.83  ? 22  TYR A C     1 
ATOM   544  O O     . TYR C 3 22  ? -3.262  3.237   -1.214  1.00 48.85  ? 22  TYR A O     1 
ATOM   545  C CB    . TYR C 3 22  ? -0.450  2.182   -2.606  1.00 48.91  ? 22  TYR A CB    1 
ATOM   546  C CG    . TYR C 3 22  ? 0.276   3.028   -3.617  1.00 49.02  ? 22  TYR A CG    1 
ATOM   547  C CD1   . TYR C 3 22  ? 1.630   3.321   -3.468  1.00 49.13  ? 22  TYR A CD1   1 
ATOM   548  C CD2   . TYR C 3 22  ? -0.400  3.577   -4.702  1.00 49.20  ? 22  TYR A CD2   1 
ATOM   549  C CE1   . TYR C 3 22  ? 2.298   4.125   -4.393  1.00 49.40  ? 22  TYR A CE1   1 
ATOM   550  C CE2   . TYR C 3 22  ? 0.257   4.380   -5.633  1.00 49.59  ? 22  TYR A CE2   1 
ATOM   551  C CZ    . TYR C 3 22  ? 1.605   4.653   -5.473  1.00 49.40  ? 22  TYR A CZ    1 
ATOM   552  O OH    . TYR C 3 22  ? 2.255   5.453   -6.395  1.00 49.49  ? 22  TYR A OH    1 
ATOM   553  N N     . MET C 3 23  ? -2.303  1.584   -0.031  1.00 48.88  ? 23  MET A N     1 
ATOM   554  C CA    . MET C 3 23  ? -3.555  1.157   0.582   1.00 49.04  ? 23  MET A CA    1 
ATOM   555  C C     . MET C 3 23  ? -4.222  2.343   1.284   1.00 49.13  ? 23  MET A C     1 
ATOM   556  O O     . MET C 3 23  ? -5.311  2.760   0.887   1.00 49.13  ? 23  MET A O     1 
ATOM   557  C CB    . MET C 3 23  ? -3.326  -0.012  1.544   1.00 48.97  ? 23  MET A CB    1 
ATOM   558  C CG    . MET C 3 23  ? -2.303  -1.059  1.065   1.00 49.33  ? 23  MET A CG    1 
ATOM   559  S SD    . MET C 3 23  ? -2.765  -2.131  -0.326  1.00 49.50  ? 23  MET A SD    1 
ATOM   560  C CE    . MET C 3 23  ? -2.458  -1.084  -1.747  1.00 49.10  ? 23  MET A CE    1 
ATOM   561  N N     . ILE C 3 24  ? -3.546  2.911   2.293   1.00 20.00  ? 24  ILE A N     1 
ATOM   562  C CA    . ILE C 3 24  ? -4.032  4.090   2.998   1.00 20.00  ? 24  ILE A CA    1 
ATOM   563  C C     . ILE C 3 24  ? -4.650  5.097   2.033   1.00 20.00  ? 24  ILE A C     1 
ATOM   564  O O     . ILE C 3 24  ? -5.842  5.397   2.107   1.00 50.11  ? 24  ILE A O     1 
ATOM   565  C CB    . ILE C 3 24  ? -2.890  4.753   3.793   1.00 20.00  ? 24  ILE A CB    1 
ATOM   566  C CG1   . ILE C 3 24  ? -1.753  5.159   2.853   1.00 20.00  ? 24  ILE A CG1   1 
ATOM   567  C CG2   . ILE C 3 24  ? -2.383  3.816   4.878   1.00 20.00  ? 24  ILE A CG2   1 
ATOM   568  C CD1   . ILE C 3 24  ? -0.494  5.591   3.571   1.00 20.00  ? 24  ILE A CD1   1 
ATOM   569  N N     . THR C 3 25  ? -3.838  5.590   1.098   1.00 50.68  ? 25  THR A N     1 
ATOM   570  C CA    . THR C 3 25  ? -4.274  6.566   0.105   1.00 51.37  ? 25  THR A CA    1 
ATOM   571  C C     . THR C 3 25  ? -5.520  6.100   -0.641  1.00 51.83  ? 25  THR A C     1 
ATOM   572  O O     . THR C 3 25  ? -6.496  6.842   -0.758  1.00 51.87  ? 25  THR A O     1 
ATOM   573  C CB    . THR C 3 25  ? -3.125  6.893   -0.887  1.00 51.40  ? 25  THR A CB    1 
ATOM   574  O OG1   . THR C 3 25  ? -2.106  7.636   -0.202  1.00 51.38  ? 25  THR A OG1   1 
ATOM   575  C CG2   . THR C 3 25  ? -3.622  7.707   -2.091  1.00 51.38  ? 25  THR A CG2   1 
ATOM   576  N N     . MET C 3 26  ? -5.486  4.866   -1.129  1.00 52.48  ? 26  MET A N     1 
ATOM   577  C CA    . MET C 3 26  ? -6.587  4.337   -1.918  1.00 53.35  ? 26  MET A CA    1 
ATOM   578  C C     . MET C 3 26  ? -7.828  4.133   -1.071  1.00 53.79  ? 26  MET A C     1 
ATOM   579  O O     . MET C 3 26  ? -8.936  4.377   -1.533  1.00 53.95  ? 26  MET A O     1 
ATOM   580  C CB    . MET C 3 26  ? -6.191  3.035   -2.601  1.00 53.24  ? 26  MET A CB    1 
ATOM   581  C CG    . MET C 3 26  ? -5.048  3.199   -3.577  1.00 53.59  ? 26  MET A CG    1 
ATOM   582  S SD    . MET C 3 26  ? -4.503  1.629   -4.261  1.00 53.81  ? 26  MET A SD    1 
ATOM   583  C CE    . MET C 3 26  ? -5.161  1.757   -5.923  1.00 54.09  ? 26  MET A CE    1 
ATOM   584  N N     . THR C 3 27  ? -7.635  3.694   0.170   1.00 54.41  ? 27  THR A N     1 
ATOM   585  C CA    . THR C 3 27  ? -8.730  3.559   1.123   1.00 55.01  ? 27  THR A CA    1 
ATOM   586  C C     . THR C 3 27  ? -9.277  4.932   1.472   1.00 55.61  ? 27  THR A C     1 
ATOM   587  O O     . THR C 3 27  ? -10.484 5.109   1.638   1.00 55.58  ? 27  THR A O     1 
ATOM   588  C CB    . THR C 3 27  ? -8.266  2.854   2.392   1.00 54.86  ? 27  THR A CB    1 
ATOM   589  O OG1   . THR C 3 27  ? -7.841  1.534   2.052   1.00 54.80  ? 27  THR A OG1   1 
ATOM   590  C CG2   . THR C 3 27  ? -9.394  2.762   3.406   1.00 55.05  ? 27  THR A CG2   1 
ATOM   591  N N     . GLU C 3 28  ? -8.377  5.905   1.550   1.00 56.44  ? 28  GLU A N     1 
ATOM   592  C CA    . GLU C 3 28  ? -8.743  7.277   1.853   1.00 57.34  ? 28  GLU A CA    1 
ATOM   593  C C     . GLU C 3 28  ? -9.838  7.783   0.917   1.00 57.96  ? 28  GLU A C     1 
ATOM   594  O O     . GLU C 3 28  ? -10.475 8.791   1.207   1.00 58.04  ? 28  GLU A O     1 
ATOM   595  C CB    . GLU C 3 28  ? -7.507  8.176   1.786   1.00 57.29  ? 28  GLU A CB    1 
ATOM   596  C CG    . GLU C 3 28  ? -7.372  9.134   2.955   1.00 57.51  ? 28  GLU A CG    1 
ATOM   597  C CD    . GLU C 3 28  ? -5.997  9.778   3.025   1.00 57.68  ? 28  GLU A CD    1 
ATOM   598  O OE1   . GLU C 3 28  ? -5.662  10.577  2.124   1.00 57.82  ? 28  GLU A OE1   1 
ATOM   599  O OE2   . GLU C 3 28  ? -5.253  9.492   3.991   1.00 57.93  ? 28  GLU A OE2   1 
ATOM   600  N N     . GLN C 3 29  ? -10.066 7.064   -0.185  1.00 58.82  ? 29  GLN A N     1 
ATOM   601  C CA    . GLN C 3 29  ? -11.063 7.459   -1.187  1.00 59.84  ? 29  GLN A CA    1 
ATOM   602  C C     . GLN C 3 29  ? -11.827 6.301   -1.859  1.00 60.36  ? 29  GLN A C     1 
ATOM   603  O O     . GLN C 3 29  ? -13.039 6.176   -1.680  1.00 60.47  ? 29  GLN A O     1 
ATOM   604  C CB    . GLN C 3 29  ? -10.440 8.392   -2.236  1.00 59.76  ? 29  GLN A CB    1 
ATOM   605  C CG    . GLN C 3 29  ? -9.099  7.934   -2.806  1.00 60.11  ? 29  GLN A CG    1 
ATOM   606  C CD    . GLN C 3 29  ? -8.366  9.050   -3.524  1.00 60.26  ? 29  GLN A CD    1 
ATOM   607  O OE1   . GLN C 3 29  ? -8.016  10.066  -2.921  1.00 60.83  ? 29  GLN A OE1   1 
ATOM   608  N NE2   . GLN C 3 29  ? -8.130  8.869   -4.820  1.00 60.89  ? 29  GLN A NE2   1 
ATOM   609  N N     . GLU C 3 30  ? -11.119 5.468   -2.626  1.00 61.13  ? 30  GLU A N     1 
ATOM   610  C CA    . GLU C 3 30  ? -11.730 4.398   -3.443  1.00 61.77  ? 30  GLU A CA    1 
ATOM   611  C C     . GLU C 3 30  ? -12.466 3.330   -2.626  1.00 61.68  ? 30  GLU A C     1 
ATOM   612  O O     . GLU C 3 30  ? -13.521 2.844   -3.052  1.00 61.69  ? 30  GLU A O     1 
ATOM   613  C CB    . GLU C 3 30  ? -10.677 3.726   -4.350  1.00 62.13  ? 30  GLU A CB    1 
ATOM   614  C CG    . GLU C 3 30  ? -10.194 4.557   -5.560  1.00 63.57  ? 30  GLU A CG    1 
ATOM   615  C CD    . GLU C 3 30  ? -11.094 4.433   -6.802  1.00 65.43  ? 30  GLU A CD    1 
ATOM   616  O OE1   . GLU C 3 30  ? -12.327 4.654   -6.700  1.00 65.72  ? 30  GLU A OE1   1 
ATOM   617  O OE2   . GLU C 3 30  ? -10.549 4.130   -7.893  1.00 66.34  ? 30  GLU A OE2   1 
ATOM   618  N N     . ARG C 3 31  ? -11.892 2.972   -1.471  1.00 61.69  ? 31  ARG A N     1 
ATOM   619  C CA    . ARG C 3 31  ? -12.420 1.937   -0.562  1.00 61.72  ? 31  ARG A CA    1 
ATOM   620  C C     . ARG C 3 31  ? -12.623 0.600   -1.284  1.00 61.23  ? 31  ARG A C     1 
ATOM   621  O O     . ARG C 3 31  ? -13.745 0.271   -1.700  1.00 61.30  ? 31  ARG A O     1 
ATOM   622  C CB    . ARG C 3 31  ? -13.731 2.408   0.091   1.00 62.10  ? 31  ARG A CB    1 
ATOM   623  C CG    . ARG C 3 31  ? -14.040 1.836   1.489   1.00 63.43  ? 31  ARG A CG    1 
ATOM   624  C CD    . ARG C 3 31  ? -13.289 2.550   2.645   1.00 65.85  ? 31  ARG A CD    1 
ATOM   625  N NE    . ARG C 3 31  ? -12.807 3.901   2.324   1.00 67.52  ? 31  ARG A NE    1 
ATOM   626  C CZ    . ARG C 3 31  ? -13.565 4.999   2.272   1.00 68.25  ? 31  ARG A CZ    1 
ATOM   627  N NH1   . ARG C 3 31  ? -14.875 4.934   2.500   1.00 68.60  ? 31  ARG A NH1   1 
ATOM   628  N NH2   . ARG C 3 31  ? -13.008 6.164   1.965   1.00 68.30  ? 31  ARG A NH2   1 
ATOM   629  N N     . LEU C 3 32  ? -11.542 -0.164  -1.436  1.00 60.47  ? 32  LEU A N     1 
ATOM   630  C CA    . LEU C 3 32  ? -11.601 -1.374  -2.254  1.00 59.74  ? 32  LEU A CA    1 
ATOM   631  C C     . LEU C 3 32  ? -11.174 -2.656  -1.525  1.00 59.27  ? 32  LEU A C     1 
ATOM   632  O O     . LEU C 3 32  ? -10.977 -2.653  -0.307  1.00 59.06  ? 32  LEU A O     1 
ATOM   633  C CB    . LEU C 3 32  ? -10.847 -1.172  -3.580  1.00 59.68  ? 32  LEU A CB    1 
ATOM   634  C CG    . LEU C 3 32  ? -11.356 -0.076  -4.534  1.00 59.62  ? 32  LEU A CG    1 
ATOM   635  C CD1   . LEU C 3 32  ? -10.363 0.140   -5.659  1.00 59.58  ? 32  LEU A CD1   1 
ATOM   636  C CD2   . LEU C 3 32  ? -12.767 -0.343  -5.103  1.00 59.45  ? 32  LEU A CD2   1 
ATOM   637  N N     . TYR C 3 33  ? -11.073 -3.745  -2.290  1.00 58.79  ? 33  TYR A N     1 
ATOM   638  C CA    . TYR C 3 33  ? -10.674 -5.065  -1.790  1.00 58.28  ? 33  TYR A CA    1 
ATOM   639  C C     . TYR C 3 33  ? -9.444  -5.591  -2.523  1.00 58.10  ? 33  TYR A C     1 
ATOM   640  O O     . TYR C 3 33  ? -9.205  -5.242  -3.685  1.00 58.12  ? 33  TYR A O     1 
ATOM   641  C CB    . TYR C 3 33  ? -11.822 -6.061  -1.940  1.00 58.16  ? 33  TYR A CB    1 
ATOM   642  C CG    . TYR C 3 33  ? -12.135 -6.470  -3.362  1.00 57.90  ? 33  TYR A CG    1 
ATOM   643  C CD1   . TYR C 3 33  ? -11.762 -7.721  -3.841  1.00 57.68  ? 33  TYR A CD1   1 
ATOM   644  C CD2   . TYR C 3 33  ? -12.823 -5.615  -4.223  1.00 57.96  ? 33  TYR A CD2   1 
ATOM   645  C CE1   . TYR C 3 33  ? -12.053 -8.113  -5.141  1.00 57.98  ? 33  TYR A CE1   1 
ATOM   646  C CE2   . TYR C 3 33  ? -13.122 -5.996  -5.529  1.00 58.00  ? 33  TYR A CE2   1 
ATOM   647  C CZ    . TYR C 3 33  ? -12.735 -7.247  -5.981  1.00 57.99  ? 33  TYR A CZ    1 
ATOM   648  O OH    . TYR C 3 33  ? -13.027 -7.629  -7.268  1.00 57.89  ? 33  TYR A OH    1 
ATOM   649  N N     . GLY C 3 34  ? -8.686  -6.448  -1.838  1.00 57.82  ? 34  GLY A N     1 
ATOM   650  C CA    . GLY C 3 34  ? -7.370  -6.929  -2.298  1.00 57.35  ? 34  GLY A CA    1 
ATOM   651  C C     . GLY C 3 34  ? -7.135  -7.030  -3.796  1.00 56.95  ? 34  GLY A C     1 
ATOM   652  O O     . GLY C 3 34  ? -6.528  -6.138  -4.404  1.00 56.84  ? 34  GLY A O     1 
ATOM   653  N N     . LEU C 3 35  ? -7.633  -8.117  -4.382  1.00 56.57  ? 35  LEU A N     1 
ATOM   654  C CA    . LEU C 3 35  ? -7.430  -8.439  -5.791  1.00 56.28  ? 35  LEU A CA    1 
ATOM   655  C C     . LEU C 3 35  ? -7.663  -7.258  -6.732  1.00 56.10  ? 35  LEU A C     1 
ATOM   656  O O     . LEU C 3 35  ? -7.086  -7.206  -7.824  1.00 56.12  ? 35  LEU A O     1 
ATOM   657  C CB    . LEU C 3 35  ? -8.326  -9.615  -6.197  1.00 56.28  ? 35  LEU A CB    1 
ATOM   658  C CG    . LEU C 3 35  ? -7.682  -10.832 -6.875  1.00 56.39  ? 35  LEU A CG    1 
ATOM   659  C CD1   . LEU C 3 35  ? -7.040  -10.510 -8.232  1.00 56.67  ? 35  LEU A CD1   1 
ATOM   660  C CD2   . LEU C 3 35  ? -6.674  -11.479 -5.940  1.00 56.09  ? 35  LEU A CD2   1 
ATOM   661  N N     . LYS C 3 36  ? -8.507  -6.317  -6.310  1.00 55.87  ? 36  LYS A N     1 
ATOM   662  C CA    . LYS C 3 36  ? -8.736  -5.102  -7.081  1.00 55.70  ? 36  LYS A CA    1 
ATOM   663  C C     . LYS C 3 36  ? -7.474  -4.248  -7.038  1.00 55.51  ? 36  LYS A C     1 
ATOM   664  O O     . LYS C 3 36  ? -6.840  -4.025  -8.076  1.00 55.58  ? 36  LYS A O     1 
ATOM   665  C CB    . LYS C 3 36  ? -9.955  -4.324  -6.566  1.00 55.69  ? 36  LYS A CB    1 
ATOM   666  C CG    . LYS C 3 36  ? -10.471 -3.221  -7.504  1.00 56.00  ? 36  LYS A CG    1 
ATOM   667  C CD    . LYS C 3 36  ? -11.434 -3.743  -8.591  1.00 56.57  ? 36  LYS A CD    1 
ATOM   668  C CE    . LYS C 3 36  ? -10.745 -3.985  -9.946  1.00 56.89  ? 36  LYS A CE    1 
ATOM   669  N NZ    . LYS C 3 36  ? -11.699 -4.251  -11.078 1.00 56.47  ? 36  LYS A NZ    1 
ATOM   670  N N     . LEU C 3 37  ? -7.090  -3.813  -5.839  1.00 55.12  ? 37  LEU A N     1 
ATOM   671  C CA    . LEU C 3 37  ? -5.900  -2.983  -5.673  1.00 54.72  ? 37  LEU A CA    1 
ATOM   672  C C     . LEU C 3 37  ? -4.757  -3.485  -6.538  1.00 54.50  ? 37  LEU A C     1 
ATOM   673  O O     . LEU C 3 37  ? -4.216  -2.737  -7.348  1.00 54.48  ? 37  LEU A O     1 
ATOM   674  C CB    . LEU C 3 37  ? -5.462  -2.924  -4.210  1.00 54.69  ? 37  LEU A CB    1 
ATOM   675  C CG    . LEU C 3 37  ? -6.317  -2.156  -3.196  1.00 54.62  ? 37  LEU A CG    1 
ATOM   676  C CD1   . LEU C 3 37  ? -7.078  -1.002  -3.832  1.00 54.67  ? 37  LEU A CD1   1 
ATOM   677  C CD2   . LEU C 3 37  ? -7.275  -3.082  -2.492  1.00 54.51  ? 37  LEU A CD2   1 
ATOM   678  N N     . LEU C 3 38  ? -4.418  -4.761  -6.374  1.00 54.22  ? 38  LEU A N     1 
ATOM   679  C CA    . LEU C 3 38  ? -3.397  -5.400  -7.188  1.00 54.05  ? 38  LEU A CA    1 
ATOM   680  C C     . LEU C 3 38  ? -3.527  -5.008  -8.655  1.00 53.82  ? 38  LEU A C     1 
ATOM   681  O O     . LEU C 3 38  ? -2.615  -4.400  -9.210  1.00 53.92  ? 38  LEU A O     1 
ATOM   682  C CB    . LEU C 3 38  ? -3.461  -6.923  -7.038  1.00 54.09  ? 38  LEU A CB    1 
ATOM   683  C CG    . LEU C 3 38  ? -2.543  -7.735  -7.959  1.00 54.31  ? 38  LEU A CG    1 
ATOM   684  C CD1   . LEU C 3 38  ? -1.085  -7.498  -7.621  1.00 55.12  ? 38  LEU A CD1   1 
ATOM   685  C CD2   . LEU C 3 38  ? -2.864  -9.214  -7.895  1.00 54.28  ? 38  LEU A CD2   1 
ATOM   686  N N     . GLU C 3 39  ? -4.666  -5.342  -9.262  1.00 53.45  ? 39  GLU A N     1 
ATOM   687  C CA    . GLU C 3 39  ? -4.930  -5.050  -10.668 1.00 53.27  ? 39  GLU A CA    1 
ATOM   688  C C     . GLU C 3 39  ? -4.754  -3.556  -10.956 1.00 52.71  ? 39  GLU A C     1 
ATOM   689  O O     . GLU C 3 39  ? -4.227  -3.178  -12.003 1.00 52.48  ? 39  GLU A O     1 
ATOM   690  C CB    . GLU C 3 39  ? -6.343  -5.525  -11.049 1.00 53.37  ? 39  GLU A CB    1 
ATOM   691  C CG    . GLU C 3 39  ? -6.695  -5.432  -12.553 1.00 54.12  ? 39  GLU A CG    1 
ATOM   692  C CD    . GLU C 3 39  ? -8.168  -5.771  -12.890 1.00 54.05  ? 39  GLU A CD    1 
ATOM   693  O OE1   . GLU C 3 39  ? -8.847  -6.466  -12.089 1.00 55.06  ? 39  GLU A OE1   1 
ATOM   694  O OE2   . GLU C 3 39  ? -8.642  -5.343  -13.973 1.00 54.22  ? 39  GLU A OE2   1 
ATOM   695  N N     . VAL C 3 40  ? -5.171  -2.723  -10.007 1.00 52.30  ? 40  VAL A N     1 
ATOM   696  C CA    . VAL C 3 40  ? -5.137  -1.272  -10.167 1.00 52.13  ? 40  VAL A CA    1 
ATOM   697  C C     . VAL C 3 40  ? -3.719  -0.742  -10.127 1.00 52.04  ? 40  VAL A C     1 
ATOM   698  O O     . VAL C 3 40  ? -3.341  0.103   -10.935 1.00 52.06  ? 40  VAL A O     1 
ATOM   699  C CB    . VAL C 3 40  ? -5.943  -0.558  -9.070  1.00 52.11  ? 40  VAL A CB    1 
ATOM   700  C CG1   . VAL C 3 40  ? -5.954  0.944   -9.313  1.00 52.24  ? 40  VAL A CG1   1 
ATOM   701  C CG2   . VAL C 3 40  ? -7.360  -1.091  -9.020  1.00 52.30  ? 40  VAL A CG2   1 
ATOM   702  N N     . LEU C 3 41  ? -2.948  -1.234  -9.163  1.00 52.08  ? 41  LEU A N     1 
ATOM   703  C CA    . LEU C 3 41  ? -1.539  -0.882  -9.018  1.00 52.06  ? 41  LEU A CA    1 
ATOM   704  C C     . LEU C 3 41  ? -0.735  -1.376  -10.218 1.00 52.33  ? 41  LEU A C     1 
ATOM   705  O O     . LEU C 3 41  ? 0.107   -0.645  -10.750 1.00 52.28  ? 41  LEU A O     1 
ATOM   706  C CB    . LEU C 3 41  ? -0.980  -1.472  -7.723  1.00 51.83  ? 41  LEU A CB    1 
ATOM   707  C CG    . LEU C 3 41  ? -1.528  -0.916  -6.406  1.00 51.10  ? 41  LEU A CG    1 
ATOM   708  C CD1   . LEU C 3 41  ? -1.632  -2.021  -5.379  1.00 50.31  ? 41  LEU A CD1   1 
ATOM   709  C CD2   . LEU C 3 41  ? -0.684  0.243   -5.887  1.00 50.03  ? 41  LEU A CD2   1 
ATOM   710  N N     . ARG C 3 42  ? -1.020  -2.609  -10.643 1.00 52.70  ? 42  ARG A N     1 
ATOM   711  C CA    . ARG C 3 42  ? -0.423  -3.209  -11.842 1.00 53.15  ? 42  ARG A CA    1 
ATOM   712  C C     . ARG C 3 42  ? -0.645  -2.373  -13.112 1.00 53.54  ? 42  ARG A C     1 
ATOM   713  O O     . ARG C 3 42  ? 0.032   -2.584  -14.118 1.00 53.73  ? 42  ARG A O     1 
ATOM   714  C CB    . ARG C 3 42  ? -0.938  -4.646  -12.049 1.00 53.10  ? 42  ARG A CB    1 
ATOM   715  C CG    . ARG C 3 42  ? -0.339  -5.682  -11.084 1.00 53.23  ? 42  ARG A CG    1 
ATOM   716  C CD    . ARG C 3 42  ? -0.823  -7.122  -11.342 1.00 53.11  ? 42  ARG A CD    1 
ATOM   717  N NE    . ARG C 3 42  ? 0.056   -8.114  -10.707 1.00 52.91  ? 42  ARG A NE    1 
ATOM   718  C CZ    . ARG C 3 42  ? -0.191  -9.422  -10.621 1.00 52.98  ? 42  ARG A CZ    1 
ATOM   719  N NH1   . ARG C 3 42  ? -1.306  -9.936  -11.124 1.00 52.95  ? 42  ARG A NH1   1 
ATOM   720  N NH2   . ARG C 3 42  ? 0.683   -10.223 -10.024 1.00 52.94  ? 42  ARG A NH2   1 
ATOM   721  N N     . SER C 3 43  ? -1.584  -1.427  -13.057 1.00 53.86  ? 43  SER A N     1 
ATOM   722  C CA    . SER C 3 43  ? -1.859  -0.535  -14.185 1.00 54.25  ? 43  SER A CA    1 
ATOM   723  C C     . SER C 3 43  ? -1.186  0.826   -14.032 1.00 54.32  ? 43  SER A C     1 
ATOM   724  O O     . SER C 3 43  ? -0.751  1.418   -15.021 1.00 54.36  ? 43  SER A O     1 
ATOM   725  C CB    . SER C 3 43  ? -3.363  -0.346  -14.369 1.00 54.37  ? 43  SER A CB    1 
ATOM   726  O OG    . SER C 3 43  ? -4.030  -1.596  -14.373 1.00 55.17  ? 43  SER A OG    1 
ATOM   727  N N     . GLU C 3 44  ? -1.106  1.322   -12.799 1.00 54.49  ? 44  GLU A N     1 
ATOM   728  C CA    . GLU C 3 44  ? -0.467  2.609   -12.527 1.00 54.72  ? 44  GLU A CA    1 
ATOM   729  C C     . GLU C 3 44  ? 1.061   2.499   -12.530 1.00 54.70  ? 44  GLU A C     1 
ATOM   730  O O     . GLU C 3 44  ? 1.758   3.515   -12.494 1.00 54.68  ? 44  GLU A O     1 
ATOM   731  C CB    . GLU C 3 44  ? -0.990  3.219   -11.214 1.00 54.80  ? 44  GLU A CB    1 
ATOM   732  C CG    . GLU C 3 44  ? -0.755  4.737   -11.032 1.00 55.60  ? 44  GLU A CG    1 
ATOM   733  C CD    . GLU C 3 44  ? -1.372  5.614   -12.141 1.00 56.82  ? 44  GLU A CD    1 
ATOM   734  O OE1   . GLU C 3 44  ? -0.776  5.713   -13.238 1.00 57.04  ? 44  GLU A OE1   1 
ATOM   735  O OE2   . GLU C 3 44  ? -2.440  6.230   -11.905 1.00 57.20  ? 44  GLU A OE2   1 
ATOM   736  N N     . PHE C 3 45  ? 1.572   1.268   -12.592 1.00 54.74  ? 45  PHE A N     1 
ATOM   737  C CA    . PHE C 3 45  ? 3.017   1.020   -12.638 1.00 54.69  ? 45  PHE A CA    1 
ATOM   738  C C     . PHE C 3 45  ? 3.477   0.188   -13.822 1.00 54.84  ? 45  PHE A C     1 
ATOM   739  O O     . PHE C 3 45  ? 4.677   0.067   -14.065 1.00 54.90  ? 45  PHE A O     1 
ATOM   740  C CB    . PHE C 3 45  ? 3.500   0.385   -11.341 1.00 54.50  ? 45  PHE A CB    1 
ATOM   741  C CG    . PHE C 3 45  ? 3.454   1.310   -10.179 1.00 54.42  ? 45  PHE A CG    1 
ATOM   742  C CD1   . PHE C 3 45  ? 4.210   2.473   -10.176 1.00 54.26  ? 45  PHE A CD1   1 
ATOM   743  C CD2   . PHE C 3 45  ? 2.644   1.032   -9.087  1.00 54.55  ? 45  PHE A CD2   1 
ATOM   744  C CE1   . PHE C 3 45  ? 4.163   3.343   -9.101  1.00 54.53  ? 45  PHE A CE1   1 
ATOM   745  C CE2   . PHE C 3 45  ? 2.594   1.895   -8.000  1.00 54.46  ? 45  PHE A CE2   1 
ATOM   746  C CZ    . PHE C 3 45  ? 3.355   3.052   -8.009  1.00 54.53  ? 45  PHE A CZ    1 
ATOM   747  N N     . LYS C 3 46  ? 2.524   -0.387  -14.547 1.00 55.07  ? 46  LYS A N     1 
ATOM   748  C CA    . LYS C 3 46  ? 2.794   -1.103  -15.799 1.00 55.32  ? 46  LYS A CA    1 
ATOM   749  C C     . LYS C 3 46  ? 3.916   -0.430  -16.606 1.00 55.16  ? 46  LYS A C     1 
ATOM   750  O O     . LYS C 3 46  ? 4.949   -1.048  -16.884 1.00 55.09  ? 46  LYS A O     1 
ATOM   751  C CB    . LYS C 3 46  ? 1.509   -1.167  -16.635 1.00 55.36  ? 46  LYS A CB    1 
ATOM   752  C CG    . LYS C 3 46  ? 1.540   -2.122  -17.828 1.00 55.66  ? 46  LYS A CG    1 
ATOM   753  C CD    . LYS C 3 46  ? 0.437   -1.787  -18.844 1.00 55.81  ? 46  LYS A CD    1 
ATOM   754  C CE    . LYS C 3 46  ? -0.972  -2.029  -18.284 1.00 56.43  ? 46  LYS A CE    1 
ATOM   755  N NZ    . LYS C 3 46  ? -2.034  -1.624  -19.253 1.00 56.45  ? 46  LYS A NZ    1 
ATOM   756  N N     . GLU C 3 47  ? 3.692   0.841   -16.952 1.00 55.03  ? 47  GLU A N     1 
ATOM   757  C CA    . GLU C 3 47  ? 4.619   1.670   -17.731 1.00 54.83  ? 47  GLU A CA    1 
ATOM   758  C C     . GLU C 3 47  ? 6.031   1.692   -17.136 1.00 54.29  ? 47  GLU A C     1 
ATOM   759  O O     . GLU C 3 47  ? 7.019   1.518   -17.859 1.00 54.24  ? 47  GLU A O     1 
ATOM   760  C CB    . GLU C 3 47  ? 4.039   3.092   -17.870 1.00 55.05  ? 47  GLU A CB    1 
ATOM   761  C CG    . GLU C 3 47  ? 4.994   4.192   -18.370 1.00 56.38  ? 47  GLU A CG    1 
ATOM   762  C CD    . GLU C 3 47  ? 5.135   4.241   -19.892 1.00 58.23  ? 47  GLU A CD    1 
ATOM   763  O OE1   . GLU C 3 47  ? 5.855   3.383   -20.454 1.00 58.99  ? 47  GLU A OE1   1 
ATOM   764  O OE2   . GLU C 3 47  ? 4.546   5.152   -20.526 1.00 58.82  ? 47  GLU A OE2   1 
ATOM   765  N N     . ILE C 3 48  ? 6.122   1.892   -15.816 1.00 20.00  ? 48  ILE A N     1 
ATOM   766  C CA    . ILE C 3 48  ? 7.403   1.936   -15.121 1.00 20.00  ? 48  ILE A CA    1 
ATOM   767  C C     . ILE C 3 48  ? 7.967   0.535   -14.911 1.00 20.00  ? 48  ILE A C     1 
ATOM   768  O O     . ILE C 3 48  ? 9.119   0.359   -14.502 1.00 52.82  ? 48  ILE A O     1 
ATOM   769  C CB    . ILE C 3 48  ? 7.256   2.655   -13.766 1.00 20.00  ? 48  ILE A CB    1 
ATOM   770  C CG1   . ILE C 3 48  ? 8.620   2.796   -13.088 1.00 20.00  ? 48  ILE A CG1   1 
ATOM   771  C CG2   . ILE C 3 48  ? 6.284   1.906   -12.869 1.00 20.00  ? 48  ILE A CG2   1 
ATOM   772  C CD1   . ILE C 3 48  ? 8.602   3.677   -11.858 1.00 20.00  ? 48  ILE A CD1   1 
ATOM   773  N N     . GLY C 3 49  ? 7.153   -0.492  -15.204 1.00 52.44  ? 49  GLY A N     1 
ATOM   774  C CA    . GLY C 3 49  ? 7.607   -1.881  -15.186 1.00 52.07  ? 49  GLY A CA    1 
ATOM   775  C C     . GLY C 3 49  ? 7.671   -2.545  -13.822 1.00 51.78  ? 49  GLY A C     1 
ATOM   776  O O     . GLY C 3 49  ? 8.375   -3.538  -13.647 1.00 51.89  ? 49  GLY A O     1 
ATOM   777  N N     . PHE C 3 50  ? 6.943   -1.996  -12.856 1.00 51.44  ? 50  PHE A N     1 
ATOM   778  C CA    . PHE C 3 50  ? 6.817   -2.611  -11.540 1.00 51.13  ? 50  PHE A CA    1 
ATOM   779  C C     . PHE C 3 50  ? 5.498   -3.385  -11.444 1.00 50.84  ? 50  PHE A C     1 
ATOM   780  O O     . PHE C 3 50  ? 4.414   -2.790  -11.489 1.00 50.98  ? 50  PHE A O     1 
ATOM   781  C CB    . PHE C 3 50  ? 6.923   -1.547  -10.439 1.00 51.21  ? 50  PHE A CB    1 
ATOM   782  C CG    . PHE C 3 50  ? 6.580   -2.048  -9.050  1.00 51.69  ? 50  PHE A CG    1 
ATOM   783  C CD1   . PHE C 3 50  ? 7.029   -3.298  -8.596  1.00 52.39  ? 50  PHE A CD1   1 
ATOM   784  C CD2   . PHE C 3 50  ? 5.834   -1.253  -8.181  1.00 51.72  ? 50  PHE A CD2   1 
ATOM   785  C CE1   . PHE C 3 50  ? 6.716   -3.753  -7.307  1.00 52.03  ? 50  PHE A CE1   1 
ATOM   786  C CE2   . PHE C 3 50  ? 5.522   -1.698  -6.889  1.00 51.47  ? 50  PHE A CE2   1 
ATOM   787  C CZ    . PHE C 3 50  ? 5.961   -2.950  -6.455  1.00 51.60  ? 50  PHE A CZ    1 
ATOM   788  N N     . LYS C 3 51  ? 5.599   -4.710  -11.319 1.00 50.24  ? 51  LYS A N     1 
ATOM   789  C CA    . LYS C 3 51  ? 4.420   -5.575  -11.261 1.00 49.64  ? 51  LYS A CA    1 
ATOM   790  C C     . LYS C 3 51  ? 4.420   -6.438  -9.991  1.00 49.08  ? 51  LYS A C     1 
ATOM   791  O O     . LYS C 3 51  ? 4.959   -7.550  -9.988  1.00 48.87  ? 51  LYS A O     1 
ATOM   792  C CB    . LYS C 3 51  ? 4.299   -6.412  -12.548 1.00 49.69  ? 51  LYS A CB    1 
ATOM   793  C CG    . LYS C 3 51  ? 3.111   -7.384  -12.622 1.00 49.93  ? 51  LYS A CG    1 
ATOM   794  C CD    . LYS C 3 51  ? 2.710   -7.688  -14.078 1.00 49.90  ? 51  LYS A CD    1 
ATOM   795  C CE    . LYS C 3 51  ? 2.472   -9.186  -14.325 1.00 50.24  ? 51  LYS A CE    1 
ATOM   796  N NZ    . LYS C 3 51  ? 1.497   -9.824  -13.387 1.00 50.38  ? 51  LYS A NZ    1 
ATOM   797  N N     . PRO C 3 52  ? 3.820   -5.912  -8.900  1.00 48.68  ? 52  PRO A N     1 
ATOM   798  C CA    . PRO C 3 52  ? 3.674   -6.644  -7.638  1.00 48.49  ? 52  PRO A CA    1 
ATOM   799  C C     . PRO C 3 52  ? 2.688   -7.797  -7.751  1.00 48.32  ? 52  PRO A C     1 
ATOM   800  O O     . PRO C 3 52  ? 2.067   -7.991  -8.800  1.00 48.29  ? 52  PRO A O     1 
ATOM   801  C CB    . PRO C 3 52  ? 3.134   -5.584  -6.674  1.00 48.31  ? 52  PRO A CB    1 
ATOM   802  C CG    . PRO C 3 52  ? 2.464   -4.608  -7.535  1.00 48.22  ? 52  PRO A CG    1 
ATOM   803  C CD    . PRO C 3 52  ? 3.253   -4.555  -8.803  1.00 48.51  ? 52  PRO A CD    1 
ATOM   804  N N     . ASN C 3 53  ? 2.550   -8.554  -6.670  1.00 48.09  ? 53  ASN A N     1 
ATOM   805  C CA    . ASN C 3 53  ? 1.696   -9.723  -6.682  1.00 47.89  ? 53  ASN A CA    1 
ATOM   806  C C     . ASN C 3 53  ? 0.701   -9.716  -5.536  1.00 47.72  ? 53  ASN A C     1 
ATOM   807  O O     . ASN C 3 53  ? 0.917   -9.073  -4.506  1.00 47.40  ? 53  ASN A O     1 
ATOM   808  C CB    . ASN C 3 53  ? 2.537   -10.993 -6.653  1.00 48.01  ? 53  ASN A CB    1 
ATOM   809  C CG    . ASN C 3 53  ? 3.578   -10.969 -5.560  1.00 48.36  ? 53  ASN A CG    1 
ATOM   810  O OD1   . ASN C 3 53  ? 4.655   -10.384 -5.716  1.00 48.66  ? 53  ASN A OD1   1 
ATOM   811  N ND2   . ASN C 3 53  ? 3.261   -11.607 -4.438  1.00 48.81  ? 53  ASN A ND2   1 
ATOM   812  N N     . HIS C 3 54  ? -0.395  -10.440 -5.746  1.00 47.68  ? 54  HIS A N     1 
ATOM   813  C CA    . HIS C 3 54  ? -1.478  -10.525 -4.777  1.00 47.48  ? 54  HIS A CA    1 
ATOM   814  C C     . HIS C 3 54  ? -0.962  -10.813 -3.372  1.00 47.78  ? 54  HIS A C     1 
ATOM   815  O O     . HIS C 3 54  ? -1.252  -10.059 -2.443  1.00 47.77  ? 54  HIS A O     1 
ATOM   816  C CB    . HIS C 3 54  ? -2.526  -11.561 -5.218  1.00 47.12  ? 54  HIS A CB    1 
ATOM   817  C CG    . HIS C 3 54  ? -2.075  -12.984 -5.104  1.00 45.79  ? 54  HIS A CG    1 
ATOM   818  N ND1   . HIS C 3 54  ? -1.150  -13.544 -5.958  1.00 45.05  ? 54  HIS A ND1   1 
ATOM   819  C CD2   . HIS C 3 54  ? -2.439  -13.969 -4.249  1.00 44.57  ? 54  HIS A CD2   1 
ATOM   820  C CE1   . HIS C 3 54  ? -0.956  -14.808 -5.627  1.00 44.60  ? 54  HIS A CE1   1 
ATOM   821  N NE2   . HIS C 3 54  ? -1.728  -15.091 -4.593  1.00 44.05  ? 54  HIS A NE2   1 
ATOM   822  N N     . THR C 3 55  ? -0.173  -11.880 -3.234  1.00 48.06  ? 55  THR A N     1 
ATOM   823  C CA    . THR C 3 55  ? 0.354   -12.297 -1.935  1.00 48.37  ? 55  THR A CA    1 
ATOM   824  C C     . THR C 3 55  ? 1.017   -11.111 -1.257  1.00 48.51  ? 55  THR A C     1 
ATOM   825  O O     . THR C 3 55  ? 0.807   -10.867 -0.071  1.00 48.72  ? 55  THR A O     1 
ATOM   826  C CB    . THR C 3 55  ? 1.349   -13.487 -2.049  1.00 48.30  ? 55  THR A CB    1 
ATOM   827  O OG1   . THR C 3 55  ? 0.672   -14.632 -2.584  1.00 48.66  ? 55  THR A OG1   1 
ATOM   828  C CG2   . THR C 3 55  ? 1.909   -13.860 -0.689  1.00 48.01  ? 55  THR A CG2   1 
ATOM   829  N N     . GLU C 3 56  ? 1.785   -10.353 -2.028  1.00 48.62  ? 56  GLU A N     1 
ATOM   830  C CA    . GLU C 3 56  ? 2.446   -9.190  -1.486  1.00 48.84  ? 56  GLU A CA    1 
ATOM   831  C C     . GLU C 3 56  ? 1.421   -8.146  -1.065  1.00 48.91  ? 56  GLU A C     1 
ATOM   832  O O     . GLU C 3 56  ? 1.475   -7.642  0.061   1.00 48.98  ? 56  GLU A O     1 
ATOM   833  C CB    . GLU C 3 56  ? 3.460   -8.622  -2.486  1.00 49.06  ? 56  GLU A CB    1 
ATOM   834  C CG    . GLU C 3 56  ? 4.501   -7.672  -1.883  1.00 49.03  ? 56  GLU A CG    1 
ATOM   835  C CD    . GLU C 3 56  ? 4.921   -8.037  -0.455  1.00 49.14  ? 56  GLU A CD    1 
ATOM   836  O OE1   . GLU C 3 56  ? 5.018   -9.244  -0.108  1.00 48.43  ? 56  GLU A OE1   1 
ATOM   837  O OE2   . GLU C 3 56  ? 5.159   -7.088  0.320   1.00 49.12  ? 56  GLU A OE2   1 
ATOM   838  N N     . VAL C 3 57  ? 0.474   -7.854  -1.957  1.00 49.02  ? 57  VAL A N     1 
ATOM   839  C CA    . VAL C 3 57  ? -0.570  -6.857  -1.686  1.00 49.00  ? 57  VAL A CA    1 
ATOM   840  C C     . VAL C 3 57  ? -1.357  -7.236  -0.436  1.00 48.95  ? 57  VAL A C     1 
ATOM   841  O O     . VAL C 3 57  ? -1.586  -6.396  0.434   1.00 48.90  ? 57  VAL A O     1 
ATOM   842  C CB    . VAL C 3 57  ? -1.529  -6.688  -2.885  1.00 49.02  ? 57  VAL A CB    1 
ATOM   843  C CG1   . VAL C 3 57  ? -2.606  -5.651  -2.570  1.00 48.81  ? 57  VAL A CG1   1 
ATOM   844  C CG2   . VAL C 3 57  ? -0.748  -6.295  -4.138  1.00 49.03  ? 57  VAL A CG2   1 
ATOM   845  N N     . TYR C 3 58  ? -1.739  -8.509  -0.355  1.00 48.92  ? 58  TYR A N     1 
ATOM   846  C CA    . TYR C 3 58  ? -2.447  -9.058  0.797   1.00 48.92  ? 58  TYR A CA    1 
ATOM   847  C C     . TYR C 3 58  ? -1.727  -8.826  2.115   1.00 48.72  ? 58  TYR A C     1 
ATOM   848  O O     . TYR C 3 58  ? -2.337  -8.357  3.079   1.00 48.79  ? 58  TYR A O     1 
ATOM   849  C CB    . TYR C 3 58  ? -2.704  -10.557 0.618   1.00 49.19  ? 58  TYR A CB    1 
ATOM   850  C CG    . TYR C 3 58  ? -3.922  -10.870 -0.218  1.00 49.57  ? 58  TYR A CG    1 
ATOM   851  C CD1   . TYR C 3 58  ? -5.034  -10.023 -0.209  1.00 49.70  ? 58  TYR A CD1   1 
ATOM   852  C CD2   . TYR C 3 58  ? -3.978  -12.023 -0.996  1.00 49.78  ? 58  TYR A CD2   1 
ATOM   853  C CE1   . TYR C 3 58  ? -6.158  -10.299 -0.973  1.00 50.05  ? 58  TYR A CE1   1 
ATOM   854  C CE2   . TYR C 3 58  ? -5.099  -12.314 -1.761  1.00 50.37  ? 58  TYR A CE2   1 
ATOM   855  C CZ    . TYR C 3 58  ? -6.189  -11.445 -1.748  1.00 50.25  ? 58  TYR A CZ    1 
ATOM   856  O OH    . TYR C 3 58  ? -7.313  -11.723 -2.504  1.00 50.13  ? 58  TYR A OH    1 
ATOM   857  N N     . ARG C 3 59  ? -0.435  -9.147  2.149   1.00 48.41  ? 59  ARG A N     1 
ATOM   858  C CA    . ARG C 3 59  ? 0.351   -9.055  3.374   1.00 48.05  ? 59  ARG A CA    1 
ATOM   859  C C     . ARG C 3 59  ? 0.342   -7.638  3.932   1.00 48.10  ? 59  ARG A C     1 
ATOM   860  O O     . ARG C 3 59  ? 0.314   -7.450  5.151   1.00 48.08  ? 59  ARG A O     1 
ATOM   861  C CB    . ARG C 3 59  ? 1.776   -9.561  3.152   1.00 47.89  ? 59  ARG A CB    1 
ATOM   862  C CG    . ARG C 3 59  ? 1.881   -11.084 3.098   1.00 47.62  ? 59  ARG A CG    1 
ATOM   863  C CD    . ARG C 3 59  ? 3.317   -11.576 3.280   1.00 47.35  ? 59  ARG A CD    1 
ATOM   864  N NE    . ARG C 3 59  ? 4.149   -11.383 2.088   1.00 46.85  ? 59  ARG A NE    1 
ATOM   865  C CZ    . ARG C 3 59  ? 4.681   -12.370 1.366   1.00 46.02  ? 59  ARG A CZ    1 
ATOM   866  N NH1   . ARG C 3 59  ? 4.483   -13.639 1.710   1.00 45.15  ? 59  ARG A NH1   1 
ATOM   867  N NH2   . ARG C 3 59  ? 5.425   -12.082 0.302   1.00 45.42  ? 59  ARG A NH2   1 
ATOM   868  N N     . SER C 3 60  ? 0.331   -6.657  3.031   1.00 48.12  ? 60  SER A N     1 
ATOM   869  C CA    . SER C 3 60  ? 0.283   -5.246  3.399   1.00 48.36  ? 60  SER A CA    1 
ATOM   870  C C     . SER C 3 60  ? -0.998  -4.930  4.166   1.00 48.60  ? 60  SER A C     1 
ATOM   871  O O     . SER C 3 60  ? -0.951  -4.378  5.269   1.00 48.67  ? 60  SER A O     1 
ATOM   872  C CB    . SER C 3 60  ? 0.376   -4.367  2.152   1.00 48.37  ? 60  SER A CB    1 
ATOM   873  O OG    . SER C 3 60  ? 1.202   -4.967  1.172   1.00 48.40  ? 60  SER A OG    1 
ATOM   874  N N     . LEU C 3 61  ? -2.137  -5.287  3.576   1.00 48.83  ? 61  LEU A N     1 
ATOM   875  C CA    . LEU C 3 61  ? -3.427  -5.160  4.244   1.00 49.05  ? 61  LEU A CA    1 
ATOM   876  C C     . LEU C 3 61  ? -3.398  -5.786  5.644   1.00 49.27  ? 61  LEU A C     1 
ATOM   877  O O     . LEU C 3 61  ? -3.553  -5.083  6.642   1.00 49.22  ? 61  LEU A O     1 
ATOM   878  C CB    . LEU C 3 61  ? -4.549  -5.786  3.399   1.00 49.09  ? 61  LEU A CB    1 
ATOM   879  C CG    . LEU C 3 61  ? -5.109  -5.155  2.108   1.00 48.96  ? 61  LEU A CG    1 
ATOM   880  C CD1   . LEU C 3 61  ? -5.080  -3.636  2.127   1.00 48.94  ? 61  LEU A CD1   1 
ATOM   881  C CD2   . LEU C 3 61  ? -4.416  -5.673  0.862   1.00 49.15  ? 61  LEU A CD2   1 
ATOM   882  N N     . HIS C 3 62  ? -3.166  -7.096  5.716   1.00 49.60  ? 62  HIS A N     1 
ATOM   883  C CA    . HIS C 3 62  ? -3.124  -7.802  6.997   1.00 50.16  ? 62  HIS A CA    1 
ATOM   884  C C     . HIS C 3 62  ? -2.266  -7.093  8.031   1.00 50.31  ? 62  HIS A C     1 
ATOM   885  O O     . HIS C 3 62  ? -2.602  -7.089  9.216   1.00 50.44  ? 62  HIS A O     1 
ATOM   886  C CB    . HIS C 3 62  ? -2.606  -9.230  6.835   1.00 50.39  ? 62  HIS A CB    1 
ATOM   887  C CG    . HIS C 3 62  ? -3.400  -10.064 5.882   1.00 51.58  ? 62  HIS A CG    1 
ATOM   888  N ND1   . HIS C 3 62  ? -4.713  -9.787  5.561   1.00 52.65  ? 62  HIS A ND1   1 
ATOM   889  C CD2   . HIS C 3 62  ? -3.073  -11.187 5.199   1.00 52.75  ? 62  HIS A CD2   1 
ATOM   890  C CE1   . HIS C 3 62  ? -5.154  -10.695 4.707   1.00 53.24  ? 62  HIS A CE1   1 
ATOM   891  N NE2   . HIS C 3 62  ? -4.180  -11.556 4.473   1.00 53.49  ? 62  HIS A NE2   1 
ATOM   892  N N     . GLU C 3 63  ? -1.154  -6.510  7.584   1.00 50.46  ? 63  GLU A N     1 
ATOM   893  C CA    . GLU C 3 63  ? -0.253  -5.787  8.481   1.00 50.62  ? 63  GLU A CA    1 
ATOM   894  C C     . GLU C 3 63  ? -0.909  -4.547  9.073   1.00 50.34  ? 63  GLU A C     1 
ATOM   895  O O     . GLU C 3 63  ? -0.850  -4.323  10.287  1.00 50.29  ? 63  GLU A O     1 
ATOM   896  C CB    . GLU C 3 63  ? 1.046   -5.427  7.772   1.00 50.81  ? 63  GLU A CB    1 
ATOM   897  C CG    . GLU C 3 63  ? 2.025   -6.587  7.703   1.00 52.06  ? 63  GLU A CG    1 
ATOM   898  C CD    . GLU C 3 63  ? 3.432   -6.154  7.319   1.00 53.35  ? 63  GLU A CD    1 
ATOM   899  O OE1   . GLU C 3 63  ? 3.890   -5.079  7.787   1.00 53.31  ? 63  GLU A OE1   1 
ATOM   900  O OE2   . GLU C 3 63  ? 4.085   -6.908  6.559   1.00 53.66  ? 63  GLU A OE2   1 
ATOM   901  N N     . LEU C 3 64  ? -1.555  -3.766  8.212   1.00 49.99  ? 64  LEU A N     1 
ATOM   902  C CA    . LEU C 3 64  ? -2.328  -2.604  8.631   1.00 49.71  ? 64  LEU A CA    1 
ATOM   903  C C     . LEU C 3 64  ? -3.485  -2.956  9.574   1.00 49.75  ? 64  LEU A C     1 
ATOM   904  O O     . LEU C 3 64  ? -4.129  -2.060  10.133  1.00 49.79  ? 64  LEU A O     1 
ATOM   905  C CB    . LEU C 3 64  ? -2.859  -1.875  7.404   1.00 49.55  ? 64  LEU A CB    1 
ATOM   906  C CG    . LEU C 3 64  ? -1.855  -1.000  6.664   1.00 49.12  ? 64  LEU A CG    1 
ATOM   907  C CD1   . LEU C 3 64  ? -2.120  -1.017  5.170   1.00 48.88  ? 64  LEU A CD1   1 
ATOM   908  C CD2   . LEU C 3 64  ? -1.897  0.415   7.206   1.00 49.08  ? 64  LEU A CD2   1 
ATOM   909  N N     . LEU C 3 65  ? -3.739  -4.249  9.744   1.00 49.69  ? 65  LEU A N     1 
ATOM   910  C CA    . LEU C 3 65  ? -4.725  -4.715  10.713  1.00 49.72  ? 65  LEU A CA    1 
ATOM   911  C C     . LEU C 3 65  ? -4.185  -4.623  12.137  1.00 49.57  ? 65  LEU A C     1 
ATOM   912  O O     . LEU C 3 65  ? -4.742  -3.916  12.976  1.00 49.68  ? 65  LEU A O     1 
ATOM   913  C CB    . LEU C 3 65  ? -5.142  -6.154  10.402  1.00 49.88  ? 65  LEU A CB    1 
ATOM   914  C CG    . LEU C 3 65  ? -6.067  -6.346  9.197   1.00 50.26  ? 65  LEU A CG    1 
ATOM   915  C CD1   . LEU C 3 65  ? -6.701  -7.728  9.222   1.00 50.46  ? 65  LEU A CD1   1 
ATOM   916  C CD2   . LEU C 3 65  ? -7.133  -5.263  9.160   1.00 50.25  ? 65  LEU A CD2   1 
ATOM   917  N N     . ASP C 3 66  ? -3.098  -5.340  12.400  1.00 49.27  ? 66  ASP A N     1 
ATOM   918  C CA    . ASP C 3 66  ? -2.521  -5.394  13.737  1.00 48.93  ? 66  ASP A CA    1 
ATOM   919  C C     . ASP C 3 66  ? -1.996  -4.028  14.167  1.00 48.40  ? 66  ASP A C     1 
ATOM   920  O O     . ASP C 3 66  ? -1.928  -3.724  15.359  1.00 48.32  ? 66  ASP A O     1 
ATOM   921  C CB    . ASP C 3 66  ? -1.398  -6.431  13.796  1.00 49.19  ? 66  ASP A CB    1 
ATOM   922  C CG    . ASP C 3 66  ? -1.202  -7.152  12.477  1.00 49.82  ? 66  ASP A CG    1 
ATOM   923  O OD1   . ASP C 3 66  ? -2.008  -8.054  12.165  1.00 50.67  ? 66  ASP A OD1   1 
ATOM   924  O OD2   . ASP C 3 66  ? -0.241  -6.818  11.752  1.00 50.09  ? 66  ASP A OD2   1 
ATOM   925  N N     . ASP C 3 67  ? -1.626  -3.208  13.189  1.00 47.72  ? 67  ASP A N     1 
ATOM   926  C CA    . ASP C 3 67  ? -1.296  -1.811  13.444  1.00 47.21  ? 67  ASP A CA    1 
ATOM   927  C C     . ASP C 3 67  ? -2.531  -1.022  13.867  1.00 46.70  ? 67  ASP A C     1 
ATOM   928  O O     . ASP C 3 67  ? -2.442  0.165   14.184  1.00 46.72  ? 67  ASP A O     1 
ATOM   929  C CB    . ASP C 3 67  ? -0.664  -1.174  12.204  1.00 47.33  ? 67  ASP A CB    1 
ATOM   930  C CG    . ASP C 3 67  ? 0.487   -1.992  11.653  1.00 47.69  ? 67  ASP A CG    1 
ATOM   931  O OD1   . ASP C 3 67  ? 0.825   -3.030  12.259  1.00 48.78  ? 67  ASP A OD1   1 
ATOM   932  O OD2   . ASP C 3 67  ? 1.054   -1.596  10.613  1.00 47.53  ? 67  ASP A OD2   1 
ATOM   933  N N     . GLY C 3 68  ? -3.680  -1.688  13.870  1.00 46.16  ? 68  GLY A N     1 
ATOM   934  C CA    . GLY C 3 68  ? -4.870  -1.155  14.509  1.00 45.40  ? 68  GLY A CA    1 
ATOM   935  C C     . GLY C 3 68  ? -5.498  -0.026  13.717  1.00 44.82  ? 68  GLY A C     1 
ATOM   936  O O     . GLY C 3 68  ? -5.881  1.001   14.277  1.00 44.70  ? 68  GLY A O     1 
ATOM   937  N N     . ILE C 3 69  ? -5.606  -0.219  12.406  1.00 20.00  ? 69  ILE A N     1 
ATOM   938  C CA    . ILE C 3 69  ? -5.922  0.875   11.495  1.00 20.00  ? 69  ILE A CA    1 
ATOM   939  C C     . ILE C 3 69  ? -7.092  0.513   10.586  1.00 20.00  ? 69  ILE A C     1 
ATOM   940  O O     . ILE C 3 69  ? -8.246  0.507   11.015  1.00 43.60  ? 69  ILE A O     1 
ATOM   941  C CB    . ILE C 3 69  ? -4.709  1.254   10.626  1.00 20.00  ? 69  ILE A CB    1 
ATOM   942  C CG1   . ILE C 3 69  ? -3.774  2.188   11.397  1.00 20.00  ? 69  ILE A CG1   1 
ATOM   943  C CG2   . ILE C 3 69  ? -5.164  1.902   9.328   1.00 20.00  ? 69  ILE A CG2   1 
ATOM   944  C CD1   . ILE C 3 69  ? -2.344  2.166   10.903  1.00 20.00  ? 69  ILE A CD1   1 
ATOM   945  N N     . LEU C 3 70  ? -6.787  0.212   9.328   1.00 43.16  ? 70  LEU A N     1 
ATOM   946  C CA    . LEU C 3 70  ? -7.734  -0.465  8.450   1.00 42.95  ? 70  LEU A CA    1 
ATOM   947  C C     . LEU C 3 70  ? -8.345  -1.684  9.135   1.00 43.13  ? 70  LEU A C     1 
ATOM   948  O O     . LEU C 3 70  ? -7.643  -2.639  9.467   1.00 43.20  ? 70  LEU A O     1 
ATOM   949  C CB    . LEU C 3 70  ? -7.052  -0.882  7.146   1.00 42.72  ? 70  LEU A CB    1 
ATOM   950  C CG    . LEU C 3 70  ? -6.408  0.239   6.329   1.00 42.33  ? 70  LEU A CG    1 
ATOM   951  C CD1   . LEU C 3 70  ? -6.334  -0.141  4.858   1.00 41.37  ? 70  LEU A CD1   1 
ATOM   952  C CD2   . LEU C 3 70  ? -7.171  1.543   6.512   1.00 42.08  ? 70  LEU A CD2   1 
ATOM   953  N N     . LYS C 3 71  ? -9.658  -1.642  9.343   1.00 43.36  ? 71  LYS A N     1 
ATOM   954  C CA    . LYS C 3 71  ? -10.396 -2.812  9.806   1.00 43.53  ? 71  LYS A CA    1 
ATOM   955  C C     . LYS C 3 71  ? -11.270 -3.386  8.696   1.00 43.59  ? 71  LYS A C     1 
ATOM   956  O O     . LYS C 3 71  ? -11.729 -2.660  7.814   1.00 43.55  ? 71  LYS A O     1 
ATOM   957  C CB    . LYS C 3 71  ? -11.255 -2.455  11.020  1.00 43.48  ? 71  LYS A CB    1 
ATOM   958  C CG    . LYS C 3 71  ? -12.123 -1.221  10.827  1.00 43.55  ? 71  LYS A CG    1 
ATOM   959  C CD    . LYS C 3 71  ? -12.924 -0.907  12.080  1.00 43.76  ? 71  LYS A CD    1 
ATOM   960  C CE    . LYS C 3 71  ? -13.885 0.247   11.846  1.00 44.21  ? 71  LYS A CE    1 
ATOM   961  N NZ    . LYS C 3 71  ? -15.262 -0.232  11.540  1.00 44.68  ? 71  LYS A NZ    1 
ATOM   962  N N     . GLN C 3 72  ? -11.498 -4.695  8.747   1.00 43.72  ? 72  GLN A N     1 
ATOM   963  C CA    . GLN C 3 72  ? -12.265 -5.379  7.714   1.00 43.84  ? 72  GLN A CA    1 
ATOM   964  C C     . GLN C 3 72  ? -13.764 -5.217  7.940   1.00 44.20  ? 72  GLN A C     1 
ATOM   965  O O     . GLN C 3 72  ? -14.191 -4.453  8.806   1.00 44.23  ? 72  GLN A O     1 
ATOM   966  C CB    . GLN C 3 72  ? -11.899 -6.864  7.670   1.00 43.71  ? 72  GLN A CB    1 
ATOM   967  C CG    . GLN C 3 72  ? -10.461 -7.137  7.258   1.00 43.57  ? 72  GLN A CG    1 
ATOM   968  C CD    . GLN C 3 72  ? -10.105 -8.609  7.326   1.00 43.78  ? 72  GLN A CD    1 
ATOM   969  O OE1   . GLN C 3 72  ? -10.550 -9.327  8.222   1.00 43.89  ? 72  GLN A OE1   1 
ATOM   970  N NE2   . GLN C 3 72  ? -9.296  -9.067  6.378   1.00 43.92  ? 72  GLN A NE2   1 
ATOM   971  N N     . ILE C 3 73  ? -14.559 -5.939  7.157   1.00 20.00  ? 73  ILE A N     1 
ATOM   972  C CA    . ILE C 3 73  ? -15.840 -5.428  6.685   1.00 20.00  ? 73  ILE A CA    1 
ATOM   973  C C     . ILE C 3 73  ? -16.352 -6.237  5.497   1.00 20.00  ? 73  ILE A C     1 
ATOM   974  O O     . ILE C 3 73  ? -16.377 -5.749  4.367   1.00 45.50  ? 73  ILE A O     1 
ATOM   975  C CB    . ILE C 3 73  ? -15.742 -3.945  6.281   1.00 20.00  ? 73  ILE A CB    1 
ATOM   976  C CG1   . ILE C 3 73  ? -17.138 -3.358  6.062   1.00 20.00  ? 73  ILE A CG1   1 
ATOM   977  C CG2   . ILE C 3 73  ? -14.891 -3.789  5.030   1.00 20.00  ? 73  ILE A CG2   1 
ATOM   978  C CD1   . ILE C 3 73  ? -17.135 -2.027  5.345   1.00 20.00  ? 73  ILE A CD1   1 
ATOM   979  N N     . LYS C 3 74  ? -16.759 -7.473  5.762   1.00 46.08  ? 74  LYS A N     1 
ATOM   980  C CA    . LYS C 3 74  ? -17.033 -8.433  4.699   1.00 46.87  ? 74  LYS A CA    1 
ATOM   981  C C     . LYS C 3 74  ? -18.427 -8.230  4.117   1.00 47.24  ? 74  LYS A C     1 
ATOM   982  O O     . LYS C 3 74  ? -19.370 -7.904  4.838   1.00 47.49  ? 74  LYS A O     1 
ATOM   983  C CB    . LYS C 3 74  ? -16.885 -9.864  5.219   1.00 46.86  ? 74  LYS A CB    1 
ATOM   984  C CG    . LYS C 3 74  ? -15.479 -10.215 5.680   1.00 47.22  ? 74  LYS A CG    1 
ATOM   985  C CD    . LYS C 3 74  ? -15.505 -11.257 6.787   1.00 47.91  ? 74  LYS A CD    1 
ATOM   986  C CE    . LYS C 3 74  ? -14.130 -11.432 7.412   1.00 48.93  ? 74  LYS A CE    1 
ATOM   987  N NZ    . LYS C 3 74  ? -14.156 -12.396 8.547   1.00 49.53  ? 74  LYS A NZ    1 
ATOM   988  N N     . VAL C 3 75  ? -18.551 -8.423  2.808   1.00 47.72  ? 75  VAL A N     1 
ATOM   989  C CA    . VAL C 3 75  ? -19.801 -8.156  2.109   1.00 48.14  ? 75  VAL A CA    1 
ATOM   990  C C     . VAL C 3 75  ? -20.219 -9.345  1.250   1.00 48.67  ? 75  VAL A C     1 
ATOM   991  O O     . VAL C 3 75  ? -19.395 -9.942  0.557   1.00 48.85  ? 75  VAL A O     1 
ATOM   992  C CB    . VAL C 3 75  ? -19.694 -6.904  1.217   1.00 48.01  ? 75  VAL A CB    1 
ATOM   993  C CG1   . VAL C 3 75  ? -20.914 -6.788  0.316   1.00 47.75  ? 75  VAL A CG1   1 
ATOM   994  C CG2   . VAL C 3 75  ? -19.534 -5.657  2.073   1.00 47.79  ? 75  VAL A CG2   1 
ATOM   995  N N     . LYS C 3 76  ? -21.503 -9.684  1.300   1.00 49.29  ? 76  LYS A N     1 
ATOM   996  C CA    . LYS C 3 76  ? -22.044 -10.766 0.483   1.00 49.99  ? 76  LYS A CA    1 
ATOM   997  C C     . LYS C 3 76  ? -23.292 -10.310 -0.281  1.00 50.60  ? 76  LYS A C     1 
ATOM   998  O O     . LYS C 3 76  ? -24.353 -10.113 0.310   1.00 50.61  ? 76  LYS A O     1 
ATOM   999  C CB    . LYS C 3 76  ? -22.348 -11.987 1.359   1.00 49.89  ? 76  LYS A CB    1 
ATOM   1000 C CG    . LYS C 3 76  ? -22.827 -13.216 0.599   1.00 49.98  ? 76  LYS A CG    1 
ATOM   1001 C CD    . LYS C 3 76  ? -23.193 -14.351 1.548   1.00 49.98  ? 76  LYS A CD    1 
ATOM   1002 C CE    . LYS C 3 76  ? -23.817 -15.526 0.806   1.00 49.76  ? 76  LYS A CE    1 
ATOM   1003 N NZ    . LYS C 3 76  ? -25.246 -15.288 0.435   1.00 49.42  ? 76  LYS A NZ    1 
ATOM   1004 N N     . LYS C 3 77  ? -23.147 -10.133 -1.594  1.00 51.54  ? 77  LYS A N     1 
ATOM   1005 C CA    . LYS C 3 77  ? -24.268 -9.773  -2.479  1.00 52.58  ? 77  LYS A CA    1 
ATOM   1006 C C     . LYS C 3 77  ? -24.681 -10.929 -3.395  1.00 53.26  ? 77  LYS A C     1 
ATOM   1007 O O     . LYS C 3 77  ? -23.976 -11.934 -3.491  1.00 53.38  ? 77  LYS A O     1 
ATOM   1008 C CB    . LYS C 3 77  ? -23.969 -8.504  -3.302  1.00 52.55  ? 77  LYS A CB    1 
ATOM   1009 C CG    . LYS C 3 77  ? -22.489 -8.110  -3.446  1.00 52.98  ? 77  LYS A CG    1 
ATOM   1010 C CD    . LYS C 3 77  ? -21.723 -8.901  -4.516  1.00 53.38  ? 77  LYS A CD    1 
ATOM   1011 C CE    . LYS C 3 77  ? -20.255 -8.461  -4.577  1.00 53.05  ? 77  LYS A CE    1 
ATOM   1012 N NZ    . LYS C 3 77  ? -19.426 -9.329  -5.455  1.00 53.13  ? 77  LYS A NZ    1 
ATOM   1013 N N     . GLU C 3 78  ? -25.826 -10.776 -4.059  1.00 54.19  ? 78  GLU A N     1 
ATOM   1014 C CA    . GLU C 3 78  ? -26.358 -11.802 -4.967  1.00 55.10  ? 78  GLU A CA    1 
ATOM   1015 C C     . GLU C 3 78  ? -26.234 -11.418 -6.447  1.00 55.74  ? 78  GLU A C     1 
ATOM   1016 O O     . GLU C 3 78  ? -26.313 -10.237 -6.805  1.00 55.92  ? 78  GLU A O     1 
ATOM   1017 C CB    . GLU C 3 78  ? -27.818 -12.124 -4.620  1.00 55.09  ? 78  GLU A CB    1 
ATOM   1018 C CG    . GLU C 3 78  ? -28.000 -13.316 -3.685  1.00 55.20  ? 78  GLU A CG    1 
ATOM   1019 C CD    . GLU C 3 78  ? -27.246 -13.179 -2.376  1.00 55.31  ? 78  GLU A CD    1 
ATOM   1020 O OE1   . GLU C 3 78  ? -27.618 -12.311 -1.561  1.00 55.52  ? 78  GLU A OE1   1 
ATOM   1021 O OE2   . GLU C 3 78  ? -26.284 -13.943 -2.158  1.00 55.37  ? 78  GLU A OE2   1 
ATOM   1022 N N     . GLY C 3 79  ? -26.047 -12.430 -7.295  1.00 56.39  ? 79  GLY A N     1 
ATOM   1023 C CA    . GLY C 3 79  ? -25.875 -12.240 -8.740  1.00 57.08  ? 79  GLY A CA    1 
ATOM   1024 C C     . GLY C 3 79  ? -24.631 -12.940 -9.267  1.00 57.59  ? 79  GLY A C     1 
ATOM   1025 O O     . GLY C 3 79  ? -23.920 -13.603 -8.504  1.00 57.59  ? 79  GLY A O     1 
ATOM   1026 N N     . ALA C 3 80  ? -24.365 -12.775 -10.566 1.00 58.03  ? 80  ALA A N     1 
ATOM   1027 C CA    . ALA C 3 80  ? -23.244 -13.438 -11.265 1.00 58.41  ? 80  ALA A CA    1 
ATOM   1028 C C     . ALA C 3 80  ? -21.877 -13.381 -10.553 1.00 58.64  ? 80  ALA A C     1 
ATOM   1029 O O     . ALA C 3 80  ? -21.253 -14.424 -10.329 1.00 58.74  ? 80  ALA A O     1 
ATOM   1030 C CB    . ALA C 3 80  ? -23.134 -12.934 -12.711 1.00 58.39  ? 80  ALA A CB    1 
ATOM   1031 N N     . LYS C 3 81  ? -21.412 -12.181 -10.203 1.00 58.86  ? 81  LYS A N     1 
ATOM   1032 C CA    . LYS C 3 81  ? -20.151 -12.037 -9.460  1.00 59.09  ? 81  LYS A CA    1 
ATOM   1033 C C     . LYS C 3 81  ? -20.356 -12.281 -7.958  1.00 59.23  ? 81  LYS A C     1 
ATOM   1034 O O     . LYS C 3 81  ? -19.976 -11.448 -7.124  1.00 59.30  ? 81  LYS A O     1 
ATOM   1035 C CB    . LYS C 3 81  ? -19.500 -10.667 -9.715  1.00 59.07  ? 81  LYS A CB    1 
ATOM   1036 C CG    . LYS C 3 81  ? -18.540 -10.618 -10.907 1.00 59.16  ? 81  LYS A CG    1 
ATOM   1037 C CD    . LYS C 3 81  ? -19.149 -9.928  -12.129 1.00 59.59  ? 81  LYS A CD    1 
ATOM   1038 C CE    . LYS C 3 81  ? -19.981 -10.872 -12.999 1.00 59.77  ? 81  LYS A CE    1 
ATOM   1039 N NZ    . LYS C 3 81  ? -19.169 -11.900 -13.707 1.00 59.98  ? 81  LYS A NZ    1 
ATOM   1040 N N     . LEU C 3 82  ? -20.940 -13.434 -7.625  1.00 59.32  ? 82  LEU A N     1 
ATOM   1041 C CA    . LEU C 3 82  ? -21.321 -13.756 -6.247  1.00 59.32  ? 82  LEU A CA    1 
ATOM   1042 C C     . LEU C 3 82  ? -20.114 -14.092 -5.381  1.00 59.20  ? 82  LEU A C     1 
ATOM   1043 O O     . LEU C 3 82  ? -19.876 -15.251 -5.029  1.00 59.11  ? 82  LEU A O     1 
ATOM   1044 C CB    . LEU C 3 82  ? -22.351 -14.893 -6.211  1.00 59.38  ? 82  LEU A CB    1 
ATOM   1045 C CG    . LEU C 3 82  ? -23.462 -14.743 -5.163  1.00 59.51  ? 82  LEU A CG    1 
ATOM   1046 C CD1   . LEU C 3 82  ? -24.715 -15.517 -5.574  1.00 59.22  ? 82  LEU A CD1   1 
ATOM   1047 C CD2   . LEU C 3 82  ? -22.996 -15.130 -3.749  1.00 59.58  ? 82  LEU A CD2   1 
ATOM   1048 N N     . GLN C 3 83  ? -19.354 -13.056 -5.050  1.00 59.17  ? 83  GLN A N     1 
ATOM   1049 C CA    . GLN C 3 83  ? -18.194 -13.204 -4.188  1.00 59.27  ? 83  GLN A CA    1 
ATOM   1050 C C     . GLN C 3 83  ? -18.515 -12.704 -2.785  1.00 59.04  ? 83  GLN A C     1 
ATOM   1051 O O     . GLN C 3 83  ? -19.469 -11.945 -2.581  1.00 58.98  ? 83  GLN A O     1 
ATOM   1052 C CB    . GLN C 3 83  ? -16.975 -12.448 -4.743  1.00 59.43  ? 83  GLN A CB    1 
ATOM   1053 C CG    . GLN C 3 83  ? -16.351 -13.027 -6.022  1.00 59.81  ? 83  GLN A CG    1 
ATOM   1054 C CD    . GLN C 3 83  ? -16.597 -12.170 -7.267  1.00 60.17  ? 83  GLN A CD    1 
ATOM   1055 O OE1   . GLN C 3 83  ? -16.635 -12.687 -8.386  1.00 60.38  ? 83  GLN A OE1   1 
ATOM   1056 N NE2   . GLN C 3 83  ? -16.751 -10.859 -7.077  1.00 60.06  ? 83  GLN A NE2   1 
ATOM   1057 N N     . GLU C 3 84  ? -17.712 -13.159 -1.828  1.00 58.76  ? 84  GLU A N     1 
ATOM   1058 C CA    . GLU C 3 84  ? -17.753 -12.663 -0.461  1.00 58.52  ? 84  GLU A CA    1 
ATOM   1059 C C     . GLU C 3 84  ? -16.554 -11.734 -0.292  1.00 58.02  ? 84  GLU A C     1 
ATOM   1060 O O     . GLU C 3 84  ? -15.765 -11.862 0.650   1.00 58.00  ? 84  GLU A O     1 
ATOM   1061 C CB    . GLU C 3 84  ? -17.712 -13.821 0.547   1.00 58.76  ? 84  GLU A CB    1 
ATOM   1062 C CG    . GLU C 3 84  ? -18.306 -15.150 0.046   1.00 59.77  ? 84  GLU A CG    1 
ATOM   1063 C CD    . GLU C 3 84  ? -19.820 -15.112 -0.173  1.00 61.32  ? 84  GLU A CD    1 
ATOM   1064 O OE1   . GLU C 3 84  ? -20.290 -14.476 -1.149  1.00 61.59  ? 84  GLU A OE1   1 
ATOM   1065 O OE2   . GLU C 3 84  ? -20.539 -15.751 0.626   1.00 62.21  ? 84  GLU A OE2   1 
ATOM   1066 N N     . VAL C 3 85  ? -16.439 -10.808 -1.245  1.00 57.39  ? 85  VAL A N     1 
ATOM   1067 C CA    . VAL C 3 85  ? -15.374 -9.803  -1.327  1.00 56.78  ? 85  VAL A CA    1 
ATOM   1068 C C     . VAL C 3 85  ? -15.145 -9.056  -0.011  1.00 56.23  ? 85  VAL A C     1 
ATOM   1069 O O     . VAL C 3 85  ? -16.100 -8.716  0.689   1.00 56.23  ? 85  VAL A O     1 
ATOM   1070 C CB    . VAL C 3 85  ? -15.690 -8.803  -2.474  1.00 56.84  ? 85  VAL A CB    1 
ATOM   1071 C CG1   . VAL C 3 85  ? -15.162 -7.411  -2.180  1.00 56.82  ? 85  VAL A CG1   1 
ATOM   1072 C CG2   . VAL C 3 85  ? -15.149 -9.323  -3.793  1.00 57.08  ? 85  VAL A CG2   1 
ATOM   1073 N N     . VAL C 3 86  ? -13.876 -8.803  0.317   1.00 55.53  ? 86  VAL A N     1 
ATOM   1074 C CA    . VAL C 3 86  ? -13.520 -8.182  1.595   1.00 54.84  ? 86  VAL A CA    1 
ATOM   1075 C C     . VAL C 3 86  ? -12.915 -6.782  1.446   1.00 54.45  ? 86  VAL A C     1 
ATOM   1076 O O     . VAL C 3 86  ? -11.771 -6.628  1.002   1.00 54.47  ? 86  VAL A O     1 
ATOM   1077 C CB    . VAL C 3 86  ? -12.586 -9.088  2.432   1.00 54.81  ? 86  VAL A CB    1 
ATOM   1078 C CG1   . VAL C 3 86  ? -12.257 -8.429  3.761   1.00 54.77  ? 86  VAL A CG1   1 
ATOM   1079 C CG2   . VAL C 3 86  ? -13.231 -10.454 2.668   1.00 54.83  ? 86  VAL A CG2   1 
ATOM   1080 N N     . LEU C 3 87  ? -13.701 -5.777  1.836   1.00 53.96  ? 87  LEU A N     1 
ATOM   1081 C CA    . LEU C 3 87  ? -13.314 -4.364  1.774   1.00 53.44  ? 87  LEU A CA    1 
ATOM   1082 C C     . LEU C 3 87  ? -12.667 -3.912  3.073   1.00 53.03  ? 87  LEU A C     1 
ATOM   1083 O O     . LEU C 3 87  ? -12.871 -4.514  4.128   1.00 52.94  ? 87  LEU A O     1 
ATOM   1084 C CB    . LEU C 3 87  ? -14.537 -3.479  1.502   1.00 53.46  ? 87  LEU A CB    1 
ATOM   1085 C CG    . LEU C 3 87  ? -15.353 -3.619  0.211   1.00 53.60  ? 87  LEU A CG    1 
ATOM   1086 C CD1   . LEU C 3 87  ? -16.732 -2.993  0.381   1.00 53.42  ? 87  LEU A CD1   1 
ATOM   1087 C CD2   . LEU C 3 87  ? -14.641 -3.004  -0.987  1.00 53.97  ? 87  LEU A CD2   1 
ATOM   1088 N N     . TYR C 3 88  ? -11.900 -2.833  2.994   1.00 52.61  ? 88  TYR A N     1 
ATOM   1089 C CA    . TYR C 3 88  ? -11.222 -2.299  4.159   1.00 52.39  ? 88  TYR A CA    1 
ATOM   1090 C C     . TYR C 3 88  ? -11.578 -0.832  4.354   1.00 52.41  ? 88  TYR A C     1 
ATOM   1091 O O     . TYR C 3 88  ? -11.702 -0.084  3.386   1.00 52.43  ? 88  TYR A O     1 
ATOM   1092 C CB    . TYR C 3 88  ? -9.710  -2.450  4.009   1.00 52.25  ? 88  TYR A CB    1 
ATOM   1093 C CG    . TYR C 3 88  ? -9.222  -3.877  3.864   1.00 52.14  ? 88  TYR A CG    1 
ATOM   1094 C CD1   . TYR C 3 88  ? -9.289  -4.540  2.636   1.00 52.33  ? 88  TYR A CD1   1 
ATOM   1095 C CD2   . TYR C 3 88  ? -8.669  -4.559  4.947   1.00 52.26  ? 88  TYR A CD2   1 
ATOM   1096 C CE1   . TYR C 3 88  ? -8.828  -5.860  2.494   1.00 52.46  ? 88  TYR A CE1   1 
ATOM   1097 C CE2   . TYR C 3 88  ? -8.204  -5.878  4.817   1.00 52.23  ? 88  TYR A CE2   1 
ATOM   1098 C CZ    . TYR C 3 88  ? -8.286  -6.521  3.588   1.00 52.24  ? 88  TYR A CZ    1 
ATOM   1099 O OH    . TYR C 3 88  ? -7.832  -7.818  3.452   1.00 52.03  ? 88  TYR A OH    1 
ATOM   1100 N N     . GLN C 3 89  ? -11.757 -0.436  5.612   1.00 52.47  ? 89  GLN A N     1 
ATOM   1101 C CA    . GLN C 3 89  ? -11.970 0.963   5.987   1.00 52.53  ? 89  GLN A CA    1 
ATOM   1102 C C     . GLN C 3 89  ? -11.058 1.296   7.164   1.00 52.60  ? 89  GLN A C     1 
ATOM   1103 O O     . GLN C 3 89  ? -10.384 0.415   7.698   1.00 52.63  ? 89  GLN A O     1 
ATOM   1104 C CB    . GLN C 3 89  ? -13.437 1.224   6.355   1.00 52.54  ? 89  GLN A CB    1 
ATOM   1105 C CG    . GLN C 3 89  ? -13.897 0.528   7.643   1.00 52.64  ? 89  GLN A CG    1 
ATOM   1106 C CD    . GLN C 3 89  ? -15.267 0.974   8.125   1.00 52.55  ? 89  GLN A CD    1 
ATOM   1107 O OE1   . GLN C 3 89  ? -16.053 0.161   8.617   1.00 52.17  ? 89  GLN A OE1   1 
ATOM   1108 N NE2   . GLN C 3 89  ? -15.557 2.271   8.000   1.00 52.86  ? 89  GLN A NE2   1 
ATOM   1109 N N     . PHE C 3 90  ? -11.058 2.558   7.577   1.00 52.69  ? 90  PHE A N     1 
ATOM   1110 C CA    . PHE C 3 90  ? -10.181 3.016   8.650   1.00 52.75  ? 90  PHE A CA    1 
ATOM   1111 C C     . PHE C 3 90  ? -10.616 2.546   10.025  1.00 52.59  ? 90  PHE A C     1 
ATOM   1112 O O     . PHE C 3 90  ? -11.788 2.647   10.390  1.00 52.68  ? 90  PHE A O     1 
ATOM   1113 C CB    . PHE C 3 90  ? -10.086 4.538   8.641   1.00 53.02  ? 90  PHE A CB    1 
ATOM   1114 C CG    . PHE C 3 90  ? -9.614  5.096   7.341   1.00 53.58  ? 90  PHE A CG    1 
ATOM   1115 C CD1   . PHE C 3 90  ? -8.255  5.130   7.043   1.00 53.94  ? 90  PHE A CD1   1 
ATOM   1116 C CD2   . PHE C 3 90  ? -10.524 5.580   6.404   1.00 54.36  ? 90  PHE A CD2   1 
ATOM   1117 C CE1   . PHE C 3 90  ? -7.801  5.641   5.830   1.00 54.26  ? 90  PHE A CE1   1 
ATOM   1118 C CE2   . PHE C 3 90  ? -10.081 6.093   5.186   1.00 54.84  ? 90  PHE A CE2   1 
ATOM   1119 C CZ    . PHE C 3 90  ? -8.713  6.126   4.901   1.00 54.25  ? 90  PHE A CZ    1 
ATOM   1120 N N     . LYS C 3 91  ? -9.656  2.027   10.779  1.00 52.38  ? 91  LYS A N     1 
ATOM   1121 C CA    . LYS C 3 91  ? -9.857  1.739   12.186  1.00 52.28  ? 91  LYS A CA    1 
ATOM   1122 C C     . LYS C 3 91  ? -9.386  2.961   12.974  1.00 52.06  ? 91  LYS A C     1 
ATOM   1123 O O     . LYS C 3 91  ? -10.183 3.611   13.656  1.00 52.15  ? 91  LYS A O     1 
ATOM   1124 C CB    . LYS C 3 91  ? -9.078  0.483   12.592  1.00 52.43  ? 91  LYS A CB    1 
ATOM   1125 C CG    . LYS C 3 91  ? -9.613  -0.278  13.817  1.00 52.89  ? 91  LYS A CG    1 
ATOM   1126 C CD    . LYS C 3 91  ? -9.501  0.518   15.116  1.00 53.74  ? 91  LYS A CD    1 
ATOM   1127 C CE    . LYS C 3 91  ? -8.922  -0.322  16.248  1.00 54.42  ? 91  LYS A CE    1 
ATOM   1128 N NZ    . LYS C 3 91  ? -7.423  -0.279  16.269  1.00 54.96  ? 91  LYS A NZ    1 
ATOM   1129 N N     . ASP C 3 92  ? -8.096  3.273   12.866  1.00 51.66  ? 92  ASP A N     1 
ATOM   1130 C CA    . ASP C 3 92  ? -7.514  4.419   13.555  1.00 51.31  ? 92  ASP A CA    1 
ATOM   1131 C C     . ASP C 3 92  ? -7.000  5.417   12.526  1.00 51.17  ? 92  ASP A C     1 
ATOM   1132 O O     . ASP C 3 92  ? -6.063  5.127   11.781  1.00 51.29  ? 92  ASP A O     1 
ATOM   1133 C CB    . ASP C 3 92  ? -6.388  3.964   14.490  1.00 51.22  ? 92  ASP A CB    1 
ATOM   1134 C CG    . ASP C 3 92  ? -5.902  5.065   15.419  1.00 50.99  ? 92  ASP A CG    1 
ATOM   1135 O OD1   . ASP C 3 92  ? -6.176  6.253   15.155  1.00 50.65  ? 92  ASP A OD1   1 
ATOM   1136 O OD2   . ASP C 3 92  ? -5.233  4.732   16.419  1.00 50.93  ? 92  ASP A OD2   1 
ATOM   1137 N N     . TYR C 3 93  ? -7.625  6.589   12.486  1.00 50.92  ? 93  TYR A N     1 
ATOM   1138 C CA    . TYR C 3 93  ? -7.244  7.620   11.533  1.00 50.69  ? 93  TYR A CA    1 
ATOM   1139 C C     . TYR C 3 93  ? -6.114  8.467   12.082  1.00 50.60  ? 93  TYR A C     1 
ATOM   1140 O O     . TYR C 3 93  ? -5.372  9.077   11.319  1.00 50.61  ? 93  TYR A O     1 
ATOM   1141 C CB    . TYR C 3 93  ? -8.434  8.500   11.196  1.00 50.73  ? 93  TYR A CB    1 
ATOM   1142 C CG    . TYR C 3 93  ? -8.374  9.148   9.833   1.00 50.65  ? 93  TYR A CG    1 
ATOM   1143 C CD1   . TYR C 3 93  ? -8.893  8.501   8.713   1.00 50.63  ? 93  TYR A CD1   1 
ATOM   1144 C CD2   . TYR C 3 93  ? -7.823  10.415  9.664   1.00 50.60  ? 93  TYR A CD2   1 
ATOM   1145 C CE1   . TYR C 3 93  ? -8.856  9.094   7.457   1.00 50.80  ? 93  TYR A CE1   1 
ATOM   1146 C CE2   . TYR C 3 93  ? -7.779  11.020  8.411   1.00 50.86  ? 93  TYR A CE2   1 
ATOM   1147 C CZ    . TYR C 3 93  ? -8.297  10.352  7.310   1.00 50.86  ? 93  TYR A CZ    1 
ATOM   1148 O OH    . TYR C 3 93  ? -8.261  10.940  6.065   1.00 50.93  ? 93  TYR A OH    1 
ATOM   1149 N N     . GLU C 3 94  ? -5.998  8.504   13.408  1.00 50.54  ? 94  GLU A N     1 
ATOM   1150 C CA    . GLU C 3 94  ? -4.862  9.143   14.065  1.00 50.58  ? 94  GLU A CA    1 
ATOM   1151 C C     . GLU C 3 94  ? -3.563  8.493   13.603  1.00 50.43  ? 94  GLU A C     1 
ATOM   1152 O O     . GLU C 3 94  ? -2.675  9.171   13.085  1.00 50.45  ? 94  GLU A O     1 
ATOM   1153 C CB    . GLU C 3 94  ? -4.991  9.076   15.592  1.00 50.65  ? 94  GLU A CB    1 
ATOM   1154 C CG    . GLU C 3 94  ? -5.673  10.289  16.227  1.00 51.24  ? 94  GLU A CG    1 
ATOM   1155 C CD    . GLU C 3 94  ? -4.772  11.526  16.301  1.00 52.15  ? 94  GLU A CD    1 
ATOM   1156 O OE1   . GLU C 3 94  ? -3.526  11.380  16.259  1.00 52.68  ? 94  GLU A OE1   1 
ATOM   1157 O OE2   . GLU C 3 94  ? -5.311  12.650  16.409  1.00 52.27  ? 94  GLU A OE2   1 
ATOM   1158 N N     . ALA C 3 95  ? -3.469  7.177   13.769  1.00 50.25  ? 95  ALA A N     1 
ATOM   1159 C CA    . ALA C 3 95  ? -2.312  6.427   13.299  1.00 50.12  ? 95  ALA A CA    1 
ATOM   1160 C C     . ALA C 3 95  ? -2.168  6.522   11.783  1.00 50.02  ? 95  ALA A C     1 
ATOM   1161 O O     . ALA C 3 95  ? -1.053  6.503   11.265  1.00 50.05  ? 95  ALA A O     1 
ATOM   1162 C CB    . ALA C 3 95  ? -2.398  4.976   13.741  1.00 50.17  ? 95  ALA A CB    1 
ATOM   1163 N N     . ALA C 3 96  ? -3.298  6.645   11.086  1.00 49.83  ? 96  ALA A N     1 
ATOM   1164 C CA    . ALA C 3 96  ? -3.312  6.702   9.626   1.00 49.82  ? 96  ALA A CA    1 
ATOM   1165 C C     . ALA C 3 96  ? -2.457  7.833   9.066   1.00 49.94  ? 96  ALA A C     1 
ATOM   1166 O O     . ALA C 3 96  ? -1.737  7.637   8.096   1.00 49.89  ? 96  ALA A O     1 
ATOM   1167 C CB    . ALA C 3 96  ? -4.724  6.810   9.114   1.00 49.70  ? 96  ALA A CB    1 
ATOM   1168 N N     . LYS C 3 97  ? -2.537  9.006   9.683   1.00 50.23  ? 97  LYS A N     1 
ATOM   1169 C CA    . LYS C 3 97  ? -1.764  10.174  9.245   1.00 50.47  ? 97  LYS A CA    1 
ATOM   1170 C C     . LYS C 3 97  ? -0.419  10.290  9.969   1.00 50.60  ? 97  LYS A C     1 
ATOM   1171 O O     . LYS C 3 97  ? 0.471   11.023  9.528   1.00 50.51  ? 97  LYS A O     1 
ATOM   1172 C CB    . LYS C 3 97  ? -2.588  11.453  9.419   1.00 50.47  ? 97  LYS A CB    1 
ATOM   1173 C CG    . LYS C 3 97  ? -3.116  11.669  10.832  1.00 50.48  ? 97  LYS A CG    1 
ATOM   1174 C CD    . LYS C 3 97  ? -4.568  12.124  10.802  1.00 50.73  ? 97  LYS A CD    1 
ATOM   1175 C CE    . LYS C 3 97  ? -5.140  12.265  12.204  1.00 50.41  ? 97  LYS A CE    1 
ATOM   1176 N NZ    . LYS C 3 97  ? -6.605  12.047  12.207  1.00 49.65  ? 97  LYS A NZ    1 
ATOM   1177 N N     . LEU C 3 98  ? -0.297  9.573   11.085  1.00 50.82  ? 98  LEU A N     1 
ATOM   1178 C CA    . LEU C 3 98  ? 0.959   9.439   11.818  1.00 51.09  ? 98  LEU A CA    1 
ATOM   1179 C C     . LEU C 3 98  ? 1.926   8.621   10.974  1.00 51.22  ? 98  LEU A C     1 
ATOM   1180 O O     . LEU C 3 98  ? 3.121   8.919   10.897  1.00 51.29  ? 98  LEU A O     1 
ATOM   1181 C CB    . LEU C 3 98  ? 0.711   8.727   13.152  1.00 51.17  ? 98  LEU A CB    1 
ATOM   1182 C CG    . LEU C 3 98  ? 1.896   8.332   14.044  1.00 51.53  ? 98  LEU A CG    1 
ATOM   1183 C CD1   . LEU C 3 98  ? 2.196   9.418   15.079  1.00 51.77  ? 98  LEU A CD1   1 
ATOM   1184 C CD2   . LEU C 3 98  ? 1.628   6.992   14.728  1.00 51.84  ? 98  LEU A CD2   1 
ATOM   1185 N N     . TYR C 3 99  ? 1.384   7.584   10.345  1.00 51.34  ? 99  TYR A N     1 
ATOM   1186 C CA    . TYR C 3 99  ? 2.148   6.693   9.498   1.00 51.43  ? 99  TYR A CA    1 
ATOM   1187 C C     . TYR C 3 99  ? 2.325   7.287   8.111   1.00 51.66  ? 99  TYR A C     1 
ATOM   1188 O O     . TYR C 3 99  ? 3.387   7.171   7.513   1.00 51.69  ? 99  TYR A O     1 
ATOM   1189 C CB    . TYR C 3 99  ? 1.436   5.355   9.413   1.00 51.37  ? 99  TYR A CB    1 
ATOM   1190 C CG    . TYR C 3 99  ? 2.175   4.303   8.645   1.00 51.21  ? 99  TYR A CG    1 
ATOM   1191 C CD1   . TYR C 3 99  ? 1.979   4.155   7.277   1.00 50.91  ? 99  TYR A CD1   1 
ATOM   1192 C CD2   . TYR C 3 99  ? 3.058   3.438   9.288   1.00 51.42  ? 99  TYR A CD2   1 
ATOM   1193 C CE1   . TYR C 3 99  ? 2.650   3.178   6.560   1.00 51.10  ? 99  TYR A CE1   1 
ATOM   1194 C CE2   . TYR C 3 99  ? 3.739   2.455   8.580   1.00 51.55  ? 99  TYR A CE2   1 
ATOM   1195 C CZ    . TYR C 3 99  ? 3.527   2.330   7.215   1.00 51.35  ? 99  TYR A CZ    1 
ATOM   1196 O OH    . TYR C 3 99  ? 4.190   1.362   6.496   1.00 51.56  ? 99  TYR A OH    1 
ATOM   1197 N N     . LYS C 3 100 ? 1.276   7.927   7.610   1.00 52.12  ? 100 LYS A N     1 
ATOM   1198 C CA    . LYS C 3 100 ? 1.312   8.608   6.319   1.00 52.68  ? 100 LYS A CA    1 
ATOM   1199 C C     . LYS C 3 100 ? 2.244   9.816   6.305   1.00 53.06  ? 100 LYS A C     1 
ATOM   1200 O O     . LYS C 3 100 ? 2.112   10.697  5.452   1.00 53.36  ? 100 LYS A O     1 
ATOM   1201 C CB    . LYS C 3 100 ? -0.096  9.060   5.931   1.00 52.73  ? 100 LYS A CB    1 
ATOM   1202 C CG    . LYS C 3 100 ? -0.797  8.155   4.935   1.00 52.83  ? 100 LYS A CG    1 
ATOM   1203 C CD    . LYS C 3 100 ? -0.832  8.758   3.537   1.00 52.53  ? 100 LYS A CD    1 
ATOM   1204 C CE    . LYS C 3 100 ? -1.978  9.747   3.392   1.00 52.67  ? 100 LYS A CE    1 
ATOM   1205 N NZ    . LYS C 3 100 ? -1.980  10.417  2.064   1.00 52.38  ? 100 LYS A NZ    1 
ATOM   1206 N N     . LYS C 3 101 ? 3.178   9.867   7.248   1.00 53.39  ? 101 LYS A N     1 
ATOM   1207 C CA    . LYS C 3 101 ? 4.132   10.966  7.308   1.00 53.63  ? 101 LYS A CA    1 
ATOM   1208 C C     . LYS C 3 101 ? 5.520   10.414  7.575   1.00 53.68  ? 101 LYS A C     1 
ATOM   1209 O O     . LYS C 3 101 ? 6.484   10.831  6.935   1.00 53.70  ? 101 LYS A O     1 
ATOM   1210 C CB    . LYS C 3 101 ? 3.723   11.994  8.373   1.00 53.73  ? 101 LYS A CB    1 
ATOM   1211 C CG    . LYS C 3 101 ? 4.383   13.360  8.209   1.00 53.83  ? 101 LYS A CG    1 
ATOM   1212 C CD    . LYS C 3 101 ? 3.890   14.351  9.248   1.00 53.66  ? 101 LYS A CD    1 
ATOM   1213 C CE    . LYS C 3 101 ? 4.668   15.649  9.153   1.00 53.61  ? 101 LYS A CE    1 
ATOM   1214 N NZ    . LYS C 3 101 ? 4.158   16.661  10.110  1.00 53.66  ? 101 LYS A NZ    1 
ATOM   1215 N N     . GLN C 3 102 ? 5.611   9.465   8.507   1.00 53.80  ? 102 GLN A N     1 
ATOM   1216 C CA    . GLN C 3 102 ? 6.854   8.738   8.747   1.00 54.05  ? 102 GLN A CA    1 
ATOM   1217 C C     . GLN C 3 102 ? 7.176   7.867   7.531   1.00 54.20  ? 102 GLN A C     1 
ATOM   1218 O O     . GLN C 3 102 ? 8.158   7.119   7.518   1.00 54.23  ? 102 GLN A O     1 
ATOM   1219 C CB    . GLN C 3 102 ? 6.767   7.913   10.032  1.00 53.94  ? 102 GLN A CB    1 
ATOM   1220 C CG    . GLN C 3 102 ? 5.811   6.738   9.968   1.00 54.22  ? 102 GLN A CG    1 
ATOM   1221 C CD    . GLN C 3 102 ? 5.165   6.438   11.308  1.00 54.87  ? 102 GLN A CD    1 
ATOM   1222 O OE1   . GLN C 3 102 ? 4.519   5.400   11.483  1.00 55.14  ? 102 GLN A OE1   1 
ATOM   1223 N NE2   . GLN C 3 102 ? 5.326   7.351   12.261  1.00 54.95  ? 102 GLN A NE2   1 
ATOM   1224 N N     . LEU C 3 103 ? 6.329   7.989   6.511   1.00 54.40  ? 103 LEU A N     1 
ATOM   1225 C CA    . LEU C 3 103 ? 6.540   7.357   5.218   1.00 54.69  ? 103 LEU A CA    1 
ATOM   1226 C C     . LEU C 3 103 ? 6.963   8.352   4.150   1.00 55.18  ? 103 LEU A C     1 
ATOM   1227 O O     . LEU C 3 103 ? 7.639   7.980   3.192   1.00 55.28  ? 103 LEU A O     1 
ATOM   1228 C CB    . LEU C 3 103 ? 5.289   6.612   4.773   1.00 54.43  ? 103 LEU A CB    1 
ATOM   1229 C CG    . LEU C 3 103 ? 5.260   5.100   4.993   1.00 54.02  ? 103 LEU A CG    1 
ATOM   1230 C CD1   . LEU C 3 103 ? 5.820   4.376   3.787   1.00 53.50  ? 103 LEU A CD1   1 
ATOM   1231 C CD2   . LEU C 3 103 ? 5.965   4.674   6.289   1.00 53.70  ? 103 LEU A CD2   1 
ATOM   1232 N N     . LYS C 3 104 ? 6.563   9.613   4.299   1.00 55.76  ? 104 LYS A N     1 
ATOM   1233 C CA    . LYS C 3 104 ? 7.120   10.661  3.453   1.00 56.35  ? 104 LYS A CA    1 
ATOM   1234 C C     . LYS C 3 104 ? 8.600   10.770  3.788   1.00 56.53  ? 104 LYS A C     1 
ATOM   1235 O O     . LYS C 3 104 ? 9.438   10.806  2.891   1.00 56.70  ? 104 LYS A O     1 
ATOM   1236 C CB    . LYS C 3 104 ? 6.433   12.012  3.673   1.00 56.43  ? 104 LYS A CB    1 
ATOM   1237 C CG    . LYS C 3 104 ? 6.762   13.044  2.582   1.00 56.62  ? 104 LYS A CG    1 
ATOM   1238 C CD    . LYS C 3 104 ? 6.185   14.431  2.876   1.00 56.75  ? 104 LYS A CD    1 
ATOM   1239 C CE    . LYS C 3 104 ? 7.238   15.400  3.410   1.00 57.37  ? 104 LYS A CE    1 
ATOM   1240 N NZ    . LYS C 3 104 ? 7.719   15.039  4.775   1.00 57.99  ? 104 LYS A NZ    1 
ATOM   1241 N N     . VAL C 3 105 ? 8.900   10.798  5.088   1.00 56.75  ? 105 VAL A N     1 
ATOM   1242 C CA    . VAL C 3 105 ? 10.271  10.868  5.595   1.00 56.90  ? 105 VAL A CA    1 
ATOM   1243 C C     . VAL C 3 105 ? 11.163  9.810   4.944   1.00 56.90  ? 105 VAL A C     1 
ATOM   1244 O O     . VAL C 3 105 ? 12.262  10.126  4.488   1.00 56.94  ? 105 VAL A O     1 
ATOM   1245 C CB    . VAL C 3 105 ? 10.313  10.780  7.150   1.00 56.96  ? 105 VAL A CB    1 
ATOM   1246 C CG1   . VAL C 3 105 ? 11.669  10.267  7.657   1.00 57.04  ? 105 VAL A CG1   1 
ATOM   1247 C CG2   . VAL C 3 105 ? 9.983   12.141  7.762   1.00 57.03  ? 105 VAL A CG2   1 
ATOM   1248 N N     . GLU C 3 106 ? 10.676  8.572   4.878   1.00 56.83  ? 106 GLU A N     1 
ATOM   1249 C CA    . GLU C 3 106 ? 11.411  7.512   4.206   1.00 56.85  ? 106 GLU A CA    1 
ATOM   1250 C C     . GLU C 3 106 ? 11.487  7.698   2.695   1.00 56.72  ? 106 GLU A C     1 
ATOM   1251 O O     . GLU C 3 106 ? 12.516  7.403   2.103   1.00 56.98  ? 106 GLU A O     1 
ATOM   1252 C CB    . GLU C 3 106 ? 10.837  6.146   4.536   1.00 56.88  ? 106 GLU A CB    1 
ATOM   1253 C CG    . GLU C 3 106 ? 11.384  5.559   5.807   1.00 57.66  ? 106 GLU A CG    1 
ATOM   1254 C CD    . GLU C 3 106 ? 10.827  4.180   6.077   1.00 59.09  ? 106 GLU A CD    1 
ATOM   1255 O OE1   . GLU C 3 106 ? 10.207  3.996   7.148   1.00 59.75  ? 106 GLU A OE1   1 
ATOM   1256 O OE2   . GLU C 3 106 ? 10.991  3.285   5.213   1.00 59.57  ? 106 GLU A OE2   1 
ATOM   1257 N N     . LEU C 3 107 ? 10.417  8.182   2.070   1.00 56.49  ? 107 LEU A N     1 
ATOM   1258 C CA    . LEU C 3 107 ? 10.454  8.447   0.627   1.00 56.34  ? 107 LEU A CA    1 
ATOM   1259 C C     . LEU C 3 107 ? 11.360  9.639   0.301   1.00 56.19  ? 107 LEU A C     1 
ATOM   1260 O O     . LEU C 3 107 ? 12.005  9.669   -0.746  1.00 56.10  ? 107 LEU A O     1 
ATOM   1261 C CB    . LEU C 3 107 ? 9.049   8.667   0.052   1.00 56.43  ? 107 LEU A CB    1 
ATOM   1262 C CG    . LEU C 3 107 ? 8.004   7.540   0.032   1.00 56.57  ? 107 LEU A CG    1 
ATOM   1263 C CD1   . LEU C 3 107 ? 6.693   8.070   -0.527  1.00 56.78  ? 107 LEU A CD1   1 
ATOM   1264 C CD2   . LEU C 3 107 ? 8.452   6.315   -0.756  1.00 56.21  ? 107 LEU A CD2   1 
ATOM   1265 N N     . ASP C 3 108 ? 11.400  10.615  1.207   1.00 56.06  ? 108 ASP A N     1 
ATOM   1266 C CA    . ASP C 3 108 ? 12.294  11.767  1.083   1.00 55.92  ? 108 ASP A CA    1 
ATOM   1267 C C     . ASP C 3 108 ? 13.749  11.351  1.297   1.00 55.49  ? 108 ASP A C     1 
ATOM   1268 O O     . ASP C 3 108 ? 14.638  11.807  0.581   1.00 55.51  ? 108 ASP A O     1 
ATOM   1269 C CB    . ASP C 3 108 ? 11.910  12.875  2.079   1.00 56.21  ? 108 ASP A CB    1 
ATOM   1270 C CG    . ASP C 3 108 ? 10.833  13.826  1.537   1.00 57.05  ? 108 ASP A CG    1 
ATOM   1271 O OD1   . ASP C 3 108 ? 10.517  13.777  0.325   1.00 58.06  ? 108 ASP A OD1   1 
ATOM   1272 O OD2   . ASP C 3 108 ? 10.312  14.645  2.332   1.00 57.81  ? 108 ASP A OD2   1 
ATOM   1273 N N     . ARG C 3 109 ? 13.974  10.487  2.287   1.00 54.91  ? 109 ARG A N     1 
ATOM   1274 C CA    . ARG C 3 109 ? 15.303  9.964   2.591   1.00 54.31  ? 109 ARG A CA    1 
ATOM   1275 C C     . ARG C 3 109 ? 15.780  9.042   1.476   1.00 53.80  ? 109 ARG A C     1 
ATOM   1276 O O     . ARG C 3 109 ? 16.928  9.119   1.054   1.00 53.81  ? 109 ARG A O     1 
ATOM   1277 C CB    . ARG C 3 109 ? 15.291  9.222   3.934   1.00 54.40  ? 109 ARG A CB    1 
ATOM   1278 C CG    . ARG C 3 109 ? 16.656  9.021   4.575   1.00 54.70  ? 109 ARG A CG    1 
ATOM   1279 C CD    . ARG C 3 109 ? 17.298  7.705   4.150   1.00 55.79  ? 109 ARG A CD    1 
ATOM   1280 N NE    . ARG C 3 109 ? 17.212  6.665   5.175   1.00 56.74  ? 109 ARG A NE    1 
ATOM   1281 C CZ    . ARG C 3 109 ? 16.236  5.763   5.270   1.00 57.41  ? 109 ARG A CZ    1 
ATOM   1282 N NH1   . ARG C 3 109 ? 15.227  5.756   4.402   1.00 57.62  ? 109 ARG A NH1   1 
ATOM   1283 N NH2   . ARG C 3 109 ? 16.269  4.864   6.247   1.00 57.71  ? 109 ARG A NH2   1 
ATOM   1284 N N     . SER C 3 110 ? 14.888  8.182   0.995   1.00 53.26  ? 110 SER A N     1 
ATOM   1285 C CA    . SER C 3 110 ? 15.224  7.229   -0.061  1.00 52.83  ? 110 SER A CA    1 
ATOM   1286 C C     . SER C 3 110 ? 15.455  7.880   -1.427  1.00 52.53  ? 110 SER A C     1 
ATOM   1287 O O     . SER C 3 110 ? 16.118  7.293   -2.288  1.00 52.66  ? 110 SER A O     1 
ATOM   1288 C CB    . SER C 3 110 ? 14.161  6.129   -0.168  1.00 52.88  ? 110 SER A CB    1 
ATOM   1289 O OG    . SER C 3 110 ? 14.280  5.195   0.896   1.00 52.75  ? 110 SER A OG    1 
ATOM   1290 N N     . LYS C 3 111 ? 14.917  9.081   -1.630  1.00 51.98  ? 111 LYS A N     1 
ATOM   1291 C CA    . LYS C 3 111 ? 15.152  9.813   -2.875  1.00 51.41  ? 111 LYS A CA    1 
ATOM   1292 C C     . LYS C 3 111 ? 16.603  10.288  -2.929  1.00 51.07  ? 111 LYS A C     1 
ATOM   1293 O O     . LYS C 3 111 ? 17.313  10.045  -3.909  1.00 51.00  ? 111 LYS A O     1 
ATOM   1294 C CB    . LYS C 3 111 ? 14.195  11.001  -3.011  1.00 51.35  ? 111 LYS A CB    1 
ATOM   1295 C CG    . LYS C 3 111 ? 14.099  11.552  -4.428  1.00 51.09  ? 111 LYS A CG    1 
ATOM   1296 C CD    . LYS C 3 111 ? 13.502  12.951  -4.447  1.00 51.16  ? 111 LYS A CD    1 
ATOM   1297 C CE    . LYS C 3 111 ? 13.230  13.424  -5.874  1.00 51.17  ? 111 LYS A CE    1 
ATOM   1298 N NZ    . LYS C 3 111 ? 12.659  14.803  -5.931  1.00 51.02  ? 111 LYS A NZ    1 
ATOM   1299 N N     . LYS C 3 112 ? 17.030  10.946  -1.854  1.00 50.64  ? 112 LYS A N     1 
ATOM   1300 C CA    . LYS C 3 112 ? 18.382  11.465  -1.719  1.00 50.23  ? 112 LYS A CA    1 
ATOM   1301 C C     . LYS C 3 112 ? 19.404  10.465  -2.221  1.00 49.89  ? 112 LYS A C     1 
ATOM   1302 O O     . LYS C 3 112 ? 20.276  10.813  -3.011  1.00 49.91  ? 112 LYS A O     1 
ATOM   1303 C CB    . LYS C 3 112 ? 18.674  11.817  -0.260  1.00 50.31  ? 112 LYS A CB    1 
ATOM   1304 C CG    . LYS C 3 112 ? 17.943  13.055  0.239   1.00 50.72  ? 112 LYS A CG    1 
ATOM   1305 C CD    . LYS C 3 112 ? 18.368  13.419  1.655   1.00 51.25  ? 112 LYS A CD    1 
ATOM   1306 C CE    . LYS C 3 112 ? 17.776  14.752  2.091   1.00 51.19  ? 112 LYS A CE    1 
ATOM   1307 N NZ    . LYS C 3 112 ? 18.509  15.314  3.258   1.00 51.12  ? 112 LYS A NZ    1 
ATOM   1308 N N     . LEU C 3 113 ? 19.274  9.222   -1.771  1.00 49.49  ? 113 LEU A N     1 
ATOM   1309 C CA    . LEU C 3 113 ? 20.184  8.154   -2.164  1.00 49.20  ? 113 LEU A CA    1 
ATOM   1310 C C     . LEU C 3 113 ? 20.251  8.004   -3.677  1.00 48.97  ? 113 LEU A C     1 
ATOM   1311 O O     . LEU C 3 113 ? 21.298  8.229   -4.275  1.00 49.04  ? 113 LEU A O     1 
ATOM   1312 C CB    . LEU C 3 113 ? 19.786  6.828   -1.514  1.00 49.20  ? 113 LEU A CB    1 
ATOM   1313 C CG    . LEU C 3 113 ? 19.574  6.801   0.003   1.00 49.37  ? 113 LEU A CG    1 
ATOM   1314 C CD1   . LEU C 3 113 ? 19.189  5.407   0.457   1.00 49.43  ? 113 LEU A CD1   1 
ATOM   1315 C CD2   . LEU C 3 113 ? 20.806  7.271   0.758   1.00 49.76  ? 113 LEU A CD2   1 
ATOM   1316 N N     . ILE C 3 114 ? 19.124  7.646   -4.299  1.00 20.00  ? 114 ILE A N     1 
ATOM   1317 C CA    . ILE C 3 114 ? 19.064  7.467   -5.744  1.00 20.00  ? 114 ILE A CA    1 
ATOM   1318 C C     . ILE C 3 114 ? 19.643  8.673   -6.476  1.00 20.00  ? 114 ILE A C     1 
ATOM   1319 O O     . ILE C 3 114 ? 20.250  8.543   -7.540  1.00 48.21  ? 114 ILE A O     1 
ATOM   1320 C CB    . ILE C 3 114 ? 17.612  7.220   -6.197  1.00 20.00  ? 114 ILE A CB    1 
ATOM   1321 C CG1   . ILE C 3 114 ? 17.565  6.924   -7.698  1.00 20.00  ? 114 ILE A CG1   1 
ATOM   1322 C CG2   . ILE C 3 114 ? 16.738  8.418   -5.857  1.00 20.00  ? 114 ILE A CG2   1 
ATOM   1323 C CD1   . ILE C 3 114 ? 16.211  6.461   -8.186  1.00 20.00  ? 114 ILE A CD1   1 
ATOM   1324 N N     . GLU C 3 115 ? 19.484  9.865   -5.890  1.00 48.10  ? 115 GLU A N     1 
ATOM   1325 C CA    . GLU C 3 115 ? 20.135  11.065  -6.398  1.00 48.17  ? 115 GLU A CA    1 
ATOM   1326 C C     . GLU C 3 115 ? 21.636  11.005  -6.137  1.00 47.88  ? 115 GLU A C     1 
ATOM   1327 O O     . GLU C 3 115 ? 22.433  11.106  -7.072  1.00 47.92  ? 115 GLU A O     1 
ATOM   1328 C CB    . GLU C 3 115 ? 19.538  12.322  -5.764  1.00 48.13  ? 115 GLU A CB    1 
ATOM   1329 C CG    . GLU C 3 115 ? 18.217  12.772  -6.376  1.00 48.55  ? 115 GLU A CG    1 
ATOM   1330 C CD    . GLU C 3 115 ? 17.647  14.015  -5.702  1.00 48.82  ? 115 GLU A CD    1 
ATOM   1331 O OE1   . GLU C 3 115 ? 17.620  14.050  -4.445  1.00 50.08  ? 115 GLU A OE1   1 
ATOM   1332 O OE2   . GLU C 3 115 ? 17.219  14.955  -6.424  1.00 49.33  ? 115 GLU A OE2   1 
ATOM   1333 N N     . LYS C 3 116 ? 22.008  10.832  -4.868  1.00 47.59  ? 116 LYS A N     1 
ATOM   1334 C CA    . LYS C 3 116 ? 23.410  10.756  -4.448  1.00 47.22  ? 116 LYS A CA    1 
ATOM   1335 C C     . LYS C 3 116 ? 24.173  9.774   -5.323  1.00 46.96  ? 116 LYS A C     1 
ATOM   1336 O O     . LYS C 3 116 ? 25.213  10.111  -5.879  1.00 46.96  ? 116 LYS A O     1 
ATOM   1337 C CB    . LYS C 3 116 ? 23.516  10.354  -2.969  1.00 47.16  ? 116 LYS A CB    1 
ATOM   1338 C CG    . LYS C 3 116 ? 24.932  10.363  -2.392  1.00 47.04  ? 116 LYS A CG    1 
ATOM   1339 C CD    . LYS C 3 116 ? 25.423  11.784  -2.142  1.00 47.43  ? 116 LYS A CD    1 
ATOM   1340 C CE    . LYS C 3 116 ? 26.770  11.803  -1.434  1.00 47.43  ? 116 LYS A CE    1 
ATOM   1341 N NZ    . LYS C 3 116 ? 27.301  13.190  -1.279  1.00 47.31  ? 116 LYS A NZ    1 
ATOM   1342 N N     . ALA C 3 117 ? 23.634  8.566   -5.450  1.00 46.71  ? 117 ALA A N     1 
ATOM   1343 C CA    . ALA C 3 117 ? 24.205  7.547   -6.316  1.00 46.53  ? 117 ALA A CA    1 
ATOM   1344 C C     . ALA C 3 117 ? 24.324  8.099   -7.720  1.00 46.38  ? 117 ALA A C     1 
ATOM   1345 O O     . ALA C 3 117 ? 25.426  8.249   -8.243  1.00 46.41  ? 117 ALA A O     1 
ATOM   1346 C CB    . ALA C 3 117 ? 23.339  6.300   -6.313  1.00 46.55  ? 117 ALA A CB    1 
ATOM   1347 N N     . LEU C 3 118 ? 23.180  8.439   -8.303  1.00 46.25  ? 118 LEU A N     1 
ATOM   1348 C CA    . LEU C 3 118 ? 23.105  8.925   -9.675  1.00 46.16  ? 118 LEU A CA    1 
ATOM   1349 C C     . LEU C 3 118 ? 24.044  10.117  -9.933  1.00 46.07  ? 118 LEU A C     1 
ATOM   1350 O O     . LEU C 3 118 ? 24.375  10.415  -11.082 1.00 45.99  ? 118 LEU A O     1 
ATOM   1351 C CB    . LEU C 3 118 ? 21.648  9.275   -10.013 1.00 46.20  ? 118 LEU A CB    1 
ATOM   1352 C CG    . LEU C 3 118 ? 21.022  9.041   -11.396 1.00 46.05  ? 118 LEU A CG    1 
ATOM   1353 C CD1   . LEU C 3 118 ? 21.421  7.714   -12.026 1.00 45.80  ? 118 LEU A CD1   1 
ATOM   1354 C CD2   . LEU C 3 118 ? 19.513  9.129   -11.270 1.00 46.01  ? 118 LEU A CD2   1 
ATOM   1355 N N     . SER C 3 119 ? 24.480  10.780  -8.864  1.00 45.98  ? 119 SER A N     1 
ATOM   1356 C CA    . SER C 3 119 ? 25.384  11.923  -8.982  1.00 45.99  ? 119 SER A CA    1 
ATOM   1357 C C     . SER C 3 119 ? 26.838  11.545  -8.741  1.00 45.87  ? 119 SER A C     1 
ATOM   1358 O O     . SER C 3 119 ? 27.710  11.876  -9.550  1.00 45.84  ? 119 SER A O     1 
ATOM   1359 C CB    . SER C 3 119 ? 24.979  13.044  -8.028  1.00 46.04  ? 119 SER A CB    1 
ATOM   1360 O OG    . SER C 3 119 ? 25.937  14.089  -8.068  1.00 46.37  ? 119 SER A OG    1 
ATOM   1361 N N     . ASP C 3 120 ? 27.090  10.873  -7.618  1.00 45.79  ? 120 ASP A N     1 
ATOM   1362 C CA    . ASP C 3 120 ? 28.421  10.390  -7.264  1.00 45.70  ? 120 ASP A CA    1 
ATOM   1363 C C     . ASP C 3 120 ? 29.015  9.572   -8.398  1.00 45.87  ? 120 ASP A C     1 
ATOM   1364 O O     . ASP C 3 120 ? 30.120  9.849   -8.873  1.00 46.01  ? 120 ASP A O     1 
ATOM   1365 C CB    . ASP C 3 120 ? 28.363  9.524   -5.998  1.00 45.52  ? 120 ASP A CB    1 
ATOM   1366 C CG    . ASP C 3 120 ? 28.225  10.339  -4.728  1.00 45.10  ? 120 ASP A CG    1 
ATOM   1367 O OD1   . ASP C 3 120 ? 28.289  11.586  -4.794  1.00 44.72  ? 120 ASP A OD1   1 
ATOM   1368 O OD2   . ASP C 3 120 ? 28.058  9.723   -3.654  1.00 44.53  ? 120 ASP A OD2   1 
ATOM   1369 N N     . ASN C 3 121 ? 28.259  8.575   -8.840  1.00 45.96  ? 121 ASN A N     1 
ATOM   1370 C CA    . ASN C 3 121 ? 28.726  7.633   -9.835  1.00 46.14  ? 121 ASN A CA    1 
ATOM   1371 C C     . ASN C 3 121 ? 28.672  8.170   -11.261 1.00 46.23  ? 121 ASN A C     1 
ATOM   1372 O O     . ASN C 3 121 ? 29.299  7.605   -12.153 1.00 46.45  ? 121 ASN A O     1 
ATOM   1373 C CB    . ASN C 3 121 ? 27.929  6.335   -9.735  1.00 46.27  ? 121 ASN A CB    1 
ATOM   1374 C CG    . ASN C 3 121 ? 28.048  5.675   -8.367  1.00 46.83  ? 121 ASN A CG    1 
ATOM   1375 O OD1   . ASN C 3 121 ? 28.931  4.845   -8.139  1.00 47.36  ? 121 ASN A OD1   1 
ATOM   1376 N ND2   . ASN C 3 121 ? 27.139  6.025   -7.459  1.00 47.29  ? 121 ASN A ND2   1 
ATOM   1377 N N     . PHE C 3 122 ? 27.932  9.255   -11.481 1.00 46.29  ? 122 PHE A N     1 
ATOM   1378 C CA    . PHE C 3 122 ? 27.763  9.795   -12.832 1.00 46.34  ? 122 PHE A CA    1 
ATOM   1379 C C     . PHE C 3 122 ? 27.988  11.303  -12.883 1.00 46.31  ? 122 PHE A C     1 
ATOM   1380 O O     . PHE C 3 122 ? 29.075  11.792  -12.577 1.00 46.32  ? 122 PHE A O     1 
ATOM   1381 C CB    . PHE C 3 122 ? 26.371  9.450   -13.385 1.00 46.42  ? 122 PHE A CB    1 
ATOM   1382 C CG    . PHE C 3 122 ? 26.095  7.961   -13.506 1.00 46.45  ? 122 PHE A CG    1 
ATOM   1383 C CD1   . PHE C 3 122 ? 26.344  7.287   -14.700 1.00 46.50  ? 122 PHE A CD1   1 
ATOM   1384 C CD2   . PHE C 3 122 ? 25.560  7.243   -12.438 1.00 46.39  ? 122 PHE A CD2   1 
ATOM   1385 C CE1   . PHE C 3 122 ? 26.079  5.916   -14.822 1.00 46.29  ? 122 PHE A CE1   1 
ATOM   1386 C CE2   . PHE C 3 122 ? 25.296  5.870   -12.551 1.00 46.25  ? 122 PHE A CE2   1 
ATOM   1387 C CZ    . PHE C 3 122 ? 25.557  5.209   -13.743 1.00 46.06  ? 122 PHE A CZ    1 
ATOM   1388 O OXT   . PHE C 3 122 ? 27.086  12.064  -13.232 1.00 20.00  ? 122 PHE A OXT   1 
HETATM 1389 O O     . HOH D 4 .   ? -16.817 -18.270 1.076   1.00 103.35 ? 1   HOH D O     1 
HETATM 1390 O O     . HOH E 4 .   ? 2.218   -24.254 -0.531  1.00 86.56  ? 12  HOH E O     1 
HETATM 1391 O O     . HOH E 4 .   ? -14.317 -14.471 -3.551  1.00 109.16 ? 13  HOH E O     1 
HETATM 1392 O O     . HOH E 4 .   ? -16.017 -13.934 -11.679 1.00 87.58  ? 14  HOH E O     1 
HETATM 1393 O O     . HOH F 4 .   ? -3.774  2.890   -13.065 1.00 91.50  ? 123 HOH A O     1 
HETATM 1394 O O     . HOH F 4 .   ? -3.699  -5.977  -13.863 1.00 93.69  ? 124 HOH A O     1 
HETATM 1395 O O     . HOH F 4 .   ? 0.282   -13.322 -8.424  1.00 88.04  ? 125 HOH A O     1 
HETATM 1396 O O     . HOH F 4 .   ? 10.041  7.819   9.361   1.00 94.41  ? 126 HOH A O     1 
# 
